data_4TXS
#
_entry.id   4TXS
#
_cell.length_a   102.177
_cell.length_b   102.077
_cell.length_c   251.875
_cell.angle_alpha   90.00
_cell.angle_beta   90.00
_cell.angle_gamma   90.00
#
_symmetry.space_group_name_H-M   'P 21 21 21'
#
loop_
_entity.id
_entity.type
_entity.pdbx_description
1 polymer Polyprotein
2 non-polymer (4-hydroxyphenyl)acetonitrile
#
_entity_poly.entity_id   1
_entity_poly.type   'polypeptide(L)'
_entity_poly.pdbx_seq_one_letter_code
;SMSYTWTGALITPCAAEESKLPINALSNSLLRHHNMVYATTSRSAGLRQKKVTFDRLQVLDDHYRDVLKEMKAKASTVKA
KLLSVEEACKLTPPHSAKSKFGYGAKDVRNLSSKAVNHIHSVWKDLLEDTVTPIDTTIMAKNEVFCVQPEKGGRKPARLI
VFPDLGVRVCEKMALYDVVSTLPQVVMGSSYGFQYSPGQRVEFLVNTWKSKKNPMGFSYDTRCFDSTVTENDIRVEESIY
QCCDLAPEARQAIKSLTERLYIGGPLTNSKGQNCGYRRCRASGVLTTSCGNTLTCYLKASAACRAAKLQDCTMLVNGDDL
VVICESAGTQEDAASLRVFTEAMTRYSAPPGDPPQPEYDLELITSCSSNVSVAHDASGKRVYYLTRDPTTPLARAAWETA
RHTPVNSWLGNIIMYAPTLWARMILMTHFFSILLAQEQLEKALDCQIYGACYSIEPLDLPQIIERLHGLSAFSLHSYSPG
EINRVASCLRKLGVPPLRVWRHRARSVRARLLSQGGRAATCGKYLFNWAVKTKLKLTPIPAASQLDLSGWFVAGYSGGDI
YHSLSR
;
_entity_poly.pdbx_strand_id   A,B,C,D
#
loop_
_chem_comp.id
_chem_comp.type
_chem_comp.name
_chem_comp.formula
3AQ non-polymer (4-hydroxyphenyl)acetonitrile 'C8 H7 N O'
#
# COMPACT_ATOMS: atom_id res chain seq x y z
N SER A 1 1.70 -30.31 24.10
CA SER A 1 0.27 -29.90 23.98
C SER A 1 -0.59 -31.12 23.84
N MET A 2 -1.90 -30.92 23.83
CA MET A 2 -2.83 -32.03 23.65
C MET A 2 -3.01 -32.34 22.18
N SER A 3 -2.98 -33.63 21.83
CA SER A 3 -3.14 -34.03 20.44
C SER A 3 -4.45 -33.47 19.86
N TYR A 4 -5.56 -33.57 20.60
CA TYR A 4 -6.79 -32.87 20.20
C TYR A 4 -7.56 -32.33 21.39
N THR A 5 -8.17 -31.15 21.29
CA THR A 5 -9.24 -30.77 22.23
C THR A 5 -10.62 -30.81 21.54
N TRP A 6 -11.62 -31.22 22.30
CA TRP A 6 -12.93 -31.41 21.77
C TRP A 6 -13.94 -30.42 22.35
N THR A 7 -14.84 -29.96 21.49
CA THR A 7 -15.90 -29.08 21.93
C THR A 7 -17.02 -29.89 22.53
N GLY A 8 -17.29 -31.08 21.99
CA GLY A 8 -18.50 -31.87 22.33
C GLY A 8 -19.44 -32.11 21.14
N ALA A 9 -19.45 -31.20 20.18
CA ALA A 9 -20.12 -31.46 18.92
C ALA A 9 -19.66 -32.83 18.34
N LEU A 10 -20.61 -33.63 17.89
CA LEU A 10 -20.32 -34.97 17.43
C LEU A 10 -19.64 -34.98 16.06
N ILE A 11 -18.82 -35.99 15.80
CA ILE A 11 -18.35 -36.23 14.42
C ILE A 11 -19.50 -36.88 13.64
N THR A 12 -19.97 -36.21 12.58
CA THR A 12 -21.24 -36.51 11.93
C THR A 12 -21.07 -37.08 10.52
N PRO A 13 -21.95 -38.04 10.14
CA PRO A 13 -21.88 -38.66 8.82
C PRO A 13 -22.40 -37.75 7.72
N CYS A 14 -21.99 -38.02 6.49
CA CYS A 14 -22.43 -37.24 5.32
C CYS A 14 -23.79 -37.74 4.82
N ALA A 15 -23.88 -39.06 4.73
CA ALA A 15 -25.08 -39.75 4.31
C ALA A 15 -25.27 -40.99 5.19
N ALA A 16 -26.23 -41.83 4.82
CA ALA A 16 -26.51 -43.09 5.54
C ALA A 16 -25.29 -44.02 5.45
N GLU A 17 -24.81 -44.51 6.60
CA GLU A 17 -23.66 -45.43 6.68
C GLU A 17 -24.08 -46.87 7.00
N GLU A 18 -23.66 -47.83 6.17
CA GLU A 18 -23.96 -49.23 6.43
C GLU A 18 -22.87 -49.83 7.26
N SER A 19 -23.24 -50.63 8.25
CA SER A 19 -22.29 -51.31 9.11
C SER A 19 -22.34 -52.82 8.87
N LYS A 20 -23.18 -53.26 7.93
CA LYS A 20 -23.36 -54.70 7.68
C LYS A 20 -23.58 -55.03 6.20
N LEU A 21 -23.25 -56.27 5.82
CA LEU A 21 -23.68 -56.81 4.53
C LEU A 21 -25.22 -56.84 4.50
N PRO A 22 -25.82 -56.89 3.29
CA PRO A 22 -27.21 -57.36 3.17
C PRO A 22 -27.33 -58.89 3.33
N ASN A 28 -22.70 -63.93 -1.40
CA ASN A 28 -22.86 -65.08 -0.50
C ASN A 28 -22.23 -66.37 -1.03
N SER A 29 -21.94 -66.43 -2.35
CA SER A 29 -21.14 -67.54 -2.92
C SER A 29 -19.68 -67.44 -2.44
N LEU A 30 -19.33 -66.24 -1.94
CA LEU A 30 -18.01 -65.99 -1.38
C LEU A 30 -17.92 -66.43 0.06
N LEU A 31 -18.76 -65.87 0.94
CA LEU A 31 -18.74 -66.31 2.33
C LEU A 31 -20.11 -66.36 2.99
N ARG A 32 -20.34 -67.40 3.77
CA ARG A 32 -21.62 -67.62 4.44
C ARG A 32 -21.70 -66.83 5.75
N HIS A 33 -20.64 -66.76 6.52
CA HIS A 33 -20.69 -66.02 7.78
C HIS A 33 -20.77 -64.49 7.56
N HIS A 34 -21.78 -64.04 6.82
CA HIS A 34 -22.09 -62.61 6.66
C HIS A 34 -22.08 -61.77 7.97
N ASN A 35 -22.42 -62.35 9.13
CA ASN A 35 -22.47 -61.57 10.40
C ASN A 35 -21.09 -61.21 10.96
N MET A 36 -20.04 -61.79 10.38
CA MET A 36 -18.63 -61.55 10.82
C MET A 36 -17.98 -60.33 10.19
N VAL A 37 -18.62 -59.81 9.14
CA VAL A 37 -18.10 -58.66 8.41
C VAL A 37 -18.83 -57.37 8.78
N TYR A 38 -18.07 -56.38 9.23
CA TYR A 38 -18.63 -55.07 9.59
C TYR A 38 -17.87 -53.96 8.92
N ALA A 39 -18.56 -52.84 8.73
CA ALA A 39 -17.92 -51.56 8.49
C ALA A 39 -17.99 -50.69 9.75
N THR A 40 -16.94 -49.90 9.95
CA THR A 40 -16.88 -48.91 10.99
C THR A 40 -17.76 -47.69 10.59
N THR A 41 -18.31 -47.01 11.60
CA THR A 41 -19.14 -45.80 11.40
C THR A 41 -18.85 -44.75 12.45
N SER A 42 -19.47 -43.57 12.28
CA SER A 42 -19.36 -42.47 13.26
C SER A 42 -19.90 -42.81 14.68
N ARG A 43 -20.67 -43.90 14.76
CA ARG A 43 -21.17 -44.43 16.03
C ARG A 43 -20.03 -44.91 16.90
N SER A 44 -18.89 -45.25 16.30
CA SER A 44 -17.69 -45.61 17.08
C SER A 44 -16.68 -44.45 17.25
N ALA A 45 -17.09 -43.23 16.88
CA ALA A 45 -16.16 -42.12 16.78
C ALA A 45 -15.65 -41.75 18.14
N GLY A 46 -16.57 -41.65 19.09
CA GLY A 46 -16.22 -41.32 20.47
C GLY A 46 -15.12 -42.18 21.05
N LEU A 47 -15.16 -43.48 20.73
CA LEU A 47 -14.17 -44.46 21.20
C LEU A 47 -12.79 -44.23 20.60
N ARG A 48 -12.77 -43.95 19.30
CA ARG A 48 -11.54 -43.64 18.61
C ARG A 48 -11.01 -42.34 19.15
N GLN A 49 -11.94 -41.41 19.41
CA GLN A 49 -11.58 -40.11 20.00
C GLN A 49 -10.87 -40.27 21.33
N LYS A 50 -11.28 -41.22 22.17
CA LYS A 50 -10.58 -41.48 23.44
C LYS A 50 -9.17 -41.99 23.17
N LYS A 51 -9.07 -42.95 22.27
CA LYS A 51 -7.78 -43.59 21.96
C LYS A 51 -6.76 -42.56 21.46
N VAL A 52 -7.18 -41.59 20.66
CA VAL A 52 -6.25 -40.70 19.95
C VAL A 52 -6.00 -39.35 20.62
N THR A 53 -6.27 -39.23 21.91
CA THR A 53 -6.11 -37.91 22.55
C THR A 53 -5.49 -38.01 23.92
N PHE A 54 -4.37 -37.32 24.03
CA PHE A 54 -3.53 -37.33 25.20
C PHE A 54 -2.46 -36.26 25.02
N ASP A 55 -1.71 -36.06 26.10
CA ASP A 55 -0.69 -35.04 26.10
C ASP A 55 0.60 -35.68 25.63
N ARG A 56 1.33 -35.02 24.74
CA ARG A 56 2.56 -35.58 24.24
C ARG A 56 3.79 -35.01 24.98
N LEU A 57 4.56 -35.87 25.65
CA LEU A 57 5.81 -35.45 26.32
C LEU A 57 7.02 -35.95 25.50
N GLN A 58 7.62 -35.04 24.73
CA GLN A 58 8.72 -35.41 23.82
C GLN A 58 10.08 -34.93 24.37
N VAL A 59 11.07 -35.83 24.39
CA VAL A 59 12.41 -35.44 24.81
C VAL A 59 13.46 -35.98 23.85
N LEU A 60 13.99 -35.04 23.06
CA LEU A 60 15.04 -35.33 22.09
C LEU A 60 16.35 -35.65 22.82
N ASP A 61 17.36 -36.05 22.05
CA ASP A 61 18.69 -36.43 22.57
C ASP A 61 19.69 -36.34 21.44
N ASP A 62 20.93 -36.73 21.68
CA ASP A 62 21.99 -36.50 20.71
C ASP A 62 21.82 -37.32 19.43
N HIS A 63 21.26 -38.52 19.61
CA HIS A 63 21.02 -39.44 18.50
C HIS A 63 19.98 -38.84 17.55
N TYR A 64 18.92 -38.26 18.11
CA TYR A 64 17.92 -37.56 17.30
C TYR A 64 18.59 -36.47 16.42
N ARG A 65 19.54 -35.72 17.00
CA ARG A 65 20.13 -34.56 16.30
C ARG A 65 21.15 -35.00 15.25
N ASP A 66 21.87 -36.10 15.50
CA ASP A 66 22.87 -36.57 14.54
C ASP A 66 22.15 -37.11 13.31
N VAL A 67 21.08 -37.88 13.54
CA VAL A 67 20.29 -38.42 12.43
C VAL A 67 19.66 -37.30 11.60
N LEU A 68 19.14 -36.27 12.27
CA LEU A 68 18.51 -35.12 11.61
C LEU A 68 19.49 -34.39 10.71
N LYS A 69 20.65 -34.08 11.28
CA LYS A 69 21.72 -33.39 10.58
C LYS A 69 22.16 -34.18 9.34
N GLU A 70 22.23 -35.51 9.48
CA GLU A 70 22.46 -36.46 8.35
C GLU A 70 21.35 -36.42 7.31
N MET A 71 20.10 -36.43 7.79
CA MET A 71 18.94 -36.29 6.90
C MET A 71 18.98 -34.95 6.17
N LYS A 72 19.37 -33.88 6.86
CA LYS A 72 19.40 -32.55 6.23
C LYS A 72 20.47 -32.48 5.16
N ALA A 73 21.60 -33.12 5.41
CA ALA A 73 22.69 -33.14 4.44
C ALA A 73 22.22 -33.76 3.14
N LYS A 74 21.53 -34.89 3.22
CA LYS A 74 21.01 -35.54 1.99
C LYS A 74 19.95 -34.68 1.31
N ALA A 75 19.04 -34.11 2.12
CA ALA A 75 17.96 -33.33 1.58
C ALA A 75 18.47 -32.13 0.79
N SER A 76 19.62 -31.56 1.19
CA SER A 76 20.18 -30.38 0.51
C SER A 76 20.64 -30.60 -0.93
N THR A 77 20.75 -31.86 -1.37
CA THR A 77 21.09 -32.19 -2.76
C THR A 77 19.85 -32.31 -3.67
N VAL A 78 18.65 -32.15 -3.10
CA VAL A 78 17.42 -32.21 -3.87
C VAL A 78 17.04 -30.85 -4.40
N LYS A 79 16.76 -30.80 -5.69
CA LYS A 79 16.18 -29.64 -6.31
C LYS A 79 14.76 -29.99 -6.77
N ALA A 80 13.80 -29.12 -6.44
CA ALA A 80 12.41 -29.36 -6.77
C ALA A 80 11.61 -28.09 -7.21
N LYS A 81 10.69 -28.31 -8.14
CA LYS A 81 10.04 -27.23 -8.84
C LYS A 81 8.62 -27.01 -8.31
N LEU A 82 8.16 -25.78 -8.44
CA LEU A 82 6.79 -25.43 -8.16
C LEU A 82 5.93 -26.09 -9.21
N LEU A 83 4.73 -26.53 -8.85
CA LEU A 83 3.81 -27.06 -9.87
C LEU A 83 2.85 -25.96 -10.36
N SER A 84 2.47 -26.04 -11.64
CA SER A 84 1.51 -25.08 -12.15
C SER A 84 0.10 -25.49 -11.71
N VAL A 85 -0.81 -24.52 -11.76
CA VAL A 85 -2.22 -24.78 -11.60
C VAL A 85 -2.69 -25.94 -12.49
N GLU A 86 -2.32 -25.95 -13.77
CA GLU A 86 -2.85 -26.96 -14.69
C GLU A 86 -2.31 -28.39 -14.38
N GLU A 87 -1.05 -28.50 -13.97
CA GLU A 87 -0.47 -29.80 -13.56
C GLU A 87 -1.13 -30.31 -12.27
N ALA A 88 -1.42 -29.39 -11.35
CA ALA A 88 -2.00 -29.72 -10.04
C ALA A 88 -3.46 -30.14 -10.20
N CYS A 89 -4.22 -29.34 -10.92
CA CYS A 89 -5.56 -29.69 -11.41
C CYS A 89 -5.70 -31.11 -11.97
N LYS A 90 -4.79 -31.50 -12.87
CA LYS A 90 -4.85 -32.81 -13.53
C LYS A 90 -4.62 -33.98 -12.56
N LEU A 91 -4.00 -33.69 -11.40
CA LEU A 91 -3.67 -34.71 -10.39
C LEU A 91 -4.83 -34.97 -9.44
N THR A 92 -5.82 -34.09 -9.47
CA THR A 92 -7.00 -34.20 -8.61
C THR A 92 -7.95 -35.34 -9.08
N PRO A 93 -8.22 -36.31 -8.21
CA PRO A 93 -9.11 -37.39 -8.66
C PRO A 93 -10.51 -36.89 -9.10
N PRO A 94 -11.18 -37.59 -10.05
CA PRO A 94 -12.47 -37.05 -10.51
C PRO A 94 -13.55 -36.89 -9.41
N HIS A 95 -13.52 -37.75 -8.37
CA HIS A 95 -14.55 -37.77 -7.32
C HIS A 95 -14.09 -37.27 -5.94
N SER A 96 -12.93 -36.61 -5.92
CA SER A 96 -12.47 -35.81 -4.77
C SER A 96 -13.59 -34.95 -4.23
N ALA A 97 -13.62 -34.68 -2.94
CA ALA A 97 -14.67 -33.83 -2.37
C ALA A 97 -14.65 -32.42 -2.96
N LYS A 98 -15.82 -31.99 -3.41
CA LYS A 98 -16.03 -30.65 -3.96
C LYS A 98 -15.66 -29.52 -3.00
N SER A 99 -15.33 -28.37 -3.55
CA SER A 99 -15.11 -27.18 -2.74
C SER A 99 -16.43 -26.64 -2.16
N LYS A 100 -16.31 -25.95 -1.02
CA LYS A 100 -17.42 -25.22 -0.41
C LYS A 100 -17.55 -23.80 -0.97
N PHE A 101 -16.64 -23.42 -1.87
CA PHE A 101 -16.65 -22.15 -2.56
C PHE A 101 -17.12 -22.26 -4.04
N GLY A 102 -18.12 -23.10 -4.30
CA GLY A 102 -18.86 -23.13 -5.58
C GLY A 102 -18.33 -23.95 -6.76
N TYR A 103 -17.56 -25.01 -6.48
CA TYR A 103 -17.01 -25.87 -7.54
C TYR A 103 -16.53 -27.21 -7.03
N GLY A 104 -16.43 -28.16 -7.96
CA GLY A 104 -16.05 -29.53 -7.61
C GLY A 104 -14.84 -29.96 -8.40
N ALA A 105 -14.35 -31.16 -8.11
CA ALA A 105 -13.18 -31.75 -8.79
C ALA A 105 -13.27 -31.72 -10.32
N LYS A 106 -14.49 -31.82 -10.84
CA LYS A 106 -14.74 -31.88 -12.27
C LYS A 106 -14.38 -30.53 -12.88
N ASP A 107 -14.88 -29.47 -12.26
CA ASP A 107 -14.50 -28.10 -12.59
C ASP A 107 -12.98 -27.91 -12.48
N VAL A 108 -12.38 -28.41 -11.40
CA VAL A 108 -10.93 -28.33 -11.26
C VAL A 108 -10.25 -28.99 -12.48
N ARG A 109 -10.47 -30.29 -12.65
CA ARG A 109 -9.91 -31.05 -13.79
C ARG A 109 -10.11 -30.41 -15.17
N ASN A 110 -11.22 -29.73 -15.39
CA ASN A 110 -11.44 -29.02 -16.65
C ASN A 110 -10.87 -27.61 -16.71
N LEU A 111 -10.11 -27.18 -15.70
CA LEU A 111 -9.55 -25.83 -15.70
C LEU A 111 -10.63 -24.76 -15.81
N SER A 112 -11.76 -24.96 -15.14
CA SER A 112 -12.83 -23.96 -15.16
C SER A 112 -12.24 -22.76 -14.47
N SER A 113 -12.41 -21.59 -15.10
CA SER A 113 -11.82 -20.34 -14.62
C SER A 113 -12.30 -19.97 -13.26
N LYS A 114 -13.47 -20.47 -12.89
CA LYS A 114 -14.01 -20.23 -11.57
C LYS A 114 -13.19 -20.98 -10.52
N ALA A 115 -12.89 -22.26 -10.75
CA ALA A 115 -12.10 -23.02 -9.78
C ALA A 115 -10.72 -22.47 -9.72
N VAL A 116 -10.12 -22.26 -10.88
CA VAL A 116 -8.77 -21.79 -11.00
C VAL A 116 -8.61 -20.39 -10.39
N ASN A 117 -9.53 -19.48 -10.63
CA ASN A 117 -9.48 -18.18 -9.95
C ASN A 117 -9.46 -18.32 -8.42
N HIS A 118 -10.28 -19.23 -7.90
CA HIS A 118 -10.33 -19.43 -6.45
C HIS A 118 -9.02 -20.04 -5.95
N ILE A 119 -8.48 -20.98 -6.72
CA ILE A 119 -7.19 -21.57 -6.42
C ILE A 119 -6.11 -20.49 -6.32
N HIS A 120 -6.08 -19.58 -7.30
CA HIS A 120 -5.16 -18.40 -7.34
C HIS A 120 -5.24 -17.56 -6.08
N SER A 121 -6.49 -17.31 -5.66
CA SER A 121 -6.74 -16.41 -4.55
C SER A 121 -6.39 -17.11 -3.25
N VAL A 122 -6.62 -18.43 -3.19
CA VAL A 122 -6.16 -19.23 -2.02
C VAL A 122 -4.61 -19.32 -1.91
N TRP A 123 -3.89 -19.23 -3.03
CA TRP A 123 -2.42 -19.21 -3.07
C TRP A 123 -1.85 -17.88 -2.56
N LYS A 124 -2.41 -16.79 -3.10
CA LYS A 124 -2.06 -15.42 -2.70
C LYS A 124 -2.17 -15.30 -1.19
N ASP A 125 -3.26 -15.85 -0.65
CA ASP A 125 -3.56 -15.70 0.76
C ASP A 125 -2.48 -16.43 1.57
N LEU A 126 -2.10 -17.63 1.10
CA LEU A 126 -0.95 -18.32 1.68
C LEU A 126 0.31 -17.44 1.62
N LEU A 127 0.63 -16.89 0.46
CA LEU A 127 1.78 -16.01 0.33
C LEU A 127 1.73 -14.83 1.30
N GLU A 128 0.53 -14.36 1.63
CA GLU A 128 0.38 -13.12 2.42
C GLU A 128 0.26 -13.37 3.89
N ASP A 129 -0.30 -14.51 4.24
CA ASP A 129 -0.64 -14.85 5.61
C ASP A 129 -0.06 -16.24 5.95
N THR A 130 0.97 -16.26 6.79
CA THR A 130 1.64 -17.48 7.29
C THR A 130 1.14 -17.91 8.68
N VAL A 131 -0.04 -17.43 9.11
CA VAL A 131 -0.45 -17.47 10.53
C VAL A 131 -1.83 -18.08 10.77
N THR A 132 -2.89 -17.57 10.14
CA THR A 132 -4.25 -17.97 10.54
C THR A 132 -4.46 -19.42 10.28
N PRO A 133 -4.84 -20.18 11.32
CA PRO A 133 -5.10 -21.58 11.03
C PRO A 133 -6.11 -21.71 9.91
N ILE A 134 -5.94 -22.72 9.09
CA ILE A 134 -6.86 -23.01 8.00
C ILE A 134 -7.81 -24.13 8.39
N ASP A 135 -9.03 -24.04 7.87
CA ASP A 135 -10.09 -24.95 8.29
C ASP A 135 -9.88 -26.35 7.72
N THR A 136 -10.29 -27.36 8.52
CA THR A 136 -10.38 -28.77 8.07
C THR A 136 -11.76 -29.37 8.32
N THR A 137 -12.16 -30.34 7.51
CA THR A 137 -13.34 -31.09 7.83
C THR A 137 -12.82 -32.29 8.60
N ILE A 138 -13.63 -32.82 9.52
CA ILE A 138 -13.30 -34.06 10.25
C ILE A 138 -14.44 -35.07 10.07
N MET A 139 -14.06 -36.33 9.94
CA MET A 139 -14.97 -37.36 9.46
C MET A 139 -14.49 -38.73 9.96
N ALA A 140 -15.44 -39.63 10.20
CA ALA A 140 -15.15 -41.02 10.48
C ALA A 140 -15.15 -41.77 9.18
N LYS A 141 -14.02 -42.45 8.89
CA LYS A 141 -13.87 -43.35 7.73
C LYS A 141 -14.80 -44.56 7.78
N ASN A 142 -15.30 -44.99 6.62
CA ASN A 142 -15.98 -46.28 6.44
C ASN A 142 -15.00 -47.33 5.86
N GLU A 143 -14.52 -48.21 6.73
CA GLU A 143 -13.62 -49.29 6.37
C GLU A 143 -14.24 -50.63 6.78
N VAL A 144 -14.24 -51.60 5.86
CA VAL A 144 -14.67 -52.96 6.17
C VAL A 144 -13.55 -53.76 6.88
N PHE A 145 -13.93 -54.57 7.88
CA PHE A 145 -13.01 -55.50 8.56
C PHE A 145 -13.72 -56.83 8.79
N CYS A 146 -13.04 -57.78 9.45
CA CYS A 146 -13.71 -58.99 9.89
C CYS A 146 -13.64 -59.08 11.41
N VAL A 147 -14.67 -59.65 12.00
CA VAL A 147 -14.72 -59.89 13.43
C VAL A 147 -13.46 -60.62 13.88
N GLN A 148 -12.86 -60.11 14.95
CA GLN A 148 -11.85 -60.83 15.71
C GLN A 148 -10.60 -61.14 14.87
N ARG A 154 -13.09 -55.33 17.86
CA ARG A 154 -13.76 -54.53 16.85
C ARG A 154 -13.23 -53.11 16.80
N LYS A 155 -12.72 -52.70 15.63
CA LYS A 155 -12.05 -51.40 15.48
C LYS A 155 -13.07 -50.28 15.49
N PRO A 156 -12.75 -49.20 16.23
CA PRO A 156 -13.48 -47.97 16.00
C PRO A 156 -12.99 -47.34 14.72
N ALA A 157 -13.91 -46.74 13.98
CA ALA A 157 -13.54 -45.90 12.84
C ALA A 157 -12.28 -45.08 13.09
N ARG A 158 -11.42 -44.99 12.09
CA ARG A 158 -10.32 -44.02 12.09
C ARG A 158 -10.88 -42.63 11.74
N LEU A 159 -10.10 -41.60 12.08
CA LEU A 159 -10.53 -40.23 11.90
C LEU A 159 -9.82 -39.61 10.70
N ILE A 160 -10.56 -39.30 9.63
CA ILE A 160 -9.91 -38.63 8.50
C ILE A 160 -10.10 -37.14 8.74
N VAL A 161 -9.03 -36.37 8.50
CA VAL A 161 -9.03 -34.90 8.62
C VAL A 161 -8.41 -34.34 7.33
N PHE A 162 -9.03 -33.31 6.73
CA PHE A 162 -8.63 -32.74 5.42
C PHE A 162 -9.17 -31.32 5.13
N PRO A 163 -8.41 -30.53 4.36
CA PRO A 163 -8.89 -29.19 4.00
C PRO A 163 -9.77 -29.14 2.75
N ASP A 164 -10.18 -27.95 2.36
CA ASP A 164 -11.01 -27.74 1.22
C ASP A 164 -10.22 -28.04 -0.06
N LEU A 165 -10.92 -28.40 -1.13
CA LEU A 165 -10.28 -28.72 -2.40
C LEU A 165 -9.30 -27.63 -2.82
N GLY A 166 -9.69 -26.38 -2.60
CA GLY A 166 -8.89 -25.25 -3.03
C GLY A 166 -7.47 -25.34 -2.53
N VAL A 167 -7.37 -25.59 -1.24
CA VAL A 167 -6.11 -25.70 -0.57
C VAL A 167 -5.36 -26.95 -1.01
N ARG A 168 -6.07 -28.05 -1.21
CA ARG A 168 -5.46 -29.31 -1.70
C ARG A 168 -4.71 -29.07 -3.01
N VAL A 169 -5.35 -28.41 -3.96
CA VAL A 169 -4.69 -28.11 -5.21
C VAL A 169 -3.39 -27.32 -4.92
N CYS A 170 -3.47 -26.34 -4.03
CA CYS A 170 -2.28 -25.56 -3.66
C CYS A 170 -1.17 -26.40 -2.99
N GLU A 171 -1.56 -27.37 -2.17
CA GLU A 171 -0.59 -28.31 -1.63
C GLU A 171 0.16 -28.96 -2.78
N LYS A 172 -0.57 -29.51 -3.72
CA LYS A 172 0.05 -30.10 -4.88
C LYS A 172 1.06 -29.11 -5.50
N MET A 173 0.68 -27.84 -5.61
CA MET A 173 1.57 -26.86 -6.24
C MET A 173 2.87 -26.75 -5.42
N ALA A 174 2.77 -26.33 -4.16
CA ALA A 174 3.95 -26.17 -3.30
C ALA A 174 4.80 -27.43 -3.15
N LEU A 175 4.16 -28.59 -3.07
CA LEU A 175 4.81 -29.75 -2.47
C LEU A 175 4.70 -31.10 -3.20
N TYR A 176 4.05 -31.16 -4.35
CA TYR A 176 3.97 -32.44 -5.04
C TYR A 176 5.38 -32.90 -5.44
N ASP A 177 6.23 -31.98 -5.92
CA ASP A 177 7.54 -32.41 -6.40
C ASP A 177 8.37 -32.85 -5.22
N VAL A 178 8.23 -32.16 -4.09
CA VAL A 178 9.02 -32.47 -2.88
C VAL A 178 8.73 -33.86 -2.35
N VAL A 179 7.46 -34.18 -2.14
CA VAL A 179 7.06 -35.49 -1.58
C VAL A 179 7.24 -36.64 -2.58
N SER A 180 7.34 -36.35 -3.87
CA SER A 180 7.57 -37.38 -4.88
C SER A 180 9.04 -37.77 -5.08
N THR A 181 9.97 -37.01 -4.49
CA THR A 181 11.37 -37.01 -4.94
C THR A 181 12.36 -37.07 -3.80
N LEU A 182 12.11 -36.27 -2.77
CA LEU A 182 12.95 -36.16 -1.57
C LEU A 182 13.10 -37.45 -0.74
N PRO A 183 11.97 -38.02 -0.29
CA PRO A 183 12.05 -39.16 0.63
C PRO A 183 13.01 -40.27 0.16
N GLN A 184 12.96 -40.63 -1.12
CA GLN A 184 13.90 -41.61 -1.69
C GLN A 184 15.33 -41.15 -1.41
N VAL A 185 15.68 -39.92 -1.81
CA VAL A 185 17.02 -39.35 -1.62
C VAL A 185 17.39 -39.21 -0.15
N VAL A 186 16.49 -38.72 0.69
CA VAL A 186 16.88 -38.54 2.09
C VAL A 186 17.18 -39.89 2.72
N MET A 187 16.33 -40.89 2.40
CA MET A 187 16.26 -42.16 3.14
C MET A 187 16.82 -43.37 2.45
N GLY A 188 17.26 -43.23 1.20
CA GLY A 188 17.87 -44.34 0.49
C GLY A 188 16.98 -45.57 0.48
N SER A 189 17.58 -46.72 0.71
CA SER A 189 16.92 -47.98 0.52
C SER A 189 15.90 -48.27 1.63
N SER A 190 15.85 -47.40 2.64
CA SER A 190 14.87 -47.54 3.69
C SER A 190 13.45 -47.04 3.34
N TYR A 191 13.31 -46.31 2.25
CA TYR A 191 12.04 -45.75 1.80
C TYR A 191 11.16 -46.80 1.12
N GLY A 192 10.16 -47.30 1.82
CA GLY A 192 9.43 -48.47 1.34
C GLY A 192 8.72 -48.28 0.02
N PHE A 193 8.18 -47.08 -0.20
CA PHE A 193 7.27 -46.86 -1.31
C PHE A 193 7.98 -46.83 -2.64
N GLN A 194 9.31 -46.95 -2.65
CA GLN A 194 10.09 -47.13 -3.89
C GLN A 194 10.06 -48.56 -4.38
N TYR A 195 9.43 -49.49 -3.63
CA TYR A 195 9.50 -50.92 -3.99
C TYR A 195 8.18 -51.49 -4.43
N SER A 196 8.14 -52.07 -5.62
CA SER A 196 7.05 -52.93 -6.00
C SER A 196 7.08 -54.16 -5.05
N PRO A 197 6.03 -54.97 -5.05
CA PRO A 197 6.03 -56.10 -4.09
C PRO A 197 7.26 -57.01 -4.19
N GLY A 198 7.63 -57.38 -5.41
CA GLY A 198 8.79 -58.24 -5.68
C GLY A 198 10.11 -57.50 -5.49
N GLN A 199 10.15 -56.21 -5.79
CA GLN A 199 11.28 -55.43 -5.31
C GLN A 199 11.34 -55.47 -3.77
N ARG A 200 10.21 -55.50 -3.09
CA ARG A 200 10.20 -55.42 -1.62
C ARG A 200 10.66 -56.74 -0.99
N VAL A 201 10.28 -57.87 -1.58
CA VAL A 201 10.76 -59.16 -1.10
C VAL A 201 12.26 -59.34 -1.39
N GLU A 202 12.62 -59.04 -2.62
CA GLU A 202 13.99 -58.85 -3.05
C GLU A 202 14.83 -58.12 -2.02
N PHE A 203 14.44 -56.92 -1.61
CA PHE A 203 15.28 -56.21 -0.66
C PHE A 203 15.33 -56.88 0.72
N LEU A 204 14.17 -57.21 1.28
CA LEU A 204 14.10 -57.87 2.58
C LEU A 204 14.87 -59.17 2.61
N VAL A 205 14.72 -60.01 1.61
CA VAL A 205 15.40 -61.31 1.66
C VAL A 205 16.90 -61.11 1.59
N ASN A 206 17.33 -60.20 0.73
CA ASN A 206 18.76 -59.97 0.60
C ASN A 206 19.34 -59.30 1.86
N THR A 207 18.65 -58.32 2.46
CA THR A 207 19.22 -57.75 3.69
C THR A 207 19.21 -58.78 4.83
N TRP A 208 18.26 -59.73 4.79
CA TRP A 208 18.21 -60.80 5.77
C TRP A 208 19.41 -61.70 5.66
N LYS A 209 19.68 -62.19 4.45
CA LYS A 209 20.84 -63.06 4.17
C LYS A 209 22.17 -62.34 4.33
N SER A 210 22.16 -61.01 4.25
CA SER A 210 23.40 -60.21 4.37
C SER A 210 23.94 -60.18 5.80
N LYS A 211 23.10 -60.47 6.79
CA LYS A 211 23.56 -60.54 8.19
C LYS A 211 24.28 -61.87 8.53
N LYS A 212 25.24 -61.83 9.45
CA LYS A 212 25.91 -63.05 9.94
C LYS A 212 24.96 -63.91 10.76
N ASN A 213 24.27 -63.23 11.68
CA ASN A 213 23.34 -63.85 12.61
C ASN A 213 22.10 -62.93 12.76
N PRO A 214 21.10 -63.10 11.87
CA PRO A 214 20.06 -62.07 11.72
C PRO A 214 18.97 -62.08 12.78
N MET A 215 18.46 -60.89 13.08
CA MET A 215 17.30 -60.74 13.95
C MET A 215 16.47 -59.61 13.36
N GLY A 216 15.16 -59.77 13.33
CA GLY A 216 14.29 -58.70 12.87
C GLY A 216 13.12 -58.44 13.78
N PHE A 217 12.62 -57.19 13.78
CA PHE A 217 11.34 -56.84 14.45
C PHE A 217 10.55 -55.78 13.68
N SER A 218 9.23 -55.82 13.81
CA SER A 218 8.38 -54.72 13.44
C SER A 218 8.11 -53.95 14.72
N TYR A 219 7.70 -52.71 14.58
CA TYR A 219 7.42 -51.86 15.74
C TYR A 219 6.15 -51.14 15.40
N ASP A 220 5.08 -51.52 16.05
CA ASP A 220 3.82 -50.85 15.85
C ASP A 220 3.81 -49.65 16.77
N THR A 221 3.76 -48.45 16.20
CA THR A 221 3.54 -47.24 17.01
C THR A 221 2.04 -47.08 17.26
N ARG A 222 1.72 -46.74 18.49
CA ARG A 222 0.35 -46.60 18.93
C ARG A 222 -0.20 -45.27 18.39
N CYS A 223 -1.21 -45.34 17.51
CA CYS A 223 -1.87 -44.17 16.88
C CYS A 223 -0.92 -43.07 16.45
N PHE A 224 -0.15 -43.36 15.41
CA PHE A 224 1.02 -42.57 15.03
C PHE A 224 0.70 -41.08 14.86
N ASP A 225 -0.40 -40.81 14.16
CA ASP A 225 -0.79 -39.45 13.83
C ASP A 225 -0.94 -38.59 15.08
N SER A 226 -1.43 -39.19 16.17
CA SER A 226 -1.56 -38.52 17.45
C SER A 226 -0.23 -38.21 18.09
N THR A 227 0.77 -39.06 17.86
CA THR A 227 2.10 -38.95 18.50
C THR A 227 2.98 -37.91 17.81
N VAL A 228 2.70 -37.69 16.53
CA VAL A 228 3.43 -36.67 15.75
C VAL A 228 3.16 -35.27 16.30
N THR A 229 4.22 -34.68 16.88
CA THR A 229 4.09 -33.41 17.59
C THR A 229 4.19 -32.22 16.65
N GLU A 230 3.81 -31.05 17.15
CA GLU A 230 3.93 -29.85 16.34
C GLU A 230 5.41 -29.54 16.04
N ASN A 231 6.30 -29.84 17.01
CA ASN A 231 7.75 -29.80 16.73
C ASN A 231 8.10 -30.70 15.56
N ASP A 232 7.68 -31.97 15.63
CA ASP A 232 7.92 -32.93 14.55
C ASP A 232 7.60 -32.34 13.17
N ILE A 233 6.48 -31.67 13.05
CA ILE A 233 6.05 -31.15 11.76
C ILE A 233 6.90 -29.99 11.24
N ARG A 234 7.36 -29.13 12.14
CA ARG A 234 8.37 -28.12 11.76
C ARG A 234 9.73 -28.74 11.40
N VAL A 235 10.10 -29.85 12.06
CA VAL A 235 11.37 -30.52 11.74
C VAL A 235 11.28 -31.00 10.29
N GLU A 236 10.23 -31.76 10.03
CA GLU A 236 9.82 -32.12 8.68
C GLU A 236 9.87 -30.91 7.74
N GLU A 237 9.26 -29.80 8.10
CA GLU A 237 9.35 -28.65 7.22
C GLU A 237 10.77 -28.24 7.00
N SER A 238 11.54 -28.09 8.08
CA SER A 238 12.93 -27.64 7.96
C SER A 238 13.68 -28.54 6.99
N ILE A 239 13.41 -29.85 7.08
CA ILE A 239 13.89 -30.82 6.09
C ILE A 239 13.50 -30.39 4.66
N TYR A 240 12.22 -30.19 4.39
CA TYR A 240 11.78 -29.75 3.06
C TYR A 240 12.50 -28.47 2.66
N GLN A 241 12.56 -27.53 3.59
CA GLN A 241 13.27 -26.25 3.37
C GLN A 241 14.71 -26.37 2.92
N CYS A 242 15.43 -27.47 3.23
CA CYS A 242 16.81 -27.63 2.73
C CYS A 242 16.90 -27.84 1.22
N CYS A 243 15.81 -28.23 0.56
CA CYS A 243 15.82 -28.39 -0.90
C CYS A 243 16.12 -27.07 -1.57
N ASP A 244 16.71 -27.11 -2.75
CA ASP A 244 16.77 -25.90 -3.56
C ASP A 244 15.38 -25.64 -4.10
N LEU A 245 14.68 -24.76 -3.40
CA LEU A 245 13.34 -24.33 -3.77
C LEU A 245 13.26 -22.90 -4.34
N ALA A 246 12.39 -22.76 -5.34
CA ALA A 246 11.91 -21.45 -5.78
C ALA A 246 11.29 -20.71 -4.59
N PRO A 247 11.71 -19.46 -4.32
CA PRO A 247 11.22 -18.73 -3.12
C PRO A 247 9.70 -18.55 -2.95
N GLU A 248 8.91 -18.69 -4.01
CA GLU A 248 7.45 -18.71 -3.82
C GLU A 248 6.97 -20.06 -3.22
N ALA A 249 7.56 -21.18 -3.64
CA ALA A 249 7.35 -22.46 -2.97
C ALA A 249 7.74 -22.43 -1.50
N ARG A 250 8.76 -21.64 -1.18
CA ARG A 250 9.32 -21.58 0.17
C ARG A 250 8.31 -20.96 1.14
N GLN A 251 7.54 -19.98 0.66
CA GLN A 251 6.61 -19.25 1.53
C GLN A 251 5.31 -20.03 1.68
N ALA A 252 4.86 -20.62 0.58
CA ALA A 252 3.71 -21.51 0.58
C ALA A 252 3.90 -22.65 1.59
N ILE A 253 5.09 -23.28 1.58
CA ILE A 253 5.44 -24.35 2.51
C ILE A 253 5.50 -23.91 3.98
N LYS A 254 6.04 -22.71 4.25
CA LYS A 254 6.00 -22.15 5.62
C LYS A 254 4.54 -21.93 6.02
N SER A 255 3.77 -21.38 5.08
CA SER A 255 2.37 -21.06 5.32
C SER A 255 1.57 -22.34 5.64
N LEU A 256 1.60 -23.29 4.69
CA LEU A 256 0.91 -24.58 4.86
C LEU A 256 1.27 -25.34 6.13
N THR A 257 2.53 -25.32 6.53
CA THR A 257 2.88 -26.03 7.72
C THR A 257 2.34 -25.32 8.95
N GLU A 258 2.51 -24.00 8.98
CA GLU A 258 2.00 -23.22 10.11
C GLU A 258 0.49 -23.16 10.22
N ARG A 259 -0.18 -23.05 9.09
CA ARG A 259 -1.64 -22.89 9.07
C ARG A 259 -2.47 -24.20 8.98
N LEU A 260 -1.86 -25.33 8.65
CA LEU A 260 -2.56 -26.58 8.37
C LEU A 260 -1.85 -27.85 8.91
N TYR A 261 -0.58 -28.06 8.58
CA TYR A 261 0.11 -29.29 9.02
C TYR A 261 0.33 -29.37 10.51
N ILE A 262 0.71 -28.23 11.11
CA ILE A 262 0.92 -28.12 12.55
C ILE A 262 -0.35 -28.39 13.34
N GLY A 263 -1.51 -28.00 12.82
CA GLY A 263 -2.73 -28.06 13.60
C GLY A 263 -3.81 -27.18 13.04
N GLY A 264 -4.93 -27.07 13.76
CA GLY A 264 -6.04 -26.21 13.31
C GLY A 264 -7.45 -26.61 13.73
N PRO A 265 -8.47 -25.81 13.36
CA PRO A 265 -9.79 -26.14 13.87
C PRO A 265 -10.39 -27.35 13.15
N LEU A 266 -11.22 -28.12 13.84
CA LEU A 266 -11.92 -29.29 13.27
C LEU A 266 -13.43 -29.08 13.12
N THR A 267 -13.89 -28.86 11.91
CA THR A 267 -15.30 -28.61 11.64
C THR A 267 -15.96 -29.87 11.09
N ASN A 268 -17.14 -30.25 11.56
CA ASN A 268 -17.80 -31.51 11.15
C ASN A 268 -18.69 -31.34 9.93
N SER A 269 -19.24 -32.46 9.43
CA SER A 269 -20.02 -32.49 8.18
C SER A 269 -21.12 -31.42 8.10
N LYS A 270 -21.66 -31.02 9.26
CA LYS A 270 -22.70 -29.98 9.37
C LYS A 270 -22.20 -28.55 9.67
N GLY A 271 -20.89 -28.31 9.60
CA GLY A 271 -20.33 -26.97 9.80
C GLY A 271 -20.20 -26.49 11.25
N GLN A 272 -20.46 -27.39 12.21
CA GLN A 272 -20.25 -27.09 13.62
C GLN A 272 -18.78 -27.28 13.89
N ASN A 273 -18.29 -26.74 15.00
CA ASN A 273 -16.91 -26.91 15.39
C ASN A 273 -16.74 -28.02 16.42
N CYS A 274 -15.94 -29.04 16.08
CA CYS A 274 -15.65 -30.14 17.00
C CYS A 274 -14.46 -29.86 17.88
N GLY A 275 -13.60 -28.95 17.46
CA GLY A 275 -12.49 -28.56 18.30
C GLY A 275 -11.27 -28.24 17.51
N TYR A 276 -10.14 -28.79 17.95
CA TYR A 276 -8.84 -28.35 17.46
C TYR A 276 -7.81 -29.51 17.48
N ARG A 277 -7.22 -29.79 16.33
CA ARG A 277 -6.16 -30.81 16.21
C ARG A 277 -4.82 -30.09 16.37
N ARG A 278 -3.88 -30.74 17.07
CA ARG A 278 -2.47 -30.28 17.16
C ARG A 278 -1.45 -31.42 16.86
N CYS A 279 -1.82 -32.27 15.89
CA CYS A 279 -1.01 -33.40 15.43
C CYS A 279 -1.29 -33.67 13.93
N ARG A 280 -0.94 -34.83 13.43
CA ARG A 280 -1.04 -35.09 12.00
C ARG A 280 -2.49 -35.21 11.53
N ALA A 281 -2.87 -34.38 10.58
CA ALA A 281 -4.05 -34.64 9.78
C ALA A 281 -3.76 -35.84 8.89
N SER A 282 -4.69 -36.78 8.82
CA SER A 282 -4.52 -37.91 7.92
C SER A 282 -4.73 -37.49 6.48
N GLY A 283 -5.49 -36.44 6.22
CA GLY A 283 -5.91 -36.14 4.84
C GLY A 283 -5.27 -34.99 4.10
N VAL A 284 -3.96 -34.90 4.19
CA VAL A 284 -3.18 -33.81 3.59
C VAL A 284 -2.03 -34.41 2.79
N LEU A 285 -1.44 -33.60 1.90
CA LEU A 285 -0.49 -34.12 0.91
C LEU A 285 0.77 -34.68 1.55
N THR A 286 1.18 -34.07 2.67
CA THR A 286 2.48 -34.30 3.25
C THR A 286 2.46 -35.43 4.30
N THR A 287 1.30 -36.00 4.57
CA THR A 287 1.12 -37.01 5.60
C THR A 287 2.01 -38.27 5.44
N SER A 288 1.99 -38.88 4.26
CA SER A 288 2.81 -40.05 3.99
C SER A 288 4.30 -39.75 4.08
N CYS A 289 4.72 -38.79 3.28
CA CYS A 289 6.09 -38.39 3.24
C CYS A 289 6.46 -38.06 4.67
N GLY A 290 5.75 -37.10 5.25
CA GLY A 290 6.00 -36.67 6.64
C GLY A 290 6.07 -37.80 7.66
N ASN A 291 5.06 -38.67 7.68
CA ASN A 291 5.08 -39.80 8.62
C ASN A 291 6.25 -40.74 8.38
N THR A 292 6.68 -40.88 7.13
CA THR A 292 7.82 -41.74 6.80
C THR A 292 9.10 -41.09 7.32
N LEU A 293 9.36 -39.86 6.91
CA LEU A 293 10.52 -39.09 7.42
C LEU A 293 10.59 -39.14 8.94
N THR A 294 9.49 -38.76 9.59
CA THR A 294 9.39 -38.71 11.05
C THR A 294 9.62 -40.11 11.68
N CYS A 295 9.08 -41.15 11.06
CA CYS A 295 9.29 -42.51 11.58
C CYS A 295 10.73 -43.01 11.36
N TYR A 296 11.29 -42.68 10.20
CA TYR A 296 12.64 -43.13 9.87
C TYR A 296 13.67 -42.44 10.79
N LEU A 297 13.53 -41.12 10.89
CA LEU A 297 14.29 -40.30 11.81
C LEU A 297 14.25 -40.87 13.22
N LYS A 298 13.07 -40.98 13.80
CA LYS A 298 12.96 -41.35 15.21
C LYS A 298 13.51 -42.77 15.46
N ALA A 299 13.16 -43.71 14.59
CA ALA A 299 13.64 -45.09 14.64
C ALA A 299 15.14 -45.24 14.39
N SER A 300 15.70 -44.46 13.47
CA SER A 300 17.15 -44.44 13.27
C SER A 300 17.87 -44.09 14.56
N ALA A 301 17.29 -43.16 15.32
CA ALA A 301 17.88 -42.73 16.58
C ALA A 301 17.67 -43.79 17.63
N ALA A 302 16.48 -44.37 17.68
CA ALA A 302 16.22 -45.43 18.65
C ALA A 302 17.17 -46.62 18.45
N CYS A 303 17.55 -46.90 17.20
CA CYS A 303 18.57 -47.93 16.93
C CYS A 303 19.92 -47.59 17.60
N ARG A 304 20.40 -46.37 17.36
CA ARG A 304 21.65 -45.89 17.93
C ARG A 304 21.68 -45.93 19.49
N ALA A 305 20.59 -45.47 20.12
CA ALA A 305 20.42 -45.57 21.58
C ALA A 305 20.59 -46.99 22.12
N ALA A 306 19.92 -47.94 21.48
CA ALA A 306 19.92 -49.34 21.89
C ALA A 306 21.14 -50.11 21.39
N LYS A 307 22.15 -49.40 20.87
CA LYS A 307 23.36 -50.07 20.38
C LYS A 307 22.98 -51.35 19.64
N LEU A 308 22.09 -51.20 18.66
CA LEU A 308 21.71 -52.30 17.77
C LEU A 308 22.80 -52.30 16.71
N GLN A 309 23.30 -53.47 16.34
CA GLN A 309 24.43 -53.53 15.43
C GLN A 309 23.98 -53.76 14.01
N ASP A 310 24.41 -52.87 13.11
CA ASP A 310 24.24 -53.04 11.66
C ASP A 310 22.75 -53.13 11.23
N CYS A 311 21.97 -52.11 11.61
CA CYS A 311 20.56 -52.01 11.21
C CYS A 311 20.32 -51.63 9.77
N THR A 312 19.52 -52.44 9.09
CA THR A 312 18.88 -52.01 7.88
C THR A 312 17.41 -51.82 8.19
N MET A 313 16.87 -50.68 7.80
CA MET A 313 15.50 -50.33 8.10
C MET A 313 14.66 -50.28 6.84
N LEU A 314 13.36 -50.45 7.02
CA LEU A 314 12.39 -50.28 5.93
C LEU A 314 11.18 -49.58 6.50
N VAL A 315 10.79 -48.45 5.88
CA VAL A 315 9.78 -47.54 6.42
C VAL A 315 8.71 -47.22 5.37
N ASN A 316 7.45 -47.32 5.77
CA ASN A 316 6.29 -46.92 4.97
C ASN A 316 5.32 -46.19 5.90
N GLY A 317 5.35 -44.86 5.89
CA GLY A 317 4.61 -44.10 6.90
C GLY A 317 4.92 -44.54 8.32
N ASP A 318 3.89 -44.85 9.09
CA ASP A 318 4.10 -45.27 10.48
C ASP A 318 4.52 -46.74 10.66
N ASP A 319 4.76 -47.45 9.55
CA ASP A 319 5.03 -48.87 9.59
C ASP A 319 6.50 -49.12 9.38
N LEU A 320 7.11 -49.81 10.34
CA LEU A 320 8.54 -49.88 10.51
C LEU A 320 9.05 -51.32 10.70
N VAL A 321 10.09 -51.67 9.95
CA VAL A 321 10.77 -52.95 10.11
C VAL A 321 12.25 -52.68 10.22
N VAL A 322 12.91 -53.45 11.09
CA VAL A 322 14.34 -53.36 11.32
C VAL A 322 14.93 -54.77 11.24
N ILE A 323 15.96 -54.92 10.43
CA ILE A 323 16.71 -56.17 10.37
C ILE A 323 18.16 -55.89 10.73
N CYS A 324 18.69 -56.66 11.68
CA CYS A 324 19.97 -56.30 12.26
C CYS A 324 20.76 -57.51 12.69
N GLU A 325 21.94 -57.27 13.30
CA GLU A 325 22.78 -58.37 13.82
C GLU A 325 22.40 -58.76 15.22
N SER A 326 22.02 -60.01 15.42
CA SER A 326 21.66 -60.47 16.77
C SER A 326 22.85 -60.49 17.69
N ALA A 327 22.62 -60.24 18.97
CA ALA A 327 23.68 -60.30 19.96
C ALA A 327 23.41 -61.42 20.96
N GLY A 328 22.61 -62.42 20.59
CA GLY A 328 22.13 -63.46 21.54
C GLY A 328 20.67 -63.14 21.86
N THR A 329 19.94 -64.10 22.42
CA THR A 329 18.51 -63.91 22.59
C THR A 329 18.15 -63.06 23.80
N GLN A 330 18.85 -63.23 24.92
CA GLN A 330 18.67 -62.32 26.08
C GLN A 330 18.95 -60.88 25.65
N GLU A 331 20.13 -60.70 25.11
CA GLU A 331 20.68 -59.40 24.84
C GLU A 331 19.79 -58.67 23.80
N ASP A 332 19.32 -59.41 22.80
CA ASP A 332 18.30 -58.92 21.88
C ASP A 332 17.08 -58.34 22.59
N ALA A 333 16.45 -59.18 23.42
CA ALA A 333 15.18 -58.86 24.06
C ALA A 333 15.28 -57.56 24.82
N ALA A 334 16.45 -57.34 25.41
CA ALA A 334 16.79 -56.14 26.19
C ALA A 334 17.01 -54.95 25.31
N SER A 335 17.78 -55.12 24.25
CA SER A 335 18.05 -54.01 23.34
C SER A 335 16.75 -53.51 22.77
N LEU A 336 15.81 -54.43 22.54
CA LEU A 336 14.43 -54.09 22.14
C LEU A 336 13.70 -53.21 23.17
N ARG A 337 13.88 -53.52 24.45
CA ARG A 337 13.31 -52.70 25.50
C ARG A 337 13.94 -51.30 25.54
N VAL A 338 15.24 -51.23 25.28
CA VAL A 338 15.91 -49.92 25.18
C VAL A 338 15.36 -49.16 23.96
N PHE A 339 15.25 -49.85 22.81
CA PHE A 339 14.67 -49.29 21.57
C PHE A 339 13.29 -48.70 21.83
N THR A 340 12.42 -49.51 22.41
CA THR A 340 11.07 -49.07 22.78
C THR A 340 11.12 -47.84 23.68
N GLU A 341 11.99 -47.84 24.70
CA GLU A 341 12.06 -46.70 25.63
C GLU A 341 12.38 -45.37 24.90
N ALA A 342 13.18 -45.45 23.83
CA ALA A 342 13.63 -44.25 23.14
C ALA A 342 12.53 -43.73 22.23
N MET A 343 11.89 -44.65 21.52
CA MET A 343 10.77 -44.29 20.70
C MET A 343 9.83 -43.47 21.58
N THR A 344 9.51 -44.06 22.74
CA THR A 344 8.59 -43.50 23.72
C THR A 344 8.99 -42.10 24.15
N ARG A 345 10.27 -41.90 24.43
CA ARG A 345 10.77 -40.56 24.68
C ARG A 345 10.49 -39.62 23.52
N TYR A 346 10.70 -40.10 22.28
CA TYR A 346 10.48 -39.28 21.07
C TYR A 346 9.01 -39.12 20.69
N SER A 347 8.13 -39.66 21.53
CA SER A 347 6.70 -39.65 21.30
C SER A 347 6.45 -40.44 20.05
N ALA A 348 6.74 -41.73 20.17
CA ALA A 348 6.26 -42.74 19.27
C ALA A 348 6.22 -44.01 20.12
N PRO A 349 5.37 -44.01 21.16
CA PRO A 349 5.25 -45.16 22.02
C PRO A 349 4.78 -46.40 21.30
N PRO A 350 4.92 -47.55 21.96
CA PRO A 350 4.45 -48.85 21.50
C PRO A 350 2.95 -49.01 21.45
N GLY A 351 2.46 -49.78 20.47
CA GLY A 351 1.14 -50.40 20.54
C GLY A 351 1.32 -51.82 21.06
N ASP A 352 1.35 -52.80 20.17
CA ASP A 352 1.86 -54.12 20.54
C ASP A 352 3.33 -53.96 20.91
N PRO A 353 3.75 -54.48 22.08
CA PRO A 353 5.18 -54.34 22.40
C PRO A 353 6.03 -55.17 21.42
N PRO A 354 7.11 -54.58 20.90
CA PRO A 354 7.86 -55.21 19.80
C PRO A 354 8.57 -56.50 20.22
N GLN A 355 8.79 -57.39 19.25
CA GLN A 355 9.38 -58.72 19.51
C GLN A 355 10.43 -59.20 18.49
N PRO A 356 11.53 -59.78 18.98
CA PRO A 356 12.55 -60.22 18.05
C PRO A 356 12.11 -61.50 17.33
N GLU A 357 12.33 -61.54 16.03
CA GLU A 357 12.07 -62.73 15.28
C GLU A 357 13.37 -63.15 14.63
N TYR A 358 13.58 -64.46 14.53
CA TYR A 358 14.73 -65.03 13.87
C TYR A 358 14.31 -65.80 12.64
N ASP A 359 13.08 -65.57 12.19
CA ASP A 359 12.57 -66.18 10.96
C ASP A 359 11.92 -65.04 10.20
N LEU A 360 12.47 -64.72 9.03
CA LEU A 360 11.96 -63.62 8.24
C LEU A 360 10.50 -63.80 7.92
N GLU A 361 10.09 -65.06 7.78
CA GLU A 361 8.71 -65.35 7.41
C GLU A 361 7.70 -64.90 8.48
N LEU A 362 8.12 -64.85 9.73
CA LEU A 362 7.20 -64.54 10.81
C LEU A 362 7.09 -63.04 11.09
N ILE A 363 7.95 -62.23 10.46
CA ILE A 363 7.92 -60.78 10.63
C ILE A 363 6.78 -60.28 9.78
N THR A 364 5.96 -59.40 10.33
CA THR A 364 4.95 -58.73 9.56
C THR A 364 5.23 -57.24 9.44
N SER A 365 5.24 -56.76 8.20
CA SER A 365 5.47 -55.36 7.93
C SER A 365 4.83 -54.96 6.62
N CYS A 366 4.24 -53.76 6.65
CA CYS A 366 3.31 -53.31 5.62
C CYS A 366 2.18 -54.35 5.46
N SER A 367 1.71 -54.87 6.60
CA SER A 367 0.61 -55.83 6.63
C SER A 367 0.93 -57.12 5.90
N SER A 368 2.22 -57.42 5.80
CA SER A 368 2.68 -58.47 4.91
C SER A 368 3.95 -59.16 5.36
N ASN A 369 4.19 -60.32 4.77
CA ASN A 369 5.32 -61.10 5.18
C ASN A 369 5.82 -61.86 4.00
N VAL A 370 7.09 -62.22 4.07
CA VAL A 370 7.73 -63.06 3.09
C VAL A 370 7.36 -64.51 3.33
N SER A 371 7.14 -65.23 2.24
CA SER A 371 6.96 -66.68 2.27
C SER A 371 7.54 -67.25 0.98
N VAL A 372 7.62 -68.56 0.89
CA VAL A 372 8.39 -69.20 -0.18
C VAL A 372 7.54 -70.21 -0.93
N ALA A 373 7.61 -70.23 -2.25
CA ALA A 373 6.92 -71.23 -3.07
C ALA A 373 7.89 -71.79 -4.10
N HIS A 374 7.42 -72.57 -5.07
CA HIS A 374 8.31 -73.08 -6.11
C HIS A 374 7.73 -72.84 -7.48
N ASP A 375 8.61 -72.62 -8.46
CA ASP A 375 8.14 -72.43 -9.82
C ASP A 375 8.07 -73.75 -10.58
N ALA A 376 7.64 -73.65 -11.85
CA ALA A 376 7.57 -74.80 -12.74
C ALA A 376 8.86 -75.63 -12.68
N SER A 377 10.00 -74.97 -12.85
CA SER A 377 11.29 -75.66 -12.80
C SER A 377 11.57 -76.33 -11.45
N GLY A 378 10.94 -75.83 -10.39
CA GLY A 378 11.11 -76.39 -9.03
C GLY A 378 12.07 -75.57 -8.17
N LYS A 379 12.59 -74.49 -8.73
CA LYS A 379 13.43 -73.55 -7.98
C LYS A 379 12.58 -72.83 -6.89
N ARG A 380 13.23 -72.31 -5.85
CA ARG A 380 12.46 -71.66 -4.79
C ARG A 380 12.30 -70.17 -5.08
N VAL A 381 11.08 -69.71 -4.87
CA VAL A 381 10.69 -68.36 -5.19
C VAL A 381 10.10 -67.77 -3.93
N TYR A 382 10.61 -66.59 -3.57
CA TYR A 382 10.12 -65.87 -2.42
C TYR A 382 9.09 -64.88 -2.97
N TYR A 383 8.00 -64.69 -2.25
CA TYR A 383 6.92 -63.81 -2.69
C TYR A 383 6.26 -63.23 -1.44
N LEU A 384 5.45 -62.21 -1.66
CA LEU A 384 4.92 -61.44 -0.55
C LEU A 384 3.45 -61.76 -0.42
N THR A 385 3.02 -62.04 0.82
CA THR A 385 1.63 -62.43 1.12
C THR A 385 1.16 -61.78 2.43
N ARG A 386 -0.03 -62.21 2.88
CA ARG A 386 -0.62 -61.79 4.11
C ARG A 386 -1.78 -62.72 4.50
N ASP A 387 -2.20 -62.62 5.75
CA ASP A 387 -3.47 -63.18 6.19
C ASP A 387 -4.53 -62.53 5.29
N PRO A 388 -5.36 -63.35 4.60
CA PRO A 388 -6.35 -62.92 3.61
C PRO A 388 -7.70 -62.48 4.15
N THR A 389 -7.86 -62.50 5.47
CA THR A 389 -9.13 -62.13 6.10
C THR A 389 -9.75 -60.79 5.63
N THR A 390 -9.01 -59.70 5.80
CA THR A 390 -9.52 -58.38 5.44
C THR A 390 -9.71 -58.33 3.90
N PRO A 391 -8.80 -58.91 3.12
CA PRO A 391 -9.07 -58.93 1.70
C PRO A 391 -10.36 -59.66 1.33
N LEU A 392 -10.57 -60.83 1.90
CA LEU A 392 -11.77 -61.61 1.57
C LEU A 392 -13.02 -60.88 2.03
N ALA A 393 -13.03 -60.44 3.28
CA ALA A 393 -14.17 -59.65 3.83
C ALA A 393 -14.59 -58.54 2.88
N ARG A 394 -13.63 -57.71 2.52
CA ARG A 394 -13.87 -56.55 1.70
C ARG A 394 -14.26 -56.94 0.30
N ALA A 395 -13.75 -58.08 -0.17
CA ALA A 395 -14.20 -58.65 -1.47
C ALA A 395 -15.70 -59.05 -1.39
N ALA A 396 -16.11 -59.69 -0.30
CA ALA A 396 -17.51 -59.98 -0.04
C ALA A 396 -18.34 -58.69 0.06
N TRP A 397 -17.82 -57.68 0.73
CA TRP A 397 -18.50 -56.39 0.77
C TRP A 397 -18.66 -55.76 -0.60
N GLU A 398 -17.66 -55.92 -1.45
CA GLU A 398 -17.59 -55.15 -2.69
C GLU A 398 -18.44 -55.75 -3.75
N THR A 399 -18.61 -57.07 -3.66
CA THR A 399 -19.54 -57.80 -4.53
C THR A 399 -21.03 -57.53 -4.12
N ALA A 400 -21.28 -57.45 -2.81
CA ALA A 400 -22.62 -57.14 -2.29
C ALA A 400 -23.12 -55.72 -2.61
N ARG A 401 -22.56 -54.72 -1.94
CA ARG A 401 -22.93 -53.32 -2.20
C ARG A 401 -21.95 -52.73 -3.25
N HIS A 402 -22.46 -52.13 -4.31
CA HIS A 402 -21.57 -51.62 -5.36
C HIS A 402 -20.88 -50.33 -4.94
N THR A 403 -19.63 -50.47 -4.49
CA THR A 403 -18.82 -49.33 -4.09
C THR A 403 -18.01 -48.82 -5.29
N PRO A 404 -17.73 -47.50 -5.33
CA PRO A 404 -16.81 -47.01 -6.35
C PRO A 404 -15.33 -47.44 -6.11
N VAL A 405 -15.04 -48.02 -4.95
CA VAL A 405 -13.71 -48.52 -4.67
C VAL A 405 -13.64 -50.06 -4.79
N ASN A 406 -12.52 -50.56 -5.33
CA ASN A 406 -12.33 -51.97 -5.71
C ASN A 406 -11.02 -52.55 -5.18
N SER A 407 -10.99 -52.79 -3.86
CA SER A 407 -9.83 -53.41 -3.21
C SER A 407 -9.44 -54.78 -3.81
N TRP A 408 -10.41 -55.62 -4.12
CA TRP A 408 -10.10 -56.89 -4.72
C TRP A 408 -9.03 -56.78 -5.82
N LEU A 409 -9.16 -55.79 -6.68
CA LEU A 409 -8.24 -55.63 -7.84
C LEU A 409 -6.82 -55.19 -7.42
N GLY A 410 -6.74 -54.23 -6.51
CA GLY A 410 -5.50 -53.82 -5.95
C GLY A 410 -4.84 -55.04 -5.36
N ASN A 411 -5.61 -55.75 -4.56
CA ASN A 411 -5.14 -56.94 -3.88
C ASN A 411 -4.62 -57.97 -4.85
N ILE A 412 -5.38 -58.23 -5.94
CA ILE A 412 -4.90 -59.10 -7.00
C ILE A 412 -3.57 -58.60 -7.53
N ILE A 413 -3.47 -57.29 -7.75
CA ILE A 413 -2.23 -56.71 -8.22
C ILE A 413 -1.08 -56.81 -7.18
N MET A 414 -1.31 -56.42 -5.92
CA MET A 414 -0.25 -56.51 -4.91
C MET A 414 0.09 -57.96 -4.56
N TYR A 415 -0.89 -58.84 -4.60
CA TYR A 415 -0.72 -60.20 -4.08
C TYR A 415 -0.93 -61.30 -5.10
N ALA A 416 -0.69 -60.97 -6.36
CA ALA A 416 -0.86 -61.90 -7.49
C ALA A 416 -0.24 -63.29 -7.39
N PRO A 417 0.96 -63.42 -6.77
CA PRO A 417 1.52 -64.77 -6.60
C PRO A 417 0.86 -65.62 -5.52
N THR A 418 -0.01 -65.05 -4.70
CA THR A 418 -0.45 -65.78 -3.51
C THR A 418 -1.39 -66.93 -3.82
N LEU A 419 -1.47 -67.83 -2.86
CA LEU A 419 -2.40 -68.96 -2.94
C LEU A 419 -3.83 -68.47 -3.08
N TRP A 420 -4.17 -67.47 -2.27
CA TRP A 420 -5.54 -67.02 -2.11
C TRP A 420 -6.01 -65.99 -3.16
N ALA A 421 -5.15 -65.07 -3.58
CA ALA A 421 -5.54 -64.14 -4.65
C ALA A 421 -5.75 -64.89 -5.92
N ARG A 422 -4.99 -65.95 -6.15
CA ARG A 422 -5.12 -66.67 -7.41
C ARG A 422 -6.32 -67.63 -7.43
N MET A 423 -6.43 -68.46 -6.39
CA MET A 423 -7.51 -69.45 -6.34
C MET A 423 -8.85 -68.82 -6.01
N ILE A 424 -8.83 -67.78 -5.18
CA ILE A 424 -10.08 -67.18 -4.71
C ILE A 424 -10.44 -65.89 -5.43
N LEU A 425 -9.54 -64.90 -5.41
CA LEU A 425 -9.91 -63.57 -5.90
C LEU A 425 -9.98 -63.55 -7.41
N MET A 426 -9.02 -64.17 -8.08
CA MET A 426 -9.03 -64.15 -9.54
C MET A 426 -10.25 -64.87 -10.05
N THR A 427 -10.45 -66.06 -9.52
CA THR A 427 -11.58 -66.92 -9.87
C THR A 427 -12.94 -66.24 -9.70
N HIS A 428 -13.17 -65.69 -8.52
CA HIS A 428 -14.45 -65.11 -8.15
C HIS A 428 -14.80 -63.96 -9.05
N PHE A 429 -13.85 -63.06 -9.22
CA PHE A 429 -14.18 -61.80 -9.86
C PHE A 429 -14.18 -61.87 -11.38
N PHE A 430 -13.33 -62.71 -11.96
CA PHE A 430 -13.46 -62.93 -13.40
C PHE A 430 -14.80 -63.61 -13.71
N SER A 431 -15.33 -64.34 -12.72
CA SER A 431 -16.64 -64.96 -12.82
C SER A 431 -17.72 -63.90 -12.87
N ILE A 432 -17.69 -62.95 -11.94
CA ILE A 432 -18.64 -61.84 -11.96
C ILE A 432 -18.53 -61.07 -13.27
N LEU A 433 -17.32 -60.79 -13.73
CA LEU A 433 -17.13 -59.94 -14.92
C LEU A 433 -17.60 -60.61 -16.22
N LEU A 434 -17.37 -61.92 -16.31
CA LEU A 434 -17.82 -62.73 -17.44
C LEU A 434 -19.35 -62.73 -17.42
N ALA A 435 -19.93 -63.04 -16.26
CA ALA A 435 -21.39 -63.09 -16.12
C ALA A 435 -22.01 -61.72 -16.36
N GLN A 436 -21.33 -60.65 -15.99
CA GLN A 436 -21.88 -59.28 -16.19
C GLN A 436 -21.47 -58.59 -17.52
N GLU A 437 -20.70 -59.28 -18.36
CA GLU A 437 -20.18 -58.74 -19.63
C GLU A 437 -19.35 -57.45 -19.48
N GLN A 438 -18.71 -57.30 -18.32
CA GLN A 438 -18.00 -56.08 -17.95
C GLN A 438 -16.48 -56.28 -17.85
N LEU A 439 -15.95 -57.24 -18.61
CA LEU A 439 -14.50 -57.44 -18.69
C LEU A 439 -13.72 -56.22 -19.19
N GLU A 440 -14.29 -55.53 -20.18
CA GLU A 440 -13.60 -54.43 -20.86
C GLU A 440 -13.62 -53.11 -20.07
N LYS A 441 -14.41 -53.04 -18.99
CA LYS A 441 -14.55 -51.80 -18.22
C LYS A 441 -13.39 -51.57 -17.23
N ALA A 442 -12.72 -50.42 -17.36
CA ALA A 442 -11.66 -50.03 -16.42
C ALA A 442 -12.25 -49.77 -15.04
N LEU A 443 -11.45 -50.02 -14.02
CA LEU A 443 -11.86 -49.81 -12.66
C LEU A 443 -10.79 -49.04 -11.94
N ASP A 444 -11.21 -48.21 -11.01
CA ASP A 444 -10.30 -47.43 -10.20
C ASP A 444 -9.83 -48.32 -9.07
N CYS A 445 -8.52 -48.39 -8.84
CA CYS A 445 -8.03 -48.99 -7.59
C CYS A 445 -6.86 -48.18 -7.00
N GLN A 446 -6.64 -48.36 -5.71
CA GLN A 446 -5.65 -47.59 -4.96
C GLN A 446 -4.36 -48.39 -4.78
N ILE A 447 -3.23 -47.83 -5.25
CA ILE A 447 -1.87 -48.36 -4.99
C ILE A 447 -1.06 -47.26 -4.27
N TYR A 448 -0.58 -47.53 -3.06
CA TYR A 448 0.14 -46.51 -2.27
C TYR A 448 -0.56 -45.13 -2.35
N GLY A 449 -1.88 -45.12 -2.13
CA GLY A 449 -2.65 -43.88 -1.96
C GLY A 449 -2.90 -43.04 -3.20
N ALA A 450 -2.70 -43.62 -4.37
CA ALA A 450 -2.94 -42.90 -5.61
C ALA A 450 -3.96 -43.69 -6.32
N CYS A 451 -4.87 -43.02 -7.02
CA CYS A 451 -5.89 -43.70 -7.82
C CYS A 451 -5.40 -43.96 -9.25
N TYR A 452 -5.50 -45.22 -9.71
CA TYR A 452 -5.23 -45.63 -11.12
C TYR A 452 -6.48 -46.27 -11.72
N SER A 453 -6.67 -46.09 -13.03
CA SER A 453 -7.77 -46.73 -13.78
C SER A 453 -7.22 -47.94 -14.49
N ILE A 454 -7.76 -49.12 -14.18
CA ILE A 454 -7.15 -50.36 -14.64
C ILE A 454 -8.14 -51.25 -15.33
N GLU A 455 -7.72 -51.79 -16.46
CA GLU A 455 -8.57 -52.63 -17.29
C GLU A 455 -8.31 -54.05 -16.83
N PRO A 456 -9.33 -54.74 -16.30
CA PRO A 456 -8.98 -56.05 -15.74
C PRO A 456 -8.33 -57.02 -16.73
N LEU A 457 -8.50 -56.83 -18.03
CA LEU A 457 -7.85 -57.69 -19.04
C LEU A 457 -6.35 -57.54 -19.15
N ASP A 458 -5.82 -56.43 -18.65
CA ASP A 458 -4.39 -56.20 -18.66
C ASP A 458 -3.63 -56.97 -17.55
N LEU A 459 -4.36 -57.51 -16.58
CA LEU A 459 -3.74 -58.24 -15.47
C LEU A 459 -2.56 -59.19 -15.80
N PRO A 460 -2.69 -60.06 -16.83
CA PRO A 460 -1.57 -60.96 -17.19
C PRO A 460 -0.27 -60.22 -17.42
N GLN A 461 -0.30 -59.17 -18.23
CA GLN A 461 0.87 -58.33 -18.48
C GLN A 461 1.32 -57.69 -17.19
N ILE A 462 0.36 -57.07 -16.48
CA ILE A 462 0.65 -56.32 -15.25
C ILE A 462 1.45 -57.19 -14.28
N ILE A 463 0.97 -58.41 -14.08
CA ILE A 463 1.55 -59.33 -13.14
C ILE A 463 2.92 -59.82 -13.61
N GLU A 464 3.01 -60.28 -14.85
CA GLU A 464 4.33 -60.58 -15.42
C GLU A 464 5.32 -59.42 -15.17
N ARG A 465 4.93 -58.17 -15.45
CA ARG A 465 5.81 -57.04 -15.22
C ARG A 465 6.20 -56.87 -13.75
N LEU A 466 5.24 -56.99 -12.83
CA LEU A 466 5.49 -56.72 -11.42
C LEU A 466 6.05 -57.88 -10.60
N HIS A 467 5.85 -59.12 -11.07
CA HIS A 467 6.29 -60.32 -10.32
C HIS A 467 7.04 -61.38 -11.15
N GLY A 468 7.22 -61.15 -12.44
CA GLY A 468 7.75 -62.18 -13.34
C GLY A 468 6.76 -63.28 -13.67
N LEU A 469 7.12 -64.00 -14.72
CA LEU A 469 6.38 -65.17 -15.20
C LEU A 469 6.03 -66.27 -14.19
N SER A 470 6.84 -66.42 -13.15
CA SER A 470 6.67 -67.50 -12.17
C SER A 470 5.37 -67.39 -11.37
N ALA A 471 4.77 -66.18 -11.35
CA ALA A 471 3.48 -65.92 -10.66
C ALA A 471 2.29 -66.72 -11.22
N PHE A 472 2.49 -67.28 -12.40
CA PHE A 472 1.49 -68.06 -13.03
C PHE A 472 1.68 -69.55 -12.81
N SER A 473 2.74 -69.91 -12.09
CA SER A 473 3.03 -71.34 -11.87
C SER A 473 3.65 -71.75 -10.50
N LEU A 474 3.64 -70.88 -9.49
CA LEU A 474 4.06 -71.25 -8.12
C LEU A 474 3.19 -72.36 -7.58
N HIS A 475 3.76 -73.31 -6.84
CA HIS A 475 3.10 -74.64 -6.67
C HIS A 475 3.34 -75.50 -5.43
N SER A 476 4.32 -75.22 -4.59
CA SER A 476 4.36 -75.98 -3.34
C SER A 476 4.50 -75.02 -2.19
N TYR A 477 3.41 -74.27 -2.02
CA TYR A 477 3.33 -73.29 -0.99
C TYR A 477 3.57 -73.94 0.38
N SER A 478 4.00 -73.11 1.34
CA SER A 478 4.49 -73.58 2.61
C SER A 478 3.35 -74.02 3.54
N PRO A 479 3.64 -74.94 4.49
CA PRO A 479 2.59 -75.43 5.43
C PRO A 479 1.88 -74.31 6.23
N GLY A 480 2.66 -73.36 6.73
CA GLY A 480 2.13 -72.19 7.43
C GLY A 480 1.16 -71.39 6.58
N GLU A 481 1.54 -71.11 5.32
CA GLU A 481 0.64 -70.41 4.39
C GLU A 481 -0.66 -71.17 4.14
N ILE A 482 -0.53 -72.44 3.78
CA ILE A 482 -1.71 -73.23 3.47
C ILE A 482 -2.68 -73.27 4.66
N ASN A 483 -2.16 -73.39 5.88
CA ASN A 483 -3.04 -73.50 7.06
C ASN A 483 -3.67 -72.21 7.45
N ARG A 484 -2.98 -71.12 7.20
CA ARG A 484 -3.56 -69.79 7.44
C ARG A 484 -4.73 -69.58 6.50
N VAL A 485 -4.52 -69.89 5.23
CA VAL A 485 -5.56 -69.72 4.24
C VAL A 485 -6.70 -70.69 4.49
N ALA A 486 -6.40 -71.96 4.71
CA ALA A 486 -7.49 -72.92 4.99
C ALA A 486 -8.34 -72.51 6.22
N SER A 487 -7.66 -72.14 7.32
CA SER A 487 -8.27 -71.58 8.54
C SER A 487 -9.13 -70.37 8.25
N CYS A 488 -8.57 -69.39 7.57
CA CYS A 488 -9.32 -68.18 7.34
C CYS A 488 -10.61 -68.54 6.63
N LEU A 489 -10.54 -69.54 5.74
CA LEU A 489 -11.70 -69.94 4.97
C LEU A 489 -12.77 -70.55 5.84
N ARG A 490 -12.43 -71.52 6.69
CA ARG A 490 -13.42 -72.10 7.64
C ARG A 490 -13.98 -71.01 8.55
N LYS A 491 -13.06 -70.22 9.11
CA LYS A 491 -13.40 -69.11 9.98
C LYS A 491 -14.45 -68.21 9.36
N LEU A 492 -14.35 -67.94 8.06
CA LEU A 492 -15.23 -66.98 7.39
C LEU A 492 -16.41 -67.60 6.67
N GLY A 493 -16.37 -68.91 6.46
CA GLY A 493 -17.47 -69.60 5.77
C GLY A 493 -17.33 -69.57 4.26
N VAL A 494 -16.11 -69.64 3.78
CA VAL A 494 -15.88 -69.58 2.34
C VAL A 494 -15.58 -71.00 1.87
N PRO A 495 -16.10 -71.36 0.68
CA PRO A 495 -15.85 -72.67 0.10
C PRO A 495 -14.38 -73.02 0.19
N PRO A 496 -14.06 -74.28 0.55
CA PRO A 496 -12.64 -74.60 0.63
C PRO A 496 -11.97 -74.55 -0.73
N LEU A 497 -10.64 -74.58 -0.70
CA LEU A 497 -9.82 -74.43 -1.88
C LEU A 497 -10.18 -75.38 -3.04
N ARG A 498 -10.50 -76.64 -2.73
CA ARG A 498 -10.80 -77.60 -3.81
C ARG A 498 -12.06 -77.19 -4.59
N VAL A 499 -12.96 -76.43 -3.98
CA VAL A 499 -14.17 -75.99 -4.66
C VAL A 499 -13.89 -74.83 -5.61
N TRP A 500 -12.82 -74.10 -5.33
CA TRP A 500 -12.39 -73.01 -6.19
C TRP A 500 -11.65 -73.53 -7.38
N ARG A 501 -10.97 -74.67 -7.22
CA ARG A 501 -10.33 -75.30 -8.37
C ARG A 501 -11.39 -75.62 -9.42
N HIS A 502 -12.50 -76.22 -9.00
CA HIS A 502 -13.52 -76.65 -9.96
C HIS A 502 -14.22 -75.43 -10.56
N ARG A 503 -14.37 -74.36 -9.77
CA ARG A 503 -14.92 -73.10 -10.29
C ARG A 503 -13.97 -72.45 -11.32
N ALA A 504 -12.67 -72.50 -11.03
CA ALA A 504 -11.66 -71.90 -11.93
C ALA A 504 -11.54 -72.61 -13.28
N ARG A 505 -11.71 -73.93 -13.30
CA ARG A 505 -11.70 -74.68 -14.55
C ARG A 505 -12.84 -74.24 -15.44
N SER A 506 -13.98 -73.95 -14.81
CA SER A 506 -15.13 -73.44 -15.51
C SER A 506 -14.87 -72.01 -16.09
N VAL A 507 -14.40 -71.08 -15.24
CA VAL A 507 -14.07 -69.71 -15.64
C VAL A 507 -12.99 -69.63 -16.74
N ARG A 508 -11.92 -70.40 -16.57
CA ARG A 508 -10.84 -70.47 -17.57
C ARG A 508 -11.42 -70.82 -18.93
N ALA A 509 -12.32 -71.80 -18.95
CA ALA A 509 -12.84 -72.35 -20.18
C ALA A 509 -13.68 -71.29 -20.86
N ARG A 510 -14.57 -70.63 -20.11
CA ARG A 510 -15.39 -69.56 -20.70
C ARG A 510 -14.47 -68.47 -21.25
N LEU A 511 -13.45 -68.09 -20.46
CA LEU A 511 -12.45 -67.08 -20.88
C LEU A 511 -11.79 -67.46 -22.20
N LEU A 512 -11.25 -68.67 -22.28
CA LEU A 512 -10.62 -69.18 -23.51
C LEU A 512 -11.49 -69.06 -24.76
N SER A 513 -12.76 -69.44 -24.67
CA SER A 513 -13.66 -69.40 -25.83
C SER A 513 -13.88 -68.00 -26.42
N GLN A 514 -13.51 -66.97 -25.68
CA GLN A 514 -13.74 -65.60 -26.13
C GLN A 514 -12.60 -65.01 -26.91
N GLY A 515 -11.47 -65.71 -26.99
CA GLY A 515 -10.30 -65.23 -27.74
C GLY A 515 -9.61 -64.05 -27.09
N GLY A 516 -8.74 -63.39 -27.86
CA GLY A 516 -8.18 -62.10 -27.50
C GLY A 516 -7.54 -62.09 -26.14
N ARG A 517 -7.79 -61.02 -25.39
CA ARG A 517 -7.21 -60.87 -24.06
C ARG A 517 -7.94 -61.67 -22.98
N ALA A 518 -9.22 -62.01 -23.19
CA ALA A 518 -9.92 -62.86 -22.24
C ALA A 518 -9.29 -64.25 -22.26
N ALA A 519 -8.95 -64.75 -23.45
CA ALA A 519 -8.23 -66.02 -23.56
C ALA A 519 -6.87 -65.95 -22.86
N THR A 520 -6.17 -64.82 -22.99
CA THR A 520 -4.90 -64.68 -22.30
C THR A 520 -5.08 -64.71 -20.78
N CYS A 521 -6.11 -64.03 -20.28
CA CYS A 521 -6.40 -64.09 -18.86
C CYS A 521 -6.66 -65.52 -18.39
N GLY A 522 -7.49 -66.26 -19.14
CA GLY A 522 -7.79 -67.67 -18.82
C GLY A 522 -6.58 -68.58 -18.87
N LYS A 523 -5.77 -68.42 -19.91
CA LYS A 523 -4.52 -69.19 -20.08
C LYS A 523 -3.55 -69.03 -18.93
N TYR A 524 -3.23 -67.79 -18.61
CA TYR A 524 -2.20 -67.42 -17.64
C TYR A 524 -2.68 -67.37 -16.19
N LEU A 525 -3.80 -66.72 -15.95
CA LEU A 525 -4.29 -66.54 -14.61
C LEU A 525 -4.78 -67.85 -14.03
N PHE A 526 -5.15 -68.79 -14.88
CA PHE A 526 -5.81 -70.01 -14.40
C PHE A 526 -5.12 -71.30 -14.79
N ASN A 527 -3.85 -71.23 -15.19
CA ASN A 527 -3.10 -72.44 -15.52
C ASN A 527 -2.91 -73.37 -14.33
N TRP A 528 -2.79 -72.80 -13.14
CA TRP A 528 -2.77 -73.59 -11.91
C TRP A 528 -3.93 -74.60 -11.80
N ALA A 529 -5.05 -74.32 -12.47
CA ALA A 529 -6.28 -75.10 -12.31
C ALA A 529 -6.46 -76.25 -13.29
N VAL A 530 -5.65 -76.35 -14.35
CA VAL A 530 -6.00 -77.21 -15.48
C VAL A 530 -5.86 -78.69 -15.19
N LYS A 531 -4.62 -79.10 -14.92
CA LYS A 531 -4.14 -80.50 -14.75
C LYS A 531 -3.04 -80.84 -15.76
N THR A 532 -3.28 -80.72 -17.06
CA THR A 532 -2.13 -80.65 -17.96
C THR A 532 -1.87 -79.19 -18.27
N LYS A 533 -0.67 -78.73 -17.93
CA LYS A 533 -0.33 -77.34 -18.04
C LYS A 533 -0.05 -77.05 -19.48
N LEU A 534 -0.51 -75.88 -19.92
CA LEU A 534 0.05 -75.26 -21.12
C LEU A 534 1.47 -74.75 -20.81
N LYS A 535 2.26 -74.49 -21.85
CA LYS A 535 3.61 -73.89 -21.71
C LYS A 535 3.50 -72.35 -21.75
N LEU A 536 4.07 -71.68 -20.75
CA LEU A 536 3.85 -70.25 -20.62
C LEU A 536 5.03 -69.36 -21.02
N THR A 537 4.97 -68.76 -22.20
CA THR A 537 6.01 -67.85 -22.71
C THR A 537 5.68 -66.39 -22.41
N PRO A 538 6.69 -65.48 -22.52
CA PRO A 538 6.43 -64.04 -22.27
C PRO A 538 5.40 -63.37 -23.21
N ILE A 539 4.94 -62.19 -22.82
CA ILE A 539 3.89 -61.45 -23.55
C ILE A 539 4.44 -60.13 -24.10
N SER A 548 5.40 -47.40 -16.65
CA SER A 548 4.91 -47.25 -15.28
C SER A 548 5.48 -46.02 -14.52
N GLY A 549 4.93 -45.83 -13.33
CA GLY A 549 5.37 -44.83 -12.32
C GLY A 549 4.63 -45.19 -11.03
N TRP A 550 4.55 -46.49 -10.74
CA TRP A 550 3.62 -47.09 -9.77
C TRP A 550 4.22 -47.32 -8.37
N PHE A 551 5.36 -47.95 -8.29
CA PHE A 551 5.89 -48.27 -6.99
C PHE A 551 7.07 -47.39 -6.74
N VAL A 552 6.73 -46.11 -6.60
CA VAL A 552 7.66 -45.00 -6.54
C VAL A 552 7.50 -44.16 -5.26
N ALA A 553 6.27 -43.77 -4.94
CA ALA A 553 5.98 -42.96 -3.76
C ALA A 553 4.65 -43.28 -3.06
N GLY A 554 4.58 -42.86 -1.80
CA GLY A 554 3.39 -43.01 -1.01
C GLY A 554 2.60 -41.73 -1.02
N TYR A 555 1.32 -41.85 -1.31
CA TYR A 555 0.43 -40.71 -1.42
C TYR A 555 -0.85 -40.90 -0.67
N SER A 556 -0.88 -41.76 0.32
CA SER A 556 -2.19 -42.04 0.96
C SER A 556 -2.56 -40.84 1.81
N GLY A 557 -3.85 -40.53 1.83
CA GLY A 557 -4.37 -39.26 2.31
C GLY A 557 -4.21 -38.15 1.28
N GLY A 558 -3.36 -38.35 0.28
CA GLY A 558 -2.85 -37.24 -0.50
C GLY A 558 -3.69 -36.73 -1.65
N ASP A 559 -4.88 -37.30 -1.86
CA ASP A 559 -5.80 -36.83 -2.91
C ASP A 559 -5.16 -36.86 -4.31
N ILE A 560 -4.48 -37.96 -4.66
CA ILE A 560 -3.74 -38.04 -5.90
C ILE A 560 -4.40 -38.99 -6.88
N TYR A 561 -4.44 -38.58 -8.15
CA TYR A 561 -4.97 -39.38 -9.25
C TYR A 561 -3.92 -39.53 -10.36
N HIS A 562 -4.01 -40.59 -11.17
CA HIS A 562 -3.08 -40.79 -12.32
C HIS A 562 -3.75 -41.30 -13.60
N SER B 1 -9.63 -16.22 23.73
CA SER B 1 -8.98 -16.85 24.93
C SER B 1 -8.58 -15.81 25.97
N MET B 2 -8.42 -16.25 27.20
CA MET B 2 -8.19 -15.35 28.32
C MET B 2 -6.76 -14.85 28.34
N SER B 3 -6.59 -13.57 28.66
CA SER B 3 -5.25 -12.98 28.73
C SER B 3 -4.45 -13.67 29.82
N TYR B 4 -5.14 -14.05 30.90
CA TYR B 4 -4.51 -14.70 32.03
C TYR B 4 -5.49 -15.67 32.71
N THR B 5 -5.01 -16.86 33.08
CA THR B 5 -5.71 -17.76 34.00
C THR B 5 -4.86 -17.93 35.24
N TRP B 6 -5.48 -17.88 36.41
CA TRP B 6 -4.76 -17.83 37.69
C TRP B 6 -5.03 -19.09 38.52
N THR B 7 -3.98 -19.61 39.14
CA THR B 7 -4.14 -20.75 40.01
C THR B 7 -4.77 -20.35 41.34
N GLY B 8 -4.55 -19.09 41.76
CA GLY B 8 -4.97 -18.62 43.07
C GLY B 8 -3.80 -18.35 44.00
N ALA B 9 -2.62 -18.85 43.64
CA ALA B 9 -1.40 -18.54 44.40
C ALA B 9 -1.05 -17.05 44.23
N LEU B 10 -0.39 -16.46 45.22
CA LEU B 10 -0.21 -15.02 45.27
C LEU B 10 0.97 -14.50 44.44
N ILE B 11 0.83 -13.27 43.97
CA ILE B 11 1.96 -12.56 43.39
C ILE B 11 2.78 -11.99 44.55
N THR B 12 3.95 -12.59 44.75
CA THR B 12 4.74 -12.46 45.97
C THR B 12 5.93 -11.54 45.79
N PRO B 13 6.18 -10.68 46.78
CA PRO B 13 7.37 -9.83 46.81
C PRO B 13 8.61 -10.63 47.14
N CYS B 14 9.76 -10.09 46.72
CA CYS B 14 11.06 -10.66 47.02
C CYS B 14 11.49 -10.24 48.43
N ALA B 15 11.36 -8.95 48.72
CA ALA B 15 11.78 -8.36 49.99
C ALA B 15 10.71 -7.40 50.53
N ALA B 16 11.00 -6.78 51.67
CA ALA B 16 10.10 -5.78 52.24
C ALA B 16 9.88 -4.66 51.23
N GLU B 17 8.61 -4.41 50.94
CA GLU B 17 8.27 -3.32 50.03
C GLU B 17 7.91 -2.08 50.83
N GLU B 18 8.75 -1.06 50.79
CA GLU B 18 8.38 0.22 51.39
C GLU B 18 7.21 0.82 50.57
N SER B 19 6.35 1.61 51.20
CA SER B 19 5.10 2.05 50.54
C SER B 19 4.69 3.52 50.79
N LYS B 20 4.76 3.97 52.04
CA LYS B 20 4.53 5.37 52.37
C LYS B 20 5.90 6.03 52.48
N LEU B 21 5.94 7.35 52.65
CA LEU B 21 7.19 8.13 52.66
C LEU B 21 7.77 8.14 54.08
N PRO B 22 9.11 7.98 54.24
CA PRO B 22 9.66 8.15 55.59
C PRO B 22 9.82 9.61 55.98
N ASN B 28 10.91 16.83 53.61
CA ASN B 28 10.12 18.02 53.82
C ASN B 28 10.62 19.22 53.01
N SER B 29 11.93 19.29 52.70
CA SER B 29 12.50 20.44 51.95
C SER B 29 11.91 20.58 50.56
N LEU B 30 11.76 19.42 49.91
CA LEU B 30 11.12 19.34 48.62
C LEU B 30 9.62 19.48 48.82
N LEU B 31 8.99 18.53 49.52
CA LEU B 31 7.54 18.60 49.70
C LEU B 31 7.06 18.24 51.11
N ARG B 32 6.06 18.98 51.60
CA ARG B 32 5.60 18.87 52.99
C ARG B 32 4.53 17.83 53.15
N HIS B 33 3.70 17.64 52.13
CA HIS B 33 2.54 16.74 52.21
C HIS B 33 2.90 15.29 51.88
N HIS B 34 3.77 14.72 52.71
CA HIS B 34 4.31 13.35 52.55
C HIS B 34 3.25 12.25 52.42
N ASN B 35 2.10 12.41 53.07
CA ASN B 35 0.98 11.46 52.97
C ASN B 35 0.21 11.44 51.66
N MET B 36 0.44 12.40 50.77
CA MET B 36 -0.11 12.36 49.42
C MET B 36 0.68 11.43 48.49
N VAL B 37 1.86 10.95 48.94
CA VAL B 37 2.77 10.16 48.12
C VAL B 37 2.87 8.70 48.59
N TYR B 38 2.31 7.80 47.78
CA TYR B 38 2.42 6.36 47.99
C TYR B 38 3.27 5.75 46.90
N ALA B 39 3.75 4.53 47.16
CA ALA B 39 4.32 3.64 46.16
C ALA B 39 3.42 2.44 46.06
N THR B 40 3.44 1.76 44.92
CA THR B 40 2.61 0.58 44.76
C THR B 40 3.35 -0.66 45.28
N THR B 41 2.61 -1.58 45.87
CA THR B 41 3.13 -2.86 46.34
C THR B 41 2.37 -4.06 45.75
N SER B 42 2.85 -5.25 46.08
CA SER B 42 2.14 -6.49 45.74
C SER B 42 0.80 -6.62 46.50
N ARG B 43 0.57 -5.77 47.50
CA ARG B 43 -0.75 -5.75 48.13
C ARG B 43 -1.88 -5.38 47.15
N SER B 44 -1.62 -4.47 46.23
CA SER B 44 -2.61 -4.09 45.24
C SER B 44 -2.66 -5.05 44.03
N ALA B 45 -1.87 -6.13 44.07
CA ALA B 45 -1.78 -7.10 42.95
C ALA B 45 -3.11 -7.73 42.53
N GLY B 46 -3.99 -7.99 43.49
CA GLY B 46 -5.32 -8.53 43.20
C GLY B 46 -6.11 -7.61 42.30
N LEU B 47 -6.05 -6.31 42.56
CA LEU B 47 -6.83 -5.35 41.78
C LEU B 47 -6.38 -5.32 40.33
N ARG B 48 -5.08 -5.43 40.06
CA ARG B 48 -4.56 -5.39 38.69
C ARG B 48 -4.94 -6.67 37.97
N GLN B 49 -4.64 -7.78 38.63
CA GLN B 49 -5.14 -9.06 38.23
C GLN B 49 -6.55 -8.91 37.67
N LYS B 50 -7.47 -8.28 38.40
CA LYS B 50 -8.85 -8.15 37.93
C LYS B 50 -8.92 -7.33 36.64
N LYS B 51 -8.24 -6.18 36.64
CA LYS B 51 -8.26 -5.28 35.48
C LYS B 51 -7.75 -5.97 34.22
N VAL B 52 -6.61 -6.66 34.32
CA VAL B 52 -5.90 -7.11 33.13
C VAL B 52 -6.30 -8.49 32.59
N THR B 53 -7.26 -9.13 33.25
CA THR B 53 -7.71 -10.47 32.82
C THR B 53 -9.13 -10.45 32.28
N PHE B 54 -9.27 -10.94 31.05
CA PHE B 54 -10.53 -10.95 30.28
C PHE B 54 -10.28 -11.67 28.95
N ASP B 55 -11.35 -12.01 28.23
CA ASP B 55 -11.26 -12.74 26.96
C ASP B 55 -11.04 -11.69 25.89
N ARG B 56 -10.40 -12.05 24.79
CA ARG B 56 -10.31 -11.20 23.64
C ARG B 56 -11.03 -11.91 22.53
N LEU B 57 -12.00 -11.24 21.91
CA LEU B 57 -12.52 -11.61 20.59
C LEU B 57 -11.84 -10.65 19.59
N GLN B 58 -11.31 -11.17 18.51
CA GLN B 58 -10.55 -10.35 17.57
C GLN B 58 -10.91 -10.70 16.12
N VAL B 59 -11.18 -9.66 15.33
CA VAL B 59 -11.76 -9.83 14.00
C VAL B 59 -11.12 -8.79 13.06
N LEU B 60 -10.42 -9.28 12.06
CA LEU B 60 -9.65 -8.42 11.18
C LEU B 60 -10.41 -8.26 9.85
N ASP B 61 -10.08 -7.22 9.11
CA ASP B 61 -10.80 -6.88 7.90
C ASP B 61 -9.79 -6.60 6.80
N ASP B 62 -10.23 -6.03 5.68
CA ASP B 62 -9.34 -5.80 4.55
C ASP B 62 -8.28 -4.73 4.83
N HIS B 63 -8.65 -3.72 5.62
CA HIS B 63 -7.74 -2.61 5.96
C HIS B 63 -6.58 -3.11 6.78
N TYR B 64 -6.87 -3.82 7.86
CA TYR B 64 -5.81 -4.49 8.61
C TYR B 64 -4.88 -5.26 7.65
N ARG B 65 -5.43 -6.16 6.85
CA ARG B 65 -4.61 -7.01 5.96
C ARG B 65 -3.81 -6.24 4.93
N ASP B 66 -4.28 -5.05 4.56
CA ASP B 66 -3.58 -4.21 3.57
C ASP B 66 -2.41 -3.47 4.19
N VAL B 67 -2.63 -2.97 5.41
CA VAL B 67 -1.55 -2.32 6.14
C VAL B 67 -0.45 -3.36 6.40
N LEU B 68 -0.83 -4.53 6.88
CA LEU B 68 0.13 -5.61 7.14
C LEU B 68 1.02 -5.91 5.94
N LYS B 69 0.40 -6.10 4.78
CA LYS B 69 1.11 -6.39 3.54
C LYS B 69 2.06 -5.26 3.11
N GLU B 70 1.69 -4.01 3.30
CA GLU B 70 2.66 -2.92 3.11
C GLU B 70 3.76 -2.95 4.17
N MET B 71 3.39 -3.12 5.44
CA MET B 71 4.37 -3.33 6.51
C MET B 71 5.36 -4.44 6.18
N LYS B 72 4.87 -5.57 5.70
CA LYS B 72 5.74 -6.69 5.32
C LYS B 72 6.75 -6.32 4.21
N ALA B 73 6.24 -5.62 3.20
CA ALA B 73 7.03 -5.20 2.06
C ALA B 73 8.26 -4.44 2.55
N LYS B 74 8.04 -3.51 3.49
CA LYS B 74 9.13 -2.72 4.07
C LYS B 74 10.10 -3.55 4.92
N ALA B 75 9.60 -4.36 5.81
CA ALA B 75 10.44 -5.29 6.53
C ALA B 75 11.29 -6.14 5.56
N SER B 76 10.72 -6.55 4.44
CA SER B 76 11.42 -7.35 3.42
C SER B 76 12.69 -6.70 2.85
N THR B 77 12.88 -5.41 3.13
CA THR B 77 14.07 -4.67 2.68
C THR B 77 15.15 -4.47 3.74
N VAL B 78 15.15 -5.24 4.83
CA VAL B 78 16.03 -5.01 5.97
C VAL B 78 16.93 -6.21 6.25
N LYS B 79 18.24 -6.03 6.16
CA LYS B 79 19.15 -7.05 6.63
C LYS B 79 19.33 -6.80 8.12
N ALA B 80 19.54 -7.88 8.86
CA ALA B 80 19.79 -7.80 10.29
C ALA B 80 20.64 -9.00 10.71
N LYS B 81 21.53 -8.78 11.64
CA LYS B 81 22.52 -9.76 11.87
C LYS B 81 22.45 -10.31 13.28
N LEU B 82 22.96 -11.53 13.39
CA LEU B 82 23.05 -12.23 14.63
C LEU B 82 24.10 -11.50 15.48
N LEU B 83 23.73 -11.15 16.70
CA LEU B 83 24.65 -10.59 17.67
C LEU B 83 25.40 -11.75 18.38
N SER B 84 26.69 -11.56 18.67
CA SER B 84 27.51 -12.61 19.31
C SER B 84 27.32 -12.50 20.79
N VAL B 85 27.67 -13.58 21.49
CA VAL B 85 27.49 -13.69 22.95
C VAL B 85 28.12 -12.48 23.62
N GLU B 86 29.34 -12.15 23.17
CA GLU B 86 30.08 -10.97 23.67
C GLU B 86 29.20 -9.72 23.58
N GLU B 87 28.81 -9.38 22.35
CA GLU B 87 28.02 -8.18 22.11
C GLU B 87 26.74 -8.11 23.01
N ALA B 88 26.05 -9.24 23.16
CA ALA B 88 24.84 -9.30 23.95
C ALA B 88 25.13 -9.38 25.46
N CYS B 89 26.24 -9.99 25.82
CA CYS B 89 26.65 -9.96 27.23
C CYS B 89 26.89 -8.54 27.68
N LYS B 90 27.49 -7.74 26.81
CA LYS B 90 27.87 -6.37 27.09
C LYS B 90 26.69 -5.42 27.25
N LEU B 91 25.56 -5.74 26.62
CA LEU B 91 24.35 -4.93 26.75
C LEU B 91 23.59 -5.17 28.05
N THR B 92 23.94 -6.20 28.79
CA THR B 92 23.27 -6.52 30.04
C THR B 92 23.62 -5.49 31.15
N PRO B 93 22.59 -4.83 31.71
CA PRO B 93 22.77 -4.04 32.93
C PRO B 93 23.55 -4.75 34.04
N PRO B 94 24.43 -4.02 34.75
CA PRO B 94 25.17 -4.67 35.81
C PRO B 94 24.26 -5.23 36.89
N HIS B 95 23.12 -4.59 37.15
CA HIS B 95 22.25 -5.01 38.26
C HIS B 95 20.98 -5.74 37.82
N SER B 96 21.02 -6.35 36.64
CA SER B 96 19.95 -7.22 36.15
C SER B 96 19.83 -8.48 36.98
N ALA B 97 18.61 -8.88 37.30
CA ALA B 97 18.33 -10.17 38.00
C ALA B 97 19.23 -11.32 37.56
N LYS B 98 19.70 -12.09 38.54
CA LYS B 98 20.58 -13.22 38.27
C LYS B 98 19.79 -14.35 37.61
N SER B 99 20.51 -15.28 37.03
CA SER B 99 19.88 -16.48 36.54
C SER B 99 19.67 -17.45 37.68
N LYS B 100 18.64 -18.28 37.57
CA LYS B 100 18.44 -19.34 38.55
C LYS B 100 19.32 -20.55 38.27
N PHE B 101 20.22 -20.45 37.29
CA PHE B 101 21.18 -21.51 37.01
C PHE B 101 22.60 -21.15 37.44
N GLY B 102 22.75 -20.46 38.58
CA GLY B 102 24.07 -20.27 39.21
C GLY B 102 25.08 -19.31 38.58
N TYR B 103 24.59 -18.17 38.07
CA TYR B 103 25.41 -17.01 37.78
C TYR B 103 24.49 -15.79 37.79
N GLY B 104 25.10 -14.60 37.76
CA GLY B 104 24.38 -13.35 37.63
C GLY B 104 24.92 -12.52 36.49
N ALA B 105 24.40 -11.31 36.41
CA ALA B 105 24.74 -10.35 35.37
C ALA B 105 26.23 -10.00 35.30
N LYS B 106 26.92 -10.03 36.43
CA LYS B 106 28.34 -9.65 36.47
C LYS B 106 29.09 -10.74 35.72
N ASP B 107 28.78 -12.00 36.06
CA ASP B 107 29.35 -13.17 35.38
C ASP B 107 29.09 -13.09 33.86
N VAL B 108 27.90 -12.64 33.47
CA VAL B 108 27.59 -12.41 32.05
C VAL B 108 28.48 -11.32 31.48
N ARG B 109 28.43 -10.13 32.08
CA ARG B 109 29.25 -8.98 31.59
C ARG B 109 30.75 -9.34 31.46
N ASN B 110 31.27 -10.15 32.37
CA ASN B 110 32.69 -10.55 32.31
C ASN B 110 32.98 -11.81 31.47
N LEU B 111 32.00 -12.29 30.71
CA LEU B 111 32.18 -13.48 29.87
C LEU B 111 32.70 -14.66 30.66
N SER B 112 32.21 -14.82 31.89
CA SER B 112 32.39 -16.08 32.61
C SER B 112 31.95 -17.19 31.65
N SER B 113 32.86 -18.14 31.41
CA SER B 113 32.60 -19.29 30.53
C SER B 113 31.51 -20.18 31.12
N LYS B 114 31.28 -20.04 32.42
CA LYS B 114 30.12 -20.64 33.02
C LYS B 114 28.81 -19.98 32.50
N ALA B 115 28.74 -18.65 32.62
CA ALA B 115 27.62 -17.86 32.09
C ALA B 115 27.48 -18.08 30.61
N VAL B 116 28.60 -18.09 29.90
CA VAL B 116 28.59 -18.13 28.45
C VAL B 116 28.19 -19.51 27.94
N ASN B 117 28.66 -20.55 28.61
CA ASN B 117 28.29 -21.92 28.24
C ASN B 117 26.84 -22.26 28.63
N HIS B 118 26.30 -21.63 29.67
CA HIS B 118 24.88 -21.81 29.94
C HIS B 118 24.03 -21.11 28.85
N ILE B 119 24.49 -19.95 28.43
CA ILE B 119 23.87 -19.28 27.32
C ILE B 119 23.93 -20.14 26.04
N HIS B 120 25.00 -20.89 25.80
CA HIS B 120 25.04 -21.77 24.61
C HIS B 120 23.99 -22.85 24.75
N SER B 121 23.80 -23.38 25.95
CA SER B 121 22.86 -24.48 26.13
C SER B 121 21.42 -24.01 26.00
N VAL B 122 21.13 -22.76 26.41
CA VAL B 122 19.80 -22.15 26.15
C VAL B 122 19.61 -21.87 24.64
N TRP B 123 20.65 -21.49 23.93
CA TRP B 123 20.55 -21.27 22.49
C TRP B 123 20.27 -22.59 21.76
N LYS B 124 21.02 -23.63 22.09
CA LYS B 124 20.88 -24.94 21.45
C LYS B 124 19.47 -25.42 21.62
N ASP B 125 18.96 -25.31 22.84
CA ASP B 125 17.61 -25.75 23.13
C ASP B 125 16.55 -24.90 22.42
N LEU B 126 16.80 -23.60 22.21
CA LEU B 126 15.89 -22.81 21.36
C LEU B 126 15.88 -23.29 19.90
N LEU B 127 17.00 -23.85 19.44
CA LEU B 127 17.11 -24.30 18.04
C LEU B 127 16.35 -25.59 17.75
N GLU B 128 16.25 -26.49 18.74
CA GLU B 128 15.64 -27.85 18.58
C GLU B 128 14.17 -27.91 18.90
N ASP B 129 13.75 -27.08 19.84
CA ASP B 129 12.41 -27.10 20.44
C ASP B 129 11.77 -25.72 20.26
N THR B 130 10.65 -25.69 19.52
CA THR B 130 9.82 -24.51 19.31
C THR B 130 8.44 -24.51 19.99
N VAL B 131 8.15 -25.48 20.84
CA VAL B 131 6.82 -25.61 21.40
C VAL B 131 6.77 -25.41 22.89
N THR B 132 7.72 -26.01 23.62
CA THR B 132 7.63 -26.09 25.07
C THR B 132 7.68 -24.69 25.70
N PRO B 133 6.65 -24.29 26.49
CA PRO B 133 6.70 -22.92 27.02
C PRO B 133 7.91 -22.70 27.93
N ILE B 134 8.46 -21.49 27.87
CA ILE B 134 9.61 -21.13 28.69
C ILE B 134 9.07 -20.42 29.92
N ASP B 135 9.68 -20.70 31.06
CA ASP B 135 9.21 -20.15 32.31
C ASP B 135 9.41 -18.65 32.31
N THR B 136 8.50 -17.96 33.01
CA THR B 136 8.65 -16.57 33.34
C THR B 136 8.40 -16.38 34.82
N THR B 137 8.99 -15.33 35.37
CA THR B 137 8.71 -14.86 36.71
C THR B 137 7.65 -13.76 36.65
N ILE B 138 6.75 -13.69 37.60
CA ILE B 138 5.79 -12.58 37.63
C ILE B 138 5.93 -11.83 38.92
N MET B 139 5.84 -10.51 38.82
CA MET B 139 6.17 -9.65 39.92
C MET B 139 5.36 -8.34 39.86
N ALA B 140 5.00 -7.84 41.01
CA ALA B 140 4.33 -6.57 41.10
C ALA B 140 5.39 -5.46 41.10
N LYS B 141 5.27 -4.47 40.20
CA LYS B 141 6.19 -3.31 40.16
C LYS B 141 6.02 -2.42 41.39
N ASN B 142 7.12 -1.80 41.82
CA ASN B 142 7.08 -0.81 42.89
C ASN B 142 7.27 0.61 42.32
N GLU B 143 6.21 1.19 41.78
CA GLU B 143 6.26 2.55 41.25
C GLU B 143 5.70 3.53 42.26
N VAL B 144 6.21 4.76 42.28
CA VAL B 144 5.71 5.86 43.13
C VAL B 144 4.80 6.85 42.36
N PHE B 145 3.83 7.41 43.09
CA PHE B 145 2.79 8.29 42.53
C PHE B 145 2.32 9.30 43.56
N CYS B 146 1.53 10.28 43.11
CA CYS B 146 0.74 11.13 43.99
C CYS B 146 -0.73 10.65 44.00
N VAL B 147 -1.44 11.07 45.04
CA VAL B 147 -2.84 10.72 45.27
C VAL B 147 -3.77 11.36 44.21
N GLN B 148 -4.96 10.76 44.01
CA GLN B 148 -6.03 11.29 43.12
C GLN B 148 -5.55 11.60 41.69
N ARG B 154 -6.67 5.83 43.14
CA ARG B 154 -5.37 5.15 43.41
C ARG B 154 -5.01 4.01 42.45
N LYS B 155 -3.70 3.85 42.20
CA LYS B 155 -3.20 2.96 41.12
C LYS B 155 -2.66 1.66 41.69
N PRO B 156 -3.25 0.54 41.27
CA PRO B 156 -2.71 -0.73 41.74
C PRO B 156 -1.51 -1.09 40.91
N ALA B 157 -0.50 -1.69 41.54
CA ALA B 157 0.75 -2.05 40.87
C ALA B 157 0.57 -2.70 39.49
N ARG B 158 1.39 -2.31 38.51
CA ARG B 158 1.47 -3.06 37.27
C ARG B 158 2.11 -4.43 37.50
N LEU B 159 1.79 -5.38 36.62
CA LEU B 159 2.40 -6.70 36.64
C LEU B 159 3.56 -6.73 35.67
N ILE B 160 4.78 -6.89 36.16
CA ILE B 160 5.92 -7.08 35.24
C ILE B 160 6.04 -8.60 35.11
N VAL B 161 6.39 -9.06 33.91
CA VAL B 161 6.58 -10.50 33.60
C VAL B 161 7.85 -10.69 32.74
N PHE B 162 8.69 -11.68 33.11
CA PHE B 162 10.00 -11.84 32.44
C PHE B 162 10.65 -13.25 32.62
N PRO B 163 11.45 -13.67 31.62
CA PRO B 163 12.23 -14.90 31.67
C PRO B 163 13.55 -14.76 32.40
N ASP B 164 14.13 -15.90 32.74
CA ASP B 164 15.51 -16.03 33.26
C ASP B 164 16.61 -15.38 32.39
N LEU B 165 17.68 -14.90 33.03
CA LEU B 165 18.76 -14.15 32.35
C LEU B 165 19.34 -14.81 31.09
N GLY B 166 19.44 -16.14 31.09
CA GLY B 166 20.00 -16.85 29.94
C GLY B 166 19.16 -16.65 28.68
N VAL B 167 17.85 -16.62 28.87
CA VAL B 167 16.95 -16.40 27.77
C VAL B 167 17.16 -14.96 27.31
N ARG B 168 17.21 -14.03 28.26
CA ARG B 168 17.28 -12.61 27.94
C ARG B 168 18.48 -12.28 27.05
N VAL B 169 19.60 -12.96 27.27
CA VAL B 169 20.79 -12.82 26.46
C VAL B 169 20.58 -13.41 25.08
N CYS B 170 19.89 -14.55 25.02
CA CYS B 170 19.64 -15.18 23.73
C CYS B 170 18.69 -14.30 22.92
N GLU B 171 17.75 -13.61 23.60
CA GLU B 171 16.87 -12.66 22.92
C GLU B 171 17.65 -11.52 22.23
N LYS B 172 18.60 -10.95 22.94
CA LYS B 172 19.48 -9.98 22.33
C LYS B 172 20.14 -10.57 21.09
N MET B 173 20.75 -11.73 21.23
CA MET B 173 21.55 -12.25 20.14
C MET B 173 20.73 -12.23 18.84
N ALA B 174 19.54 -12.82 18.89
CA ALA B 174 18.68 -13.00 17.71
C ALA B 174 17.91 -11.73 17.29
N LEU B 175 17.52 -10.92 18.26
CA LEU B 175 16.58 -9.83 18.01
C LEU B 175 17.02 -8.42 18.37
N TYR B 176 18.14 -8.23 19.07
CA TYR B 176 18.62 -6.87 19.33
C TYR B 176 18.71 -6.06 18.02
N ASP B 177 19.37 -6.56 16.98
CA ASP B 177 19.52 -5.78 15.76
C ASP B 177 18.21 -5.56 14.98
N VAL B 178 17.26 -6.49 15.09
CA VAL B 178 15.94 -6.29 14.48
C VAL B 178 15.16 -5.15 15.12
N VAL B 179 15.07 -5.17 16.45
CA VAL B 179 14.25 -4.21 17.19
C VAL B 179 14.85 -2.80 17.15
N SER B 180 16.17 -2.72 16.97
CA SER B 180 16.86 -1.42 16.87
C SER B 180 16.75 -0.76 15.47
N THR B 181 16.39 -1.55 14.46
CA THR B 181 16.51 -1.21 13.04
C THR B 181 15.22 -1.32 12.23
N LEU B 182 14.39 -2.31 12.53
CA LEU B 182 13.14 -2.57 11.78
C LEU B 182 12.03 -1.52 11.95
N PRO B 183 11.62 -1.22 13.19
CA PRO B 183 10.50 -0.30 13.31
C PRO B 183 10.61 1.03 12.50
N GLN B 184 11.81 1.58 12.33
CA GLN B 184 11.97 2.87 11.64
C GLN B 184 11.78 2.71 10.14
N VAL B 185 12.28 1.61 9.60
CA VAL B 185 12.03 1.31 8.21
C VAL B 185 10.56 1.06 7.98
N VAL B 186 9.93 0.27 8.84
CA VAL B 186 8.54 -0.09 8.58
C VAL B 186 7.59 1.08 8.72
N MET B 187 7.81 1.95 9.69
CA MET B 187 6.84 3.00 10.06
C MET B 187 7.26 4.43 9.77
N GLY B 188 8.45 4.63 9.17
CA GLY B 188 8.94 5.97 8.87
C GLY B 188 8.68 7.01 9.97
N SER B 189 8.20 8.19 9.55
CA SER B 189 7.97 9.29 10.46
C SER B 189 7.15 8.92 11.68
N SER B 190 6.34 7.87 11.60
CA SER B 190 5.57 7.42 12.77
C SER B 190 6.38 6.82 13.93
N TYR B 191 7.53 6.20 13.70
CA TYR B 191 8.19 5.52 14.81
C TYR B 191 8.61 6.57 15.80
N GLY B 192 8.00 6.55 16.99
CA GLY B 192 8.21 7.64 17.96
C GLY B 192 9.59 7.75 18.59
N PHE B 193 10.22 6.59 18.77
CA PHE B 193 11.45 6.47 19.54
C PHE B 193 12.70 6.92 18.78
N GLN B 194 12.57 7.29 17.50
CA GLN B 194 13.67 7.93 16.77
C GLN B 194 13.79 9.41 17.07
N TYR B 195 12.92 9.97 17.93
CA TYR B 195 12.90 11.43 18.16
C TYR B 195 13.44 11.80 19.54
N SER B 196 14.43 12.69 19.57
CA SER B 196 14.73 13.45 20.78
C SER B 196 13.50 14.25 21.22
N PRO B 197 13.57 14.87 22.38
CA PRO B 197 12.40 15.67 22.81
C PRO B 197 12.17 16.88 21.91
N GLY B 198 13.25 17.61 21.64
CA GLY B 198 13.24 18.70 20.68
C GLY B 198 12.89 18.24 19.30
N GLN B 199 13.34 17.06 18.90
CA GLN B 199 12.91 16.50 17.63
C GLN B 199 11.43 16.10 17.64
N ARG B 200 10.95 15.63 18.78
CA ARG B 200 9.54 15.24 18.90
C ARG B 200 8.56 16.44 18.83
N VAL B 201 8.89 17.54 19.51
CA VAL B 201 8.07 18.76 19.37
C VAL B 201 8.08 19.31 17.96
N GLU B 202 9.25 19.25 17.33
CA GLU B 202 9.42 19.79 16.03
C GLU B 202 8.45 19.16 15.05
N PHE B 203 8.26 17.84 15.17
CA PHE B 203 7.43 17.08 14.25
C PHE B 203 5.95 17.08 14.55
N LEU B 204 5.58 17.25 15.82
CA LEU B 204 4.18 17.46 16.15
C LEU B 204 3.75 18.80 15.60
N VAL B 205 4.52 19.84 15.91
CA VAL B 205 4.15 21.21 15.55
C VAL B 205 4.06 21.40 14.02
N ASN B 206 5.07 20.91 13.31
CA ASN B 206 5.07 21.02 11.87
C ASN B 206 3.95 20.16 11.23
N THR B 207 3.69 18.95 11.75
CA THR B 207 2.61 18.19 11.11
C THR B 207 1.32 18.92 11.42
N TRP B 208 1.23 19.57 12.58
CA TRP B 208 0.06 20.36 12.90
C TRP B 208 -0.07 21.57 11.97
N LYS B 209 0.99 22.36 11.85
CA LYS B 209 0.98 23.55 11.00
C LYS B 209 0.84 23.27 9.51
N SER B 210 1.08 22.02 9.08
CA SER B 210 1.03 21.63 7.66
C SER B 210 -0.35 21.27 7.20
N LYS B 211 -1.22 20.91 8.15
CA LYS B 211 -2.63 20.68 7.81
C LYS B 211 -3.31 22.01 7.47
N LYS B 212 -4.29 21.99 6.57
CA LYS B 212 -5.08 23.21 6.25
C LYS B 212 -5.91 23.63 7.46
N ASN B 213 -6.53 22.63 8.07
CA ASN B 213 -7.46 22.84 9.17
C ASN B 213 -7.40 21.62 10.11
N PRO B 214 -6.45 21.66 11.06
CA PRO B 214 -6.03 20.46 11.78
C PRO B 214 -6.99 19.97 12.87
N MET B 215 -7.02 18.67 13.06
CA MET B 215 -7.58 18.10 14.26
C MET B 215 -6.63 16.99 14.68
N GLY B 216 -6.57 16.73 15.98
CA GLY B 216 -5.83 15.59 16.48
C GLY B 216 -6.54 14.91 17.63
N PHE B 217 -6.09 13.71 17.97
CA PHE B 217 -6.52 13.00 19.16
C PHE B 217 -5.45 11.98 19.58
N SER B 218 -5.32 11.78 20.87
CA SER B 218 -4.54 10.68 21.43
C SER B 218 -5.52 9.60 21.81
N TYR B 219 -5.16 8.34 21.64
CA TYR B 219 -6.11 7.24 21.81
C TYR B 219 -5.67 6.35 22.93
N ASP B 220 -6.34 6.41 24.09
CA ASP B 220 -5.91 5.60 25.22
C ASP B 220 -6.37 4.16 25.09
N THR B 221 -5.45 3.23 24.87
CA THR B 221 -5.82 1.81 24.82
C THR B 221 -5.83 1.18 26.22
N ARG B 222 -6.95 0.55 26.57
CA ARG B 222 -7.17 0.00 27.91
C ARG B 222 -6.31 -1.25 28.09
N CYS B 223 -5.34 -1.19 29.00
CA CYS B 223 -4.40 -2.28 29.32
C CYS B 223 -3.93 -2.99 28.07
N PHE B 224 -3.08 -2.32 27.30
CA PHE B 224 -2.70 -2.74 25.95
C PHE B 224 -2.09 -4.13 25.90
N ASP B 225 -1.12 -4.36 26.79
CA ASP B 225 -0.39 -5.63 26.91
C ASP B 225 -1.34 -6.82 26.93
N SER B 226 -2.35 -6.72 27.78
CA SER B 226 -3.40 -7.72 27.91
C SER B 226 -4.23 -7.90 26.66
N THR B 227 -4.40 -6.81 25.90
CA THR B 227 -5.19 -6.85 24.64
C THR B 227 -4.43 -7.50 23.47
N VAL B 228 -3.11 -7.57 23.58
CA VAL B 228 -2.29 -8.23 22.57
C VAL B 228 -2.64 -9.74 22.54
N THR B 229 -2.98 -10.22 21.36
CA THR B 229 -3.47 -11.58 21.20
C THR B 229 -2.29 -12.43 20.79
N GLU B 230 -2.48 -13.75 20.86
CA GLU B 230 -1.46 -14.72 20.48
C GLU B 230 -1.25 -14.52 18.97
N ASN B 231 -2.35 -14.29 18.25
CA ASN B 231 -2.28 -13.94 16.84
C ASN B 231 -1.54 -12.63 16.51
N ASP B 232 -1.76 -11.57 17.29
CA ASP B 232 -1.02 -10.33 17.09
C ASP B 232 0.48 -10.59 17.14
N ILE B 233 0.88 -11.47 18.05
CA ILE B 233 2.30 -11.76 18.36
C ILE B 233 2.93 -12.68 17.33
N ARG B 234 2.12 -13.55 16.72
CA ARG B 234 2.58 -14.37 15.62
C ARG B 234 2.73 -13.58 14.32
N VAL B 235 1.79 -12.67 14.07
CA VAL B 235 1.86 -11.75 12.94
C VAL B 235 3.16 -10.98 13.05
N GLU B 236 3.33 -10.34 14.20
CA GLU B 236 4.57 -9.58 14.50
C GLU B 236 5.79 -10.45 14.11
N GLU B 237 5.86 -11.65 14.67
CA GLU B 237 6.89 -12.59 14.32
C GLU B 237 7.04 -12.81 12.81
N SER B 238 5.93 -12.79 12.07
CA SER B 238 5.98 -13.03 10.62
C SER B 238 6.55 -11.82 9.89
N ILE B 239 6.26 -10.64 10.43
CA ILE B 239 6.98 -9.42 10.02
C ILE B 239 8.52 -9.57 10.25
N TYR B 240 8.95 -10.01 11.42
CA TYR B 240 10.37 -10.14 11.67
C TYR B 240 11.05 -11.05 10.60
N GLN B 241 10.37 -12.12 10.21
CA GLN B 241 10.93 -13.07 9.24
C GLN B 241 11.01 -12.59 7.79
N CYS B 242 10.29 -11.52 7.45
CA CYS B 242 10.47 -10.88 6.14
C CYS B 242 11.88 -10.27 5.99
N CYS B 243 12.57 -10.01 7.10
CA CYS B 243 13.95 -9.50 7.05
C CYS B 243 14.86 -10.60 6.60
N ASP B 244 15.99 -10.19 6.03
CA ASP B 244 17.12 -11.05 5.69
C ASP B 244 17.87 -11.33 6.98
N LEU B 245 17.88 -12.60 7.40
CA LEU B 245 18.42 -13.01 8.69
C LEU B 245 19.30 -14.28 8.61
N ALA B 246 20.13 -14.47 9.61
CA ALA B 246 20.94 -15.69 9.69
C ALA B 246 20.02 -16.89 10.02
N PRO B 247 20.25 -18.08 9.40
CA PRO B 247 19.30 -19.22 9.61
C PRO B 247 19.07 -19.56 11.07
N GLU B 248 20.13 -19.49 11.85
CA GLU B 248 20.10 -19.85 13.25
C GLU B 248 19.30 -18.81 14.06
N ALA B 249 19.25 -17.59 13.53
CA ALA B 249 18.42 -16.51 14.08
C ALA B 249 16.93 -16.64 13.72
N ARG B 250 16.62 -17.14 12.52
CA ARG B 250 15.25 -17.48 12.15
C ARG B 250 14.72 -18.55 13.08
N GLN B 251 15.56 -19.53 13.38
CA GLN B 251 15.17 -20.57 14.32
C GLN B 251 14.81 -19.98 15.67
N ALA B 252 15.79 -19.28 16.23
CA ALA B 252 15.67 -18.64 17.52
C ALA B 252 14.49 -17.66 17.59
N ILE B 253 14.21 -16.93 16.51
CA ILE B 253 13.04 -16.01 16.52
C ILE B 253 11.68 -16.75 16.52
N LYS B 254 11.47 -17.77 15.69
CA LYS B 254 10.20 -18.50 15.71
C LYS B 254 10.05 -19.13 17.04
N SER B 255 11.15 -19.67 17.50
CA SER B 255 11.14 -20.48 18.69
C SER B 255 10.92 -19.61 19.96
N LEU B 256 11.53 -18.42 20.02
CA LEU B 256 11.28 -17.52 21.12
C LEU B 256 9.86 -17.02 21.06
N THR B 257 9.31 -16.82 19.86
CA THR B 257 7.94 -16.33 19.83
C THR B 257 6.91 -17.41 20.20
N GLU B 258 7.13 -18.68 19.83
CA GLU B 258 6.19 -19.73 20.26
C GLU B 258 6.25 -20.12 21.76
N ARG B 259 7.44 -20.07 22.35
CA ARG B 259 7.69 -20.58 23.72
C ARG B 259 7.65 -19.51 24.86
N LEU B 260 7.56 -18.24 24.49
CA LEU B 260 7.75 -17.09 25.39
C LEU B 260 6.85 -15.87 25.03
N TYR B 261 6.98 -15.32 23.83
CA TYR B 261 6.23 -14.10 23.48
C TYR B 261 4.73 -14.38 23.48
N ILE B 262 4.36 -15.49 22.82
CA ILE B 262 2.96 -15.95 22.68
C ILE B 262 2.35 -16.22 24.03
N GLY B 263 3.18 -16.65 24.99
CA GLY B 263 2.73 -16.85 26.35
C GLY B 263 3.45 -18.00 27.03
N GLY B 264 3.05 -18.28 28.26
CA GLY B 264 3.66 -19.37 29.03
C GLY B 264 3.30 -19.30 30.50
N PRO B 265 3.80 -20.25 31.28
CA PRO B 265 3.49 -20.27 32.70
C PRO B 265 4.08 -19.08 33.44
N LEU B 266 3.44 -18.68 34.54
CA LEU B 266 3.88 -17.57 35.37
C LEU B 266 4.21 -18.11 36.75
N THR B 267 5.42 -17.81 37.21
CA THR B 267 5.92 -18.33 38.45
C THR B 267 6.34 -17.17 39.38
N ASN B 268 5.90 -17.19 40.63
CA ASN B 268 6.21 -16.09 41.55
C ASN B 268 7.64 -16.15 42.16
N SER B 269 7.96 -15.17 43.01
CA SER B 269 9.27 -15.12 43.68
C SER B 269 9.63 -16.39 44.47
N LYS B 270 8.60 -17.09 44.94
CA LYS B 270 8.80 -18.29 45.75
C LYS B 270 8.75 -19.63 44.99
N GLY B 271 8.72 -19.61 43.65
CA GLY B 271 8.72 -20.86 42.86
C GLY B 271 7.36 -21.51 42.56
N GLN B 272 6.26 -20.87 42.98
CA GLN B 272 4.94 -21.44 42.78
C GLN B 272 4.30 -20.97 41.49
N ASN B 273 3.49 -21.84 40.87
CA ASN B 273 2.74 -21.50 39.67
C ASN B 273 1.52 -20.63 39.98
N CYS B 274 1.54 -19.40 39.46
CA CYS B 274 0.43 -18.46 39.59
C CYS B 274 -0.59 -18.64 38.49
N GLY B 275 -0.14 -19.06 37.32
CA GLY B 275 -1.05 -19.21 36.20
C GLY B 275 -0.40 -19.27 34.84
N TYR B 276 -1.12 -18.77 33.83
CA TYR B 276 -0.65 -18.87 32.47
C TYR B 276 -1.02 -17.58 31.70
N ARG B 277 -0.10 -17.10 30.85
CA ARG B 277 -0.29 -15.86 30.11
C ARG B 277 -0.42 -16.17 28.62
N ARG B 278 -1.36 -15.50 27.96
CA ARG B 278 -1.51 -15.55 26.49
C ARG B 278 -1.67 -14.12 25.98
N CYS B 279 -0.71 -13.28 26.34
CA CYS B 279 -0.73 -11.85 26.00
C CYS B 279 0.68 -11.29 26.24
N ARG B 280 0.87 -10.04 25.87
CA ARG B 280 2.22 -9.50 25.84
C ARG B 280 2.84 -9.63 27.21
N ALA B 281 4.11 -10.04 27.24
CA ALA B 281 4.97 -9.96 28.41
C ALA B 281 5.59 -8.55 28.51
N SER B 282 5.36 -7.86 29.61
CA SER B 282 5.87 -6.51 29.73
C SER B 282 7.38 -6.47 29.61
N GLY B 283 8.06 -7.54 30.00
CA GLY B 283 9.50 -7.49 30.22
C GLY B 283 10.31 -8.40 29.31
N VAL B 284 10.22 -8.20 28.02
CA VAL B 284 10.99 -9.03 27.07
C VAL B 284 11.58 -8.07 26.04
N LEU B 285 12.60 -8.51 25.32
CA LEU B 285 13.30 -7.60 24.40
C LEU B 285 12.38 -7.04 23.32
N THR B 286 11.39 -7.84 22.88
CA THR B 286 10.52 -7.50 21.76
C THR B 286 9.24 -6.76 22.11
N THR B 287 9.04 -6.41 23.38
CA THR B 287 7.80 -5.78 23.85
C THR B 287 7.53 -4.42 23.20
N SER B 288 8.49 -3.51 23.27
CA SER B 288 8.33 -2.19 22.67
C SER B 288 8.23 -2.27 21.16
N CYS B 289 8.98 -3.15 20.53
CA CYS B 289 8.94 -3.24 19.09
C CYS B 289 7.56 -3.68 18.67
N GLY B 290 7.12 -4.73 19.34
CA GLY B 290 5.87 -5.36 19.03
C GLY B 290 4.74 -4.43 19.35
N ASN B 291 4.73 -3.87 20.55
CA ASN B 291 3.62 -3.01 20.90
C ASN B 291 3.50 -1.91 19.88
N THR B 292 4.64 -1.40 19.42
CA THR B 292 4.66 -0.34 18.43
C THR B 292 4.19 -0.83 17.08
N LEU B 293 4.67 -1.99 16.63
CA LEU B 293 4.24 -2.51 15.31
C LEU B 293 2.74 -2.82 15.38
N THR B 294 2.34 -3.47 16.44
CA THR B 294 0.95 -3.85 16.66
C THR B 294 0.06 -2.59 16.73
N CYS B 295 0.44 -1.60 17.51
CA CYS B 295 -0.40 -0.41 17.63
C CYS B 295 -0.45 0.36 16.30
N TYR B 296 0.68 0.41 15.59
CA TYR B 296 0.74 1.09 14.29
C TYR B 296 -0.08 0.37 13.24
N LEU B 297 -0.10 -0.96 13.30
CA LEU B 297 -0.87 -1.77 12.36
C LEU B 297 -2.36 -1.62 12.66
N LYS B 298 -2.75 -1.71 13.92
CA LYS B 298 -4.16 -1.58 14.25
C LYS B 298 -4.67 -0.17 13.95
N ALA B 299 -3.91 0.84 14.36
CA ALA B 299 -4.37 2.21 14.20
C ALA B 299 -4.34 2.72 12.76
N SER B 300 -3.39 2.27 11.94
CA SER B 300 -3.34 2.72 10.53
C SER B 300 -4.61 2.29 9.77
N ALA B 301 -4.93 1.00 9.88
CA ALA B 301 -6.16 0.43 9.37
C ALA B 301 -7.39 1.12 9.96
N ALA B 302 -7.33 1.46 11.24
CA ALA B 302 -8.43 2.19 11.84
C ALA B 302 -8.57 3.61 11.26
N CYS B 303 -7.47 4.22 10.83
CA CYS B 303 -7.61 5.49 10.10
C CYS B 303 -8.41 5.31 8.80
N ARG B 304 -8.12 4.23 8.07
CA ARG B 304 -8.75 3.98 6.77
C ARG B 304 -10.25 3.70 6.92
N ALA B 305 -10.61 2.92 7.94
CA ALA B 305 -12.02 2.62 8.24
C ALA B 305 -12.85 3.87 8.65
N ALA B 306 -12.26 4.76 9.42
CA ALA B 306 -12.90 6.03 9.76
C ALA B 306 -12.79 7.06 8.65
N LYS B 307 -12.07 6.75 7.58
CA LYS B 307 -11.92 7.67 6.44
C LYS B 307 -11.45 9.06 6.90
N LEU B 308 -10.45 9.05 7.79
CA LEU B 308 -9.72 10.23 8.21
C LEU B 308 -8.84 10.78 7.08
N GLN B 309 -8.84 12.10 6.88
CA GLN B 309 -8.07 12.69 5.77
C GLN B 309 -6.67 13.04 6.22
N ASP B 310 -5.68 12.55 5.47
CA ASP B 310 -4.29 12.96 5.63
C ASP B 310 -3.83 12.72 7.07
N CYS B 311 -3.95 11.49 7.51
CA CYS B 311 -3.45 11.08 8.81
C CYS B 311 -1.94 11.05 8.94
N THR B 312 -1.42 11.81 9.91
CA THR B 312 -0.07 11.64 10.39
C THR B 312 -0.17 11.05 11.78
N MET B 313 0.68 10.08 12.05
CA MET B 313 0.63 9.25 13.26
C MET B 313 1.96 9.16 13.98
N LEU B 314 1.87 9.10 15.30
CA LEU B 314 3.04 9.00 16.14
C LEU B 314 2.77 7.90 17.12
N VAL B 315 3.59 6.86 17.10
CA VAL B 315 3.38 5.72 17.98
C VAL B 315 4.62 5.51 18.87
N ASN B 316 4.37 5.23 20.15
CA ASN B 316 5.43 4.85 21.10
C ASN B 316 4.94 3.67 21.92
N GLY B 317 5.13 2.47 21.44
CA GLY B 317 4.52 1.33 22.09
C GLY B 317 3.02 1.47 22.01
N ASP B 318 2.35 1.49 23.16
CA ASP B 318 0.88 1.46 23.24
C ASP B 318 0.29 2.84 23.08
N ASP B 319 1.15 3.84 23.17
CA ASP B 319 0.79 5.26 23.18
C ASP B 319 0.68 5.85 21.79
N LEU B 320 -0.47 6.41 21.45
CA LEU B 320 -0.77 6.76 20.09
C LEU B 320 -1.28 8.19 19.91
N VAL B 321 -0.79 8.88 18.89
CA VAL B 321 -1.37 10.15 18.55
C VAL B 321 -1.67 10.25 17.08
N VAL B 322 -2.75 10.94 16.75
CA VAL B 322 -3.10 11.14 15.37
C VAL B 322 -3.35 12.62 15.13
N ILE B 323 -2.75 13.19 14.09
CA ILE B 323 -3.03 14.59 13.68
C ILE B 323 -3.41 14.59 12.19
N CYS B 324 -4.63 15.04 11.88
CA CYS B 324 -5.24 14.87 10.55
C CYS B 324 -5.99 16.12 10.13
N GLU B 325 -6.72 16.06 9.01
CA GLU B 325 -7.49 17.20 8.48
C GLU B 325 -8.90 17.15 9.04
N SER B 326 -9.41 18.28 9.54
CA SER B 326 -10.74 18.29 10.11
C SER B 326 -11.76 18.31 9.01
N ALA B 327 -12.77 17.47 9.15
CA ALA B 327 -13.88 17.38 8.19
C ALA B 327 -15.07 18.18 8.68
N GLY B 328 -14.85 19.06 9.66
CA GLY B 328 -15.91 19.76 10.39
C GLY B 328 -16.04 19.11 11.74
N THR B 329 -16.57 19.82 12.72
CA THR B 329 -16.69 19.32 14.09
C THR B 329 -17.53 18.06 14.32
N GLN B 330 -18.65 17.90 13.62
CA GLN B 330 -19.57 16.76 13.88
C GLN B 330 -19.10 15.50 13.18
N GLU B 331 -18.38 15.72 12.08
CA GLU B 331 -17.85 14.68 11.23
C GLU B 331 -16.61 14.09 11.91
N ASP B 332 -15.81 14.97 12.54
CA ASP B 332 -14.70 14.55 13.38
C ASP B 332 -15.16 13.59 14.49
N ALA B 333 -16.16 14.02 15.25
CA ALA B 333 -16.72 13.19 16.32
C ALA B 333 -17.19 11.82 15.81
N ALA B 334 -17.87 11.82 14.68
CA ALA B 334 -18.45 10.59 14.13
C ALA B 334 -17.33 9.62 13.76
N SER B 335 -16.30 10.16 13.12
CA SER B 335 -15.20 9.32 12.63
C SER B 335 -14.24 8.86 13.73
N LEU B 336 -14.17 9.61 14.84
CA LEU B 336 -13.54 9.11 16.06
C LEU B 336 -14.29 7.92 16.65
N ARG B 337 -15.61 7.95 16.56
CA ARG B 337 -16.41 6.81 17.01
C ARG B 337 -16.19 5.60 16.07
N VAL B 338 -16.00 5.88 14.76
CA VAL B 338 -15.72 4.79 13.80
C VAL B 338 -14.31 4.25 14.01
N PHE B 339 -13.36 5.15 14.31
CA PHE B 339 -11.98 4.75 14.66
C PHE B 339 -12.01 3.81 15.85
N THR B 340 -12.78 4.17 16.87
CA THR B 340 -12.83 3.37 18.07
C THR B 340 -13.45 2.01 17.80
N GLU B 341 -14.49 1.97 16.98
CA GLU B 341 -15.16 0.69 16.68
C GLU B 341 -14.21 -0.27 16.01
N ALA B 342 -13.43 0.24 15.05
CA ALA B 342 -12.37 -0.53 14.42
C ALA B 342 -11.33 -1.02 15.41
N MET B 343 -10.82 -0.15 16.28
CA MET B 343 -9.81 -0.56 17.27
C MET B 343 -10.35 -1.63 18.23
N THR B 344 -11.63 -1.58 18.55
CA THR B 344 -12.27 -2.60 19.38
C THR B 344 -12.38 -3.95 18.66
N ARG B 345 -12.65 -3.94 17.36
CA ARG B 345 -12.72 -5.18 16.61
C ARG B 345 -11.38 -5.88 16.68
N TYR B 346 -10.33 -5.09 16.47
CA TYR B 346 -8.97 -5.56 16.31
C TYR B 346 -8.33 -5.87 17.67
N SER B 347 -9.11 -5.73 18.74
CA SER B 347 -8.65 -5.95 20.12
C SER B 347 -7.74 -4.86 20.69
N ALA B 348 -8.11 -3.60 20.49
CA ALA B 348 -7.48 -2.51 21.22
C ALA B 348 -8.58 -1.47 21.54
N PRO B 349 -9.47 -1.85 22.46
CA PRO B 349 -10.55 -0.99 22.89
C PRO B 349 -10.00 0.12 23.77
N PRO B 350 -10.78 1.20 23.98
CA PRO B 350 -10.38 2.41 24.68
C PRO B 350 -10.44 2.27 26.18
N GLY B 351 -9.71 3.11 26.90
CA GLY B 351 -9.92 3.27 28.34
C GLY B 351 -10.83 4.48 28.48
N ASP B 352 -10.22 5.61 28.82
CA ASP B 352 -10.79 6.94 28.50
C ASP B 352 -11.19 6.90 27.03
N PRO B 353 -12.43 7.29 26.70
CA PRO B 353 -12.70 7.32 25.25
C PRO B 353 -11.96 8.49 24.55
N PRO B 354 -11.73 8.38 23.26
CA PRO B 354 -11.06 9.48 22.54
C PRO B 354 -11.96 10.67 22.23
N GLN B 355 -11.41 11.87 22.36
CA GLN B 355 -12.11 13.10 21.93
C GLN B 355 -11.29 13.91 20.90
N PRO B 356 -11.97 14.62 19.99
CA PRO B 356 -11.21 15.54 19.15
C PRO B 356 -10.66 16.80 19.88
N GLU B 357 -9.47 17.24 19.45
CA GLU B 357 -8.87 18.47 19.91
C GLU B 357 -8.49 19.36 18.73
N TYR B 358 -8.65 20.66 18.88
CA TYR B 358 -8.32 21.61 17.82
C TYR B 358 -7.18 22.52 18.26
N ASP B 359 -6.55 22.20 19.38
CA ASP B 359 -5.43 22.95 19.94
C ASP B 359 -4.32 21.93 20.31
N LEU B 360 -3.15 22.03 19.68
CA LEU B 360 -2.10 21.03 19.89
C LEU B 360 -1.71 20.88 21.37
N GLU B 361 -1.64 22.01 22.06
CA GLU B 361 -1.27 22.07 23.48
C GLU B 361 -2.16 21.28 24.42
N LEU B 362 -3.39 20.96 24.01
CA LEU B 362 -4.29 20.18 24.88
C LEU B 362 -4.14 18.66 24.69
N ILE B 363 -3.34 18.25 23.72
CA ILE B 363 -3.17 16.86 23.38
C ILE B 363 -2.00 16.31 24.19
N THR B 364 -2.28 15.31 25.04
CA THR B 364 -1.28 14.65 25.88
C THR B 364 -0.94 13.28 25.25
N SER B 365 0.30 13.11 24.81
CA SER B 365 0.80 11.81 24.33
C SER B 365 2.23 11.59 24.80
N CYS B 366 2.56 10.34 25.10
CA CYS B 366 3.76 10.00 25.87
C CYS B 366 3.83 10.89 27.12
N SER B 367 2.77 10.85 27.91
CA SER B 367 2.59 11.69 29.11
C SER B 367 3.09 13.16 29.02
N SER B 368 3.06 13.71 27.80
CA SER B 368 3.65 14.99 27.49
C SER B 368 2.71 15.84 26.66
N ASN B 369 3.05 17.10 26.50
CA ASN B 369 2.26 17.96 25.66
C ASN B 369 3.08 19.14 25.25
N VAL B 370 2.76 19.66 24.09
CA VAL B 370 3.47 20.77 23.54
C VAL B 370 3.07 22.03 24.29
N SER B 371 4.05 22.88 24.58
CA SER B 371 3.79 24.22 25.12
C SER B 371 4.78 25.22 24.49
N VAL B 372 4.60 26.49 24.80
CA VAL B 372 5.26 27.55 24.07
C VAL B 372 5.81 28.63 25.00
N ALA B 373 7.12 28.88 24.90
CA ALA B 373 7.78 29.93 25.63
C ALA B 373 8.54 30.80 24.62
N HIS B 374 9.41 31.70 25.08
CA HIS B 374 10.17 32.60 24.18
C HIS B 374 11.65 32.52 24.55
N ASP B 375 12.55 32.62 23.57
CA ASP B 375 14.01 32.67 23.82
C ASP B 375 14.54 34.11 24.04
N ALA B 376 15.84 34.28 24.24
CA ALA B 376 16.43 35.61 24.50
C ALA B 376 16.02 36.68 23.50
N SER B 377 15.80 36.30 22.25
CA SER B 377 15.47 37.23 21.21
C SER B 377 14.00 37.58 21.12
N GLY B 378 13.14 36.90 21.89
CA GLY B 378 11.68 37.07 21.77
C GLY B 378 10.97 36.06 20.87
N LYS B 379 11.69 35.48 19.91
CA LYS B 379 11.22 34.36 19.08
C LYS B 379 10.50 33.28 19.93
N ARG B 380 9.36 32.79 19.43
CA ARG B 380 8.56 31.80 20.17
C ARG B 380 9.16 30.40 19.97
N VAL B 381 9.41 29.67 21.06
CA VAL B 381 10.02 28.33 21.01
C VAL B 381 9.02 27.32 21.55
N TYR B 382 8.96 26.14 20.94
CA TYR B 382 8.02 25.07 21.36
C TYR B 382 8.81 24.02 22.09
N TYR B 383 8.33 23.56 23.23
CA TYR B 383 9.04 22.55 24.03
C TYR B 383 7.97 21.60 24.55
N LEU B 384 8.37 20.51 25.17
CA LEU B 384 7.46 19.49 25.64
C LEU B 384 7.48 19.51 27.13
N THR B 385 6.30 19.36 27.72
CA THR B 385 6.17 19.32 29.18
C THR B 385 5.07 18.39 29.67
N ARG B 386 4.88 18.35 30.99
CA ARG B 386 3.76 17.66 31.59
C ARG B 386 3.34 18.27 32.93
N ASP B 387 2.23 17.75 33.48
CA ASP B 387 1.97 17.89 34.88
C ASP B 387 3.24 17.38 35.57
N PRO B 388 3.81 18.18 36.50
CA PRO B 388 5.01 17.78 37.20
C PRO B 388 4.75 16.95 38.42
N THR B 389 3.49 16.57 38.66
CA THR B 389 3.10 15.96 39.91
C THR B 389 3.91 14.70 40.19
N THR B 390 3.97 13.82 39.20
CA THR B 390 4.66 12.56 39.41
C THR B 390 6.15 12.71 39.51
N PRO B 391 6.79 13.46 38.58
CA PRO B 391 8.24 13.66 38.72
C PRO B 391 8.68 14.16 40.10
N LEU B 392 7.94 15.16 40.61
CA LEU B 392 8.13 15.69 41.95
C LEU B 392 7.96 14.64 43.04
N ALA B 393 6.94 13.80 42.92
CA ALA B 393 6.72 12.71 43.89
C ALA B 393 7.92 11.80 43.98
N ARG B 394 8.41 11.38 42.81
CA ARG B 394 9.53 10.44 42.73
C ARG B 394 10.83 11.12 43.12
N ALA B 395 10.90 12.44 42.90
CA ALA B 395 12.04 13.22 43.36
C ALA B 395 12.17 13.21 44.90
N ALA B 396 11.03 13.29 45.57
CA ALA B 396 11.00 13.37 47.00
C ALA B 396 11.21 11.97 47.56
N TRP B 397 10.68 10.97 46.85
CA TRP B 397 10.86 9.60 47.27
C TRP B 397 12.31 9.19 47.18
N GLU B 398 13.00 9.73 46.18
CA GLU B 398 14.40 9.40 45.88
C GLU B 398 15.35 10.26 46.68
N THR B 399 14.84 11.38 47.19
CA THR B 399 15.59 12.28 48.07
C THR B 399 15.70 11.58 49.42
N ALA B 400 14.58 10.97 49.84
CA ALA B 400 14.48 10.37 51.17
C ALA B 400 15.05 8.96 51.22
N ARG B 401 14.44 8.03 50.49
CA ARG B 401 14.95 6.67 50.36
C ARG B 401 15.87 6.58 49.12
N HIS B 402 17.12 6.18 49.35
CA HIS B 402 18.13 6.13 48.30
C HIS B 402 17.91 4.93 47.35
N THR B 403 17.08 5.12 46.32
CA THR B 403 16.82 4.06 45.34
C THR B 403 18.01 3.89 44.37
N PRO B 404 18.17 2.68 43.79
CA PRO B 404 19.22 2.51 42.78
C PRO B 404 18.82 3.08 41.40
N VAL B 405 17.82 3.96 41.38
CA VAL B 405 17.29 4.54 40.15
C VAL B 405 16.97 6.02 40.41
N ASN B 406 17.34 6.87 39.44
CA ASN B 406 17.18 8.33 39.53
C ASN B 406 16.31 8.87 38.42
N SER B 407 14.99 8.87 38.64
CA SER B 407 14.06 9.48 37.70
C SER B 407 14.24 11.01 37.56
N TRP B 408 14.83 11.64 38.58
CA TRP B 408 15.10 13.08 38.56
C TRP B 408 16.02 13.53 37.42
N LEU B 409 17.09 12.77 37.20
CA LEU B 409 18.03 13.07 36.12
C LEU B 409 17.37 12.84 34.78
N GLY B 410 16.64 11.73 34.62
CA GLY B 410 15.90 11.46 33.38
C GLY B 410 14.97 12.61 33.04
N ASN B 411 14.22 13.04 34.06
CA ASN B 411 13.32 14.15 33.94
C ASN B 411 14.07 15.43 33.63
N ILE B 412 15.20 15.67 34.30
CA ILE B 412 16.03 16.83 33.95
C ILE B 412 16.40 16.70 32.47
N ILE B 413 16.82 15.52 32.02
CA ILE B 413 17.19 15.34 30.62
C ILE B 413 15.99 15.47 29.66
N MET B 414 14.93 14.71 29.87
CA MET B 414 13.76 14.80 29.00
C MET B 414 13.04 16.16 29.06
N TYR B 415 12.96 16.78 30.23
CA TYR B 415 12.20 18.02 30.36
C TYR B 415 13.02 19.27 30.74
N ALA B 416 14.26 19.36 30.26
CA ALA B 416 15.17 20.48 30.59
C ALA B 416 14.61 21.89 30.34
N PRO B 417 13.85 22.09 29.26
CA PRO B 417 13.34 23.45 29.03
C PRO B 417 12.18 23.85 29.88
N THR B 418 11.54 22.91 30.56
CA THR B 418 10.35 23.25 31.35
C THR B 418 10.67 24.19 32.50
N LEU B 419 9.73 25.10 32.75
CA LEU B 419 9.68 25.97 33.92
C LEU B 419 10.04 25.18 35.17
N TRP B 420 9.40 24.02 35.35
CA TRP B 420 9.52 23.24 36.59
C TRP B 420 10.80 22.42 36.77
N ALA B 421 11.29 21.79 35.71
CA ALA B 421 12.53 21.02 35.82
C ALA B 421 13.73 21.95 35.99
N ARG B 422 13.66 23.16 35.43
CA ARG B 422 14.72 24.14 35.64
C ARG B 422 14.74 24.76 37.05
N MET B 423 13.59 25.18 37.55
CA MET B 423 13.55 25.96 38.78
C MET B 423 13.54 25.04 39.99
N ILE B 424 12.95 23.86 39.80
CA ILE B 424 12.82 22.91 40.89
C ILE B 424 13.82 21.79 40.82
N LEU B 425 13.81 20.99 39.76
CA LEU B 425 14.60 19.77 39.76
C LEU B 425 16.08 20.05 39.68
N MET B 426 16.51 20.96 38.83
CA MET B 426 17.95 21.30 38.73
C MET B 426 18.51 21.85 40.04
N THR B 427 17.74 22.73 40.66
CA THR B 427 18.13 23.44 41.85
C THR B 427 18.23 22.51 43.04
N HIS B 428 17.23 21.63 43.15
CA HIS B 428 17.11 20.79 44.32
C HIS B 428 18.20 19.74 44.33
N PHE B 429 18.46 19.12 43.20
CA PHE B 429 19.47 18.08 43.19
C PHE B 429 20.89 18.58 43.08
N PHE B 430 21.13 19.68 42.36
CA PHE B 430 22.49 20.23 42.32
C PHE B 430 22.89 20.71 43.72
N SER B 431 21.91 21.12 44.51
CA SER B 431 22.15 21.41 45.91
C SER B 431 22.62 20.15 46.66
N ILE B 432 21.84 19.09 46.56
CA ILE B 432 22.19 17.82 47.22
C ILE B 432 23.54 17.28 46.76
N LEU B 433 23.88 17.52 45.49
CA LEU B 433 25.12 17.01 44.95
C LEU B 433 26.27 17.82 45.51
N LEU B 434 26.08 19.14 45.60
CA LEU B 434 27.05 20.04 46.22
C LEU B 434 27.39 19.59 47.66
N ALA B 435 26.35 19.37 48.46
CA ALA B 435 26.52 19.10 49.86
C ALA B 435 27.15 17.74 50.16
N GLN B 436 27.27 16.86 49.17
CA GLN B 436 27.88 15.57 49.43
C GLN B 436 29.17 15.39 48.66
N GLU B 437 29.68 16.49 48.10
CA GLU B 437 30.92 16.53 47.30
C GLU B 437 30.82 15.46 46.23
N GLN B 438 29.82 15.59 45.37
CA GLN B 438 29.42 14.50 44.49
C GLN B 438 28.89 14.99 43.14
N LEU B 439 29.60 15.94 42.56
CA LEU B 439 29.30 16.35 41.21
C LEU B 439 29.81 15.32 40.18
N GLU B 440 30.76 14.49 40.62
CA GLU B 440 31.49 13.59 39.72
C GLU B 440 30.81 12.23 39.55
N LYS B 441 30.07 11.76 40.56
CA LYS B 441 29.51 10.41 40.47
C LYS B 441 28.51 10.30 39.32
N ALA B 442 28.88 9.53 38.31
CA ALA B 442 27.96 9.12 37.25
C ALA B 442 26.75 8.49 37.88
N LEU B 443 25.59 8.70 37.27
CA LEU B 443 24.36 8.16 37.81
C LEU B 443 23.66 7.40 36.72
N ASP B 444 22.92 6.37 37.10
CA ASP B 444 22.16 5.54 36.15
C ASP B 444 20.78 6.17 35.93
N CYS B 445 20.45 6.51 34.68
CA CYS B 445 19.08 6.97 34.39
C CYS B 445 18.48 6.26 33.18
N GLN B 446 17.15 6.14 33.17
CA GLN B 446 16.42 5.47 32.09
C GLN B 446 16.00 6.44 30.99
N ILE B 447 16.19 6.03 29.74
CA ILE B 447 15.80 6.78 28.56
C ILE B 447 15.23 5.81 27.54
N TYR B 448 13.93 5.91 27.29
CA TYR B 448 13.20 4.96 26.46
C TYR B 448 13.53 3.56 26.92
N GLY B 449 13.57 3.38 28.24
CA GLY B 449 13.80 2.07 28.85
C GLY B 449 15.16 1.43 28.62
N ALA B 450 16.16 2.21 28.26
CA ALA B 450 17.54 1.76 28.31
C ALA B 450 18.26 2.50 29.45
N CYS B 451 19.16 1.80 30.13
CA CYS B 451 19.87 2.41 31.24
C CYS B 451 21.15 3.00 30.69
N TYR B 452 21.41 4.25 31.07
CA TYR B 452 22.64 4.95 30.70
C TYR B 452 23.31 5.49 31.98
N SER B 453 24.63 5.31 32.09
CA SER B 453 25.40 5.95 33.16
C SER B 453 25.83 7.33 32.71
N ILE B 454 25.29 8.35 33.37
CA ILE B 454 25.56 9.75 33.03
C ILE B 454 26.19 10.52 34.20
N GLU B 455 27.11 11.41 33.84
CA GLU B 455 27.78 12.30 34.77
C GLU B 455 27.08 13.67 34.79
N PRO B 456 26.42 14.04 35.89
CA PRO B 456 25.60 15.24 35.85
C PRO B 456 26.27 16.51 35.34
N LEU B 457 27.59 16.65 35.52
CA LEU B 457 28.32 17.78 34.94
C LEU B 457 28.26 17.82 33.40
N ASP B 458 27.87 16.73 32.77
CA ASP B 458 27.70 16.73 31.31
C ASP B 458 26.36 17.35 30.87
N LEU B 459 25.47 17.64 31.83
CA LEU B 459 24.14 18.16 31.53
C LEU B 459 24.06 19.42 30.62
N PRO B 460 24.99 20.38 30.74
CA PRO B 460 24.94 21.54 29.83
C PRO B 460 25.07 21.22 28.34
N GLN B 461 25.90 20.25 27.99
CA GLN B 461 26.15 19.88 26.59
C GLN B 461 25.04 18.97 26.11
N ILE B 462 24.59 18.10 27.02
CA ILE B 462 23.54 17.16 26.75
C ILE B 462 22.28 17.93 26.44
N ILE B 463 21.91 18.81 27.34
CA ILE B 463 20.79 19.72 27.10
C ILE B 463 20.98 20.54 25.82
N GLU B 464 22.16 21.13 25.61
CA GLU B 464 22.35 21.90 24.37
C GLU B 464 22.10 21.03 23.12
N ARG B 465 22.64 19.81 23.13
CA ARG B 465 22.47 18.90 22.01
C ARG B 465 21.02 18.47 21.88
N LEU B 466 20.38 18.05 22.97
CA LEU B 466 19.00 17.54 22.87
C LEU B 466 17.87 18.58 22.68
N HIS B 467 18.15 19.86 22.98
CA HIS B 467 17.08 20.89 23.06
C HIS B 467 17.39 22.22 22.39
N GLY B 468 18.68 22.58 22.33
CA GLY B 468 19.12 23.86 21.82
C GLY B 468 19.63 24.71 22.96
N LEU B 469 20.48 25.66 22.60
CA LEU B 469 20.89 26.75 23.48
C LEU B 469 19.76 27.57 24.10
N SER B 470 18.58 27.52 23.50
CA SER B 470 17.42 28.25 24.02
C SER B 470 16.85 27.62 25.31
N ALA B 471 17.18 26.35 25.58
CA ALA B 471 16.72 25.67 26.81
C ALA B 471 17.24 26.34 28.10
N PHE B 472 18.28 27.18 27.95
CA PHE B 472 18.90 27.93 29.04
C PHE B 472 18.45 29.40 29.12
N SER B 473 17.48 29.78 28.30
CA SER B 473 16.93 31.13 28.34
C SER B 473 15.44 31.24 27.96
N LEU B 474 14.68 30.14 28.02
CA LEU B 474 13.26 30.23 27.76
C LEU B 474 12.68 31.05 28.89
N HIS B 475 11.81 32.00 28.59
CA HIS B 475 11.40 32.95 29.61
C HIS B 475 9.91 33.34 29.70
N SER B 476 9.10 33.22 28.67
CA SER B 476 7.73 33.73 28.88
C SER B 476 6.74 32.62 28.82
N TYR B 477 6.75 31.80 29.86
CA TYR B 477 5.95 30.61 29.85
C TYR B 477 4.47 30.98 29.89
N SER B 478 3.63 30.05 29.44
CA SER B 478 2.23 30.34 29.20
C SER B 478 1.42 30.27 30.51
N PRO B 479 0.30 31.03 30.56
CA PRO B 479 -0.70 30.99 31.62
C PRO B 479 -1.09 29.58 32.09
N GLY B 480 -1.42 28.71 31.14
CA GLY B 480 -1.80 27.31 31.45
C GLY B 480 -0.72 26.55 32.20
N GLU B 481 0.52 26.69 31.71
CA GLU B 481 1.68 26.03 32.28
C GLU B 481 1.99 26.60 33.67
N ILE B 482 2.20 27.90 33.80
CA ILE B 482 2.47 28.48 35.13
C ILE B 482 1.42 28.04 36.17
N ASN B 483 0.15 28.00 35.79
CA ASN B 483 -0.88 27.66 36.77
C ASN B 483 -0.71 26.23 37.21
N ARG B 484 -0.57 25.35 36.22
CA ARG B 484 -0.42 23.94 36.48
C ARG B 484 0.74 23.63 37.38
N VAL B 485 1.83 24.39 37.24
CA VAL B 485 3.01 24.21 38.08
C VAL B 485 2.78 24.73 39.50
N ALA B 486 2.31 25.96 39.65
CA ALA B 486 2.02 26.52 40.98
C ALA B 486 0.96 25.67 41.72
N SER B 487 -0.18 25.42 41.08
CA SER B 487 -1.22 24.51 41.61
C SER B 487 -0.62 23.20 42.11
N CYS B 488 0.24 22.60 41.28
CA CYS B 488 0.89 21.37 41.68
C CYS B 488 1.67 21.58 42.99
N LEU B 489 2.33 22.73 43.12
CA LEU B 489 3.14 23.00 44.30
C LEU B 489 2.25 23.15 45.54
N ARG B 490 1.30 24.09 45.46
CA ARG B 490 0.34 24.29 46.55
C ARG B 490 -0.20 22.93 47.04
N LYS B 491 -0.56 22.08 46.07
CA LYS B 491 -1.17 20.78 46.31
C LYS B 491 -0.24 19.83 47.06
N LEU B 492 1.00 19.72 46.59
CA LEU B 492 1.98 18.76 47.13
C LEU B 492 2.70 19.25 48.40
N GLY B 493 2.58 20.53 48.72
CA GLY B 493 3.27 21.11 49.88
C GLY B 493 4.72 21.45 49.60
N VAL B 494 4.99 21.93 48.40
CA VAL B 494 6.35 22.26 47.98
C VAL B 494 6.44 23.75 47.80
N PRO B 495 7.57 24.34 48.25
CA PRO B 495 7.78 25.78 48.21
C PRO B 495 7.48 26.41 46.84
N PRO B 496 6.84 27.59 46.83
CA PRO B 496 6.52 28.24 45.56
C PRO B 496 7.78 28.67 44.79
N LEU B 497 7.60 29.04 43.54
CA LEU B 497 8.72 29.31 42.62
C LEU B 497 9.68 30.44 43.04
N ARG B 498 9.18 31.44 43.78
CA ARG B 498 10.01 32.55 44.27
C ARG B 498 10.99 32.13 45.35
N VAL B 499 10.75 30.99 46.00
CA VAL B 499 11.70 30.47 46.95
C VAL B 499 12.79 29.78 46.19
N TRP B 500 12.40 28.97 45.20
CA TRP B 500 13.37 28.22 44.38
C TRP B 500 14.36 29.15 43.70
N ARG B 501 13.86 30.31 43.25
CA ARG B 501 14.73 31.30 42.62
C ARG B 501 15.86 31.77 43.54
N HIS B 502 15.56 31.91 44.84
CA HIS B 502 16.56 32.36 45.82
C HIS B 502 17.52 31.23 46.13
N ARG B 503 16.99 30.02 46.37
CA ARG B 503 17.81 28.82 46.48
C ARG B 503 18.77 28.65 45.28
N ALA B 504 18.28 28.97 44.08
CA ALA B 504 19.07 28.84 42.87
C ALA B 504 20.24 29.81 42.80
N ARG B 505 20.02 31.04 43.20
CA ARG B 505 21.11 32.01 43.15
C ARG B 505 22.27 31.50 44.01
N SER B 506 21.96 30.83 45.12
CA SER B 506 23.00 30.33 46.01
C SER B 506 23.75 29.08 45.48
N VAL B 507 22.96 28.14 44.94
CA VAL B 507 23.47 26.93 44.25
C VAL B 507 24.38 27.32 43.08
N ARG B 508 23.97 28.34 42.35
CA ARG B 508 24.71 28.87 41.21
C ARG B 508 26.10 29.36 41.65
N ALA B 509 26.12 30.28 42.61
CA ALA B 509 27.35 30.84 43.18
C ALA B 509 28.39 29.75 43.52
N ARG B 510 28.05 28.86 44.47
CA ARG B 510 28.95 27.77 44.85
C ARG B 510 29.48 27.03 43.60
N LEU B 511 28.64 26.83 42.57
CA LEU B 511 29.09 26.15 41.35
C LEU B 511 30.14 26.96 40.62
N LEU B 512 29.83 28.23 40.42
CA LEU B 512 30.77 29.15 39.78
C LEU B 512 32.15 29.19 40.48
N SER B 513 32.14 29.09 41.81
CA SER B 513 33.35 29.09 42.62
C SER B 513 34.23 27.84 42.48
N GLN B 514 33.79 26.85 41.72
CA GLN B 514 34.58 25.65 41.53
C GLN B 514 35.20 25.55 40.13
N GLY B 515 34.78 26.41 39.21
CA GLY B 515 35.32 26.41 37.84
C GLY B 515 35.11 25.09 37.12
N GLY B 516 35.73 24.95 35.96
CA GLY B 516 35.68 23.68 35.24
C GLY B 516 34.28 23.47 34.74
N ARG B 517 33.85 22.21 34.68
CA ARG B 517 32.48 21.84 34.30
C ARG B 517 31.42 22.30 35.33
N ALA B 518 31.81 22.33 36.62
CA ALA B 518 30.92 22.71 37.72
C ALA B 518 30.36 24.06 37.48
N ALA B 519 31.19 24.93 36.91
CA ALA B 519 30.83 26.31 36.72
C ALA B 519 30.16 26.52 35.39
N THR B 520 30.37 25.61 34.45
CA THR B 520 29.61 25.65 33.21
C THR B 520 28.15 25.34 33.58
N CYS B 521 27.95 24.41 34.52
CA CYS B 521 26.60 24.11 35.01
C CYS B 521 26.00 25.35 35.65
N GLY B 522 26.75 25.94 36.56
CA GLY B 522 26.33 27.17 37.21
C GLY B 522 25.91 28.27 36.25
N LYS B 523 26.69 28.48 35.20
CA LYS B 523 26.47 29.61 34.29
C LYS B 523 25.24 29.40 33.42
N TYR B 524 25.04 28.16 32.98
CA TYR B 524 24.01 27.80 31.98
C TYR B 524 22.72 27.25 32.61
N LEU B 525 22.83 26.20 33.42
CA LEU B 525 21.65 25.65 34.09
C LEU B 525 20.87 26.70 34.88
N PHE B 526 21.57 27.67 35.46
CA PHE B 526 20.93 28.62 36.41
C PHE B 526 20.97 30.08 35.97
N ASN B 527 21.35 30.34 34.73
CA ASN B 527 21.24 31.70 34.20
C ASN B 527 19.87 32.32 34.37
N TRP B 528 18.81 31.52 34.31
CA TRP B 528 17.44 32.05 34.57
C TRP B 528 17.22 32.73 35.95
N ALA B 529 18.12 32.50 36.89
CA ALA B 529 17.86 32.86 38.29
C ALA B 529 18.44 34.22 38.67
N VAL B 530 19.26 34.79 37.79
CA VAL B 530 20.21 35.80 38.18
C VAL B 530 19.59 37.17 38.51
N LYS B 531 18.97 37.78 37.49
CA LYS B 531 18.38 39.14 37.53
C LYS B 531 18.92 39.92 36.36
N THR B 532 20.24 39.97 36.20
CA THR B 532 20.84 40.43 34.95
C THR B 532 21.62 39.25 34.36
N LYS B 533 21.28 38.90 33.12
CA LYS B 533 21.76 37.68 32.47
C LYS B 533 23.16 37.86 31.90
N LEU B 534 23.99 36.83 32.03
CA LEU B 534 25.22 36.74 31.23
C LEU B 534 24.89 36.35 29.76
N LYS B 535 25.88 36.43 28.88
CA LYS B 535 25.68 36.17 27.44
C LYS B 535 26.00 34.70 27.12
N LEU B 536 24.95 33.91 26.87
CA LEU B 536 25.13 32.47 26.68
C LEU B 536 25.49 32.18 25.23
N THR B 537 26.57 31.42 25.05
CA THR B 537 27.04 31.08 23.72
C THR B 537 27.25 29.59 23.71
N PRO B 538 27.33 28.98 22.51
CA PRO B 538 27.58 27.54 22.40
C PRO B 538 28.72 27.03 23.28
N ILE B 539 28.68 25.76 23.63
CA ILE B 539 29.67 25.19 24.55
C ILE B 539 30.77 24.48 23.78
N SER B 548 26.14 11.12 19.97
CA SER B 548 25.70 9.96 20.74
C SER B 548 24.90 8.89 19.91
N GLY B 549 23.58 8.81 20.11
CA GLY B 549 22.79 7.62 19.70
C GLY B 549 21.83 7.18 20.84
N TRP B 550 21.04 8.15 21.33
CA TRP B 550 20.27 8.04 22.59
C TRP B 550 18.76 7.91 22.37
N PHE B 551 18.29 8.37 21.21
CA PHE B 551 16.88 8.50 20.95
C PHE B 551 16.66 7.87 19.60
N VAL B 552 16.89 6.57 19.55
CA VAL B 552 16.91 5.86 18.29
C VAL B 552 15.86 4.74 18.24
N ALA B 553 15.89 3.86 19.23
CA ALA B 553 14.93 2.78 19.34
C ALA B 553 14.46 2.65 20.76
N GLY B 554 13.38 1.91 20.94
CA GLY B 554 12.69 1.82 22.22
C GLY B 554 12.97 0.48 22.82
N TYR B 555 13.31 0.46 24.09
CA TYR B 555 13.72 -0.76 24.77
C TYR B 555 13.09 -0.92 26.14
N SER B 556 11.95 -0.35 26.42
CA SER B 556 11.49 -0.48 27.81
C SER B 556 10.96 -1.90 28.01
N GLY B 557 11.18 -2.45 29.20
CA GLY B 557 11.04 -3.88 29.45
C GLY B 557 12.18 -4.77 28.96
N GLY B 558 13.09 -4.23 28.15
CA GLY B 558 14.01 -5.07 27.39
C GLY B 558 15.36 -5.50 27.97
N ASP B 559 15.69 -5.05 29.19
CA ASP B 559 16.98 -5.36 29.84
C ASP B 559 18.14 -4.85 28.97
N ILE B 560 18.26 -3.54 28.81
CA ILE B 560 19.28 -2.97 27.94
C ILE B 560 20.11 -1.93 28.71
N TYR B 561 21.41 -1.86 28.37
CA TYR B 561 22.40 -0.98 29.04
C TYR B 561 23.41 -0.44 28.03
N HIS B 562 23.94 0.75 28.26
CA HIS B 562 25.10 1.27 27.49
C HIS B 562 26.04 2.07 28.38
N SER C 1 -16.03 18.81 -27.61
CA SER C 1 -16.41 20.07 -26.92
C SER C 1 -16.64 19.90 -25.42
N MET C 2 -16.79 21.01 -24.72
CA MET C 2 -17.00 20.94 -23.26
C MET C 2 -18.42 20.49 -23.02
N SER C 3 -18.56 19.49 -22.14
CA SER C 3 -19.86 18.91 -21.89
C SER C 3 -20.89 19.94 -21.44
N TYR C 4 -20.43 20.89 -20.61
CA TYR C 4 -21.25 22.00 -20.14
C TYR C 4 -20.43 23.31 -20.08
N THR C 5 -21.08 24.45 -20.23
CA THR C 5 -20.42 25.68 -19.77
C THR C 5 -21.34 26.34 -18.75
N TRP C 6 -20.71 27.02 -17.80
CA TRP C 6 -21.40 27.58 -16.67
C TRP C 6 -21.22 29.09 -16.61
N THR C 7 -22.32 29.82 -16.47
CA THR C 7 -22.26 31.29 -16.27
C THR C 7 -21.92 31.70 -14.82
N GLY C 8 -22.18 30.83 -13.83
CA GLY C 8 -22.08 31.15 -12.40
C GLY C 8 -23.42 31.49 -11.74
N ALA C 9 -24.51 31.52 -12.53
CA ALA C 9 -25.87 31.52 -11.95
C ALA C 9 -26.08 30.17 -11.22
N LEU C 10 -26.85 30.19 -10.14
CA LEU C 10 -27.04 29.01 -9.32
C LEU C 10 -28.18 28.16 -9.85
N ILE C 11 -28.05 26.86 -9.64
CA ILE C 11 -29.14 25.96 -9.92
C ILE C 11 -29.99 26.16 -8.71
N THR C 12 -31.22 26.59 -8.96
CA THR C 12 -32.03 27.12 -7.90
C THR C 12 -33.24 26.25 -7.67
N PRO C 13 -33.53 25.96 -6.42
CA PRO C 13 -34.61 25.09 -6.04
C PRO C 13 -35.95 25.77 -6.25
N CYS C 14 -36.97 24.95 -6.46
CA CYS C 14 -38.31 25.42 -6.75
C CYS C 14 -39.02 25.90 -5.48
N ALA C 15 -38.91 25.09 -4.43
CA ALA C 15 -39.51 25.34 -3.12
C ALA C 15 -38.50 25.00 -1.99
N ALA C 16 -38.99 24.79 -0.78
CA ALA C 16 -38.16 24.24 0.29
C ALA C 16 -37.86 22.76 0.00
N GLU C 17 -36.58 22.39 0.15
CA GLU C 17 -36.11 21.01 -0.01
C GLU C 17 -35.72 20.48 1.38
N GLU C 18 -36.46 19.52 1.92
CA GLU C 18 -36.09 18.98 3.22
C GLU C 18 -34.90 18.03 3.08
N SER C 19 -33.79 18.34 3.77
CA SER C 19 -32.54 17.57 3.67
C SER C 19 -32.52 16.34 4.56
N LYS C 20 -33.25 16.40 5.67
CA LYS C 20 -33.21 15.37 6.72
C LYS C 20 -34.60 14.73 6.94
N LEU C 21 -34.59 13.65 7.70
CA LEU C 21 -35.80 12.89 8.04
C LEU C 21 -36.38 13.50 9.33
N PRO C 22 -37.71 13.70 9.39
CA PRO C 22 -38.37 14.19 10.62
C PRO C 22 -37.96 13.45 11.92
N ASN C 28 -40.30 5.52 12.15
CA ASN C 28 -39.50 5.04 13.28
C ASN C 28 -39.88 3.62 13.71
N SER C 29 -41.07 3.18 13.32
CA SER C 29 -41.45 1.77 13.43
C SER C 29 -40.55 0.93 12.53
N LEU C 30 -40.24 1.52 11.37
CA LEU C 30 -39.39 0.90 10.36
C LEU C 30 -37.94 0.92 10.77
N LEU C 31 -37.36 2.11 10.90
CA LEU C 31 -35.94 2.18 11.27
C LEU C 31 -35.67 3.23 12.30
N ARG C 32 -34.94 2.85 13.36
CA ARG C 32 -34.58 3.76 14.46
C ARG C 32 -33.54 4.83 14.05
N HIS C 33 -32.49 4.43 13.32
CA HIS C 33 -31.29 5.27 13.05
C HIS C 33 -31.54 6.43 12.05
N HIS C 34 -32.44 7.37 12.41
CA HIS C 34 -32.90 8.46 11.50
C HIS C 34 -31.80 9.36 10.90
N ASN C 35 -30.65 9.46 11.58
CA ASN C 35 -29.52 10.31 11.17
C ASN C 35 -28.79 9.78 9.93
N MET C 36 -29.04 8.52 9.56
CA MET C 36 -28.39 7.89 8.39
C MET C 36 -29.11 8.17 7.03
N VAL C 37 -30.29 8.79 7.07
CA VAL C 37 -31.11 8.98 5.87
C VAL C 37 -31.21 10.45 5.46
N TYR C 38 -30.88 10.73 4.18
CA TYR C 38 -30.80 12.10 3.65
C TYR C 38 -31.31 12.19 2.23
N ALA C 39 -31.65 13.41 1.84
CA ALA C 39 -32.06 13.73 0.49
C ALA C 39 -31.02 14.64 -0.13
N THR C 40 -30.62 14.37 -1.37
CA THR C 40 -29.77 15.29 -2.09
C THR C 40 -30.56 16.57 -2.40
N THR C 41 -29.86 17.69 -2.44
CA THR C 41 -30.47 18.99 -2.74
C THR C 41 -29.62 19.84 -3.67
N SER C 42 -30.26 20.89 -4.22
CA SER C 42 -29.57 21.99 -4.90
C SER C 42 -28.35 22.53 -4.15
N ARG C 43 -28.39 22.49 -2.83
CA ARG C 43 -27.23 22.80 -2.02
C ARG C 43 -25.97 22.03 -2.42
N SER C 44 -26.11 20.89 -3.12
CA SER C 44 -24.94 20.15 -3.59
C SER C 44 -24.75 20.21 -5.13
N ALA C 45 -25.55 21.00 -5.82
CA ALA C 45 -25.44 21.18 -7.29
C ALA C 45 -23.99 21.28 -7.73
N GLY C 46 -23.30 22.27 -7.18
CA GLY C 46 -21.90 22.59 -7.49
C GLY C 46 -20.89 21.46 -7.46
N LEU C 47 -21.02 20.54 -6.51
CA LEU C 47 -20.17 19.34 -6.54
C LEU C 47 -20.46 18.48 -7.77
N ARG C 48 -21.75 18.32 -8.09
CA ARG C 48 -22.19 17.51 -9.24
C ARG C 48 -21.81 18.17 -10.55
N GLN C 49 -21.94 19.49 -10.59
CA GLN C 49 -21.40 20.28 -11.70
C GLN C 49 -19.92 19.97 -11.95
N LYS C 50 -19.09 19.92 -10.91
CA LYS C 50 -17.65 19.64 -11.11
C LYS C 50 -17.38 18.23 -11.67
N LYS C 51 -18.14 17.21 -11.23
CA LYS C 51 -17.94 15.83 -11.74
C LYS C 51 -18.46 15.62 -13.17
N VAL C 52 -19.48 16.39 -13.57
CA VAL C 52 -20.07 16.21 -14.88
C VAL C 52 -19.62 17.18 -15.98
N THR C 53 -18.67 18.06 -15.69
CA THR C 53 -18.22 19.00 -16.74
C THR C 53 -16.75 18.77 -17.13
N PHE C 54 -16.52 18.43 -18.39
CA PHE C 54 -15.21 18.04 -18.87
C PHE C 54 -15.21 17.99 -20.40
N ASP C 55 -14.04 17.90 -21.01
CA ASP C 55 -13.94 17.81 -22.48
C ASP C 55 -14.12 16.34 -22.92
N ARG C 56 -14.75 16.14 -24.08
CA ARG C 56 -14.87 14.81 -24.63
C ARG C 56 -13.99 14.76 -25.86
N LEU C 57 -12.99 13.89 -25.86
CA LEU C 57 -12.19 13.59 -27.04
C LEU C 57 -12.68 12.21 -27.45
N GLN C 58 -13.23 12.07 -28.66
CA GLN C 58 -13.85 10.81 -29.09
C GLN C 58 -13.13 10.26 -30.33
N VAL C 59 -12.46 9.12 -30.22
CA VAL C 59 -11.85 8.51 -31.41
C VAL C 59 -12.57 7.22 -31.79
N LEU C 60 -13.22 7.23 -32.95
CA LEU C 60 -13.87 6.04 -33.47
C LEU C 60 -12.81 4.99 -33.96
N ASP C 61 -13.25 3.99 -34.73
CA ASP C 61 -12.40 2.95 -35.40
C ASP C 61 -13.27 1.97 -36.21
N ASP C 62 -12.65 1.08 -36.97
CA ASP C 62 -13.41 0.21 -37.91
C ASP C 62 -14.51 -0.57 -37.20
N HIS C 63 -14.20 -1.03 -35.97
CA HIS C 63 -15.13 -1.82 -35.15
C HIS C 63 -16.44 -1.05 -34.92
N TYR C 64 -16.35 0.19 -34.42
CA TYR C 64 -17.52 1.06 -34.26
C TYR C 64 -18.34 1.21 -35.53
N ARG C 65 -17.69 1.38 -36.67
CA ARG C 65 -18.39 1.60 -37.94
C ARG C 65 -19.16 0.36 -38.38
N ASP C 66 -18.56 -0.82 -38.21
CA ASP C 66 -19.16 -2.05 -38.73
C ASP C 66 -20.44 -2.37 -37.94
N VAL C 67 -20.37 -2.15 -36.63
CA VAL C 67 -21.51 -2.33 -35.73
C VAL C 67 -22.60 -1.33 -36.02
N LEU C 68 -22.23 -0.06 -36.18
CA LEU C 68 -23.19 1.00 -36.53
C LEU C 68 -23.92 0.65 -37.83
N LYS C 69 -23.16 0.13 -38.79
CA LYS C 69 -23.73 -0.34 -40.06
C LYS C 69 -24.74 -1.49 -39.85
N GLU C 70 -24.41 -2.39 -38.94
CA GLU C 70 -25.26 -3.53 -38.63
C GLU C 70 -26.55 -3.02 -38.02
N MET C 71 -26.40 -2.15 -37.02
CA MET C 71 -27.55 -1.52 -36.34
C MET C 71 -28.50 -0.93 -37.36
N LYS C 72 -27.98 -0.03 -38.20
CA LYS C 72 -28.79 0.65 -39.20
C LYS C 72 -29.51 -0.32 -40.15
N ALA C 73 -28.88 -1.46 -40.48
CA ALA C 73 -29.55 -2.44 -41.33
C ALA C 73 -30.72 -3.06 -40.60
N LYS C 74 -30.60 -3.35 -39.31
CA LYS C 74 -31.79 -3.84 -38.62
C LYS C 74 -32.81 -2.69 -38.44
N ALA C 75 -32.33 -1.48 -38.19
CA ALA C 75 -33.22 -0.34 -38.04
C ALA C 75 -34.12 -0.11 -39.25
N SER C 76 -33.59 -0.33 -40.46
CA SER C 76 -34.34 -0.11 -41.71
C SER C 76 -35.50 -1.05 -41.98
N THR C 77 -35.71 -2.07 -41.15
CA THR C 77 -36.89 -2.93 -41.25
C THR C 77 -38.08 -2.40 -40.43
N VAL C 78 -37.88 -1.29 -39.72
CA VAL C 78 -38.88 -0.77 -38.78
C VAL C 78 -39.79 0.27 -39.40
N LYS C 79 -41.09 0.01 -39.38
CA LYS C 79 -42.05 1.06 -39.70
C LYS C 79 -42.54 1.70 -38.40
N ALA C 80 -42.64 3.03 -38.41
CA ALA C 80 -42.99 3.81 -37.22
C ALA C 80 -43.82 5.04 -37.60
N LYS C 81 -44.83 5.32 -36.79
CA LYS C 81 -45.81 6.31 -37.12
C LYS C 81 -45.80 7.54 -36.20
N LEU C 82 -46.39 8.58 -36.75
CA LEU C 82 -46.75 9.77 -36.02
C LEU C 82 -47.92 9.50 -35.06
N LEU C 83 -47.75 9.93 -33.80
CA LEU C 83 -48.82 9.94 -32.84
C LEU C 83 -49.62 11.22 -33.04
N SER C 84 -50.93 11.14 -32.88
CA SER C 84 -51.77 12.35 -32.95
C SER C 84 -51.56 13.15 -31.67
N VAL C 85 -51.90 14.44 -31.71
CA VAL C 85 -51.84 15.32 -30.52
C VAL C 85 -52.67 14.77 -29.38
N GLU C 86 -53.80 14.15 -29.70
CA GLU C 86 -54.68 13.57 -28.69
C GLU C 86 -53.96 12.36 -28.05
N GLU C 87 -53.40 11.47 -28.90
CA GLU C 87 -52.67 10.24 -28.43
C GLU C 87 -51.46 10.63 -27.55
N ALA C 88 -50.85 11.77 -27.83
CA ALA C 88 -49.68 12.25 -27.08
C ALA C 88 -50.11 13.00 -25.85
N CYS C 89 -51.21 13.74 -25.95
CA CYS C 89 -51.78 14.35 -24.75
C CYS C 89 -52.14 13.33 -23.69
N LYS C 90 -52.71 12.22 -24.17
CA LYS C 90 -53.14 11.16 -23.30
C LYS C 90 -51.95 10.59 -22.52
N LEU C 91 -50.79 10.41 -23.19
CA LEU C 91 -49.56 9.90 -22.51
C LEU C 91 -48.95 10.83 -21.41
N THR C 92 -49.40 12.08 -21.32
CA THR C 92 -48.86 12.98 -20.31
C THR C 92 -49.32 12.67 -18.85
N PRO C 93 -48.39 12.51 -17.90
CA PRO C 93 -48.80 12.26 -16.51
C PRO C 93 -49.63 13.41 -15.91
N PRO C 94 -50.60 13.10 -15.01
CA PRO C 94 -51.50 14.14 -14.47
C PRO C 94 -50.83 15.30 -13.80
N HIS C 95 -49.70 15.07 -13.13
CA HIS C 95 -49.00 16.16 -12.46
C HIS C 95 -47.66 16.47 -13.11
N SER C 96 -47.57 16.33 -14.44
CA SER C 96 -46.37 16.73 -15.16
C SER C 96 -46.28 18.24 -15.05
N ALA C 97 -45.06 18.75 -14.92
CA ALA C 97 -44.80 20.19 -14.85
C ALA C 97 -45.50 20.95 -15.97
N LYS C 98 -46.04 22.11 -15.60
CA LYS C 98 -46.84 22.96 -16.48
C LYS C 98 -45.98 23.76 -17.46
N SER C 99 -46.56 24.07 -18.63
CA SER C 99 -45.96 25.00 -19.58
C SER C 99 -45.90 26.38 -18.97
N LYS C 100 -44.96 27.19 -19.43
CA LYS C 100 -44.89 28.59 -19.00
C LYS C 100 -45.74 29.45 -19.96
N PHE C 101 -46.38 28.81 -20.94
CA PHE C 101 -47.24 29.48 -21.91
C PHE C 101 -48.74 29.31 -21.56
N GLY C 102 -49.05 29.17 -20.27
CA GLY C 102 -50.44 29.33 -19.75
C GLY C 102 -51.38 28.12 -19.69
N TYR C 103 -50.82 26.92 -19.53
CA TYR C 103 -51.61 25.72 -19.30
C TYR C 103 -50.71 24.66 -18.68
N GLY C 104 -51.31 23.73 -17.96
CA GLY C 104 -50.61 22.69 -17.24
C GLY C 104 -51.01 21.36 -17.84
N ALA C 105 -50.70 20.28 -17.13
CA ALA C 105 -50.86 18.95 -17.69
C ALA C 105 -52.30 18.52 -17.71
N LYS C 106 -53.07 18.98 -16.74
CA LYS C 106 -54.53 18.80 -16.72
C LYS C 106 -55.13 19.33 -18.01
N ASP C 107 -54.75 20.54 -18.38
CA ASP C 107 -55.22 21.12 -19.63
C ASP C 107 -54.75 20.24 -20.78
N VAL C 108 -53.52 19.76 -20.73
CA VAL C 108 -53.05 18.90 -21.81
C VAL C 108 -53.95 17.68 -21.89
N ARG C 109 -54.12 16.99 -20.77
CA ARG C 109 -54.96 15.78 -20.74
C ARG C 109 -56.41 16.05 -21.26
N ASN C 110 -57.10 17.04 -20.68
CA ASN C 110 -58.46 17.40 -21.11
C ASN C 110 -58.57 17.93 -22.54
N LEU C 111 -57.44 18.12 -23.21
CA LEU C 111 -57.46 18.59 -24.59
C LEU C 111 -58.06 19.97 -24.63
N SER C 112 -57.76 20.80 -23.64
CA SER C 112 -58.19 22.20 -23.72
C SER C 112 -57.65 22.77 -25.01
N SER C 113 -58.47 23.55 -25.71
CA SER C 113 -58.12 23.97 -27.07
C SER C 113 -57.03 25.05 -27.00
N LYS C 114 -56.86 25.63 -25.82
CA LYS C 114 -55.69 26.44 -25.53
C LYS C 114 -54.36 25.64 -25.52
N ALA C 115 -54.35 24.48 -24.87
CA ALA C 115 -53.19 23.61 -24.81
C ALA C 115 -52.86 23.04 -26.20
N VAL C 116 -53.86 22.49 -26.85
CA VAL C 116 -53.70 21.92 -28.17
C VAL C 116 -53.30 22.93 -29.24
N ASN C 117 -53.70 24.21 -29.10
CA ASN C 117 -53.32 25.22 -30.09
C ASN C 117 -51.88 25.67 -29.89
N HIS C 118 -51.45 25.71 -28.63
CA HIS C 118 -50.06 26.00 -28.37
C HIS C 118 -49.19 24.83 -28.87
N ILE C 119 -49.67 23.61 -28.69
CA ILE C 119 -48.91 22.45 -29.17
C ILE C 119 -48.78 22.43 -30.70
N HIS C 120 -49.86 22.72 -31.43
CA HIS C 120 -49.76 22.90 -32.89
C HIS C 120 -48.72 23.97 -33.22
N SER C 121 -48.72 25.08 -32.48
CA SER C 121 -47.80 26.18 -32.82
C SER C 121 -46.34 25.81 -32.54
N VAL C 122 -46.06 25.06 -31.49
CA VAL C 122 -44.70 24.55 -31.28
C VAL C 122 -44.27 23.56 -32.37
N TRP C 123 -45.21 22.75 -32.86
CA TRP C 123 -44.92 21.73 -33.87
C TRP C 123 -44.58 22.47 -35.12
N LYS C 124 -45.50 23.32 -35.53
CA LYS C 124 -45.29 24.26 -36.63
C LYS C 124 -43.88 24.88 -36.58
N ASP C 125 -43.44 25.38 -35.43
CA ASP C 125 -42.14 26.04 -35.38
C ASP C 125 -40.97 25.05 -35.55
N LEU C 126 -41.12 23.81 -35.05
CA LEU C 126 -40.06 22.80 -35.27
C LEU C 126 -39.87 22.51 -36.77
N LEU C 127 -40.95 22.50 -37.54
CA LEU C 127 -40.88 22.24 -38.99
C LEU C 127 -40.25 23.39 -39.79
N GLU C 128 -40.44 24.62 -39.30
CA GLU C 128 -39.98 25.79 -40.02
C GLU C 128 -38.52 26.13 -39.69
N ASP C 129 -38.13 25.84 -38.46
CA ASP C 129 -36.85 26.22 -37.92
C ASP C 129 -36.20 24.94 -37.41
N THR C 130 -35.14 24.48 -38.07
CA THR C 130 -34.36 23.36 -37.57
C THR C 130 -33.07 23.79 -36.83
N VAL C 131 -33.00 25.05 -36.42
CA VAL C 131 -31.71 25.57 -35.93
C VAL C 131 -31.68 26.14 -34.50
N THR C 132 -32.58 27.09 -34.14
CA THR C 132 -32.44 27.84 -32.89
C THR C 132 -32.45 26.85 -31.75
N PRO C 133 -31.48 26.97 -30.81
CA PRO C 133 -31.60 26.03 -29.70
C PRO C 133 -32.89 26.29 -28.92
N ILE C 134 -33.40 25.26 -28.25
CA ILE C 134 -34.63 25.38 -27.49
C ILE C 134 -34.30 25.45 -26.02
N ASP C 135 -35.08 26.24 -25.28
CA ASP C 135 -34.81 26.43 -23.87
C ASP C 135 -35.04 25.13 -23.12
N THR C 136 -34.24 24.94 -22.07
CA THR C 136 -34.43 23.84 -21.12
C THR C 136 -34.43 24.43 -19.73
N THR C 137 -35.06 23.75 -18.78
CA THR C 137 -34.94 24.13 -17.39
C THR C 137 -33.99 23.16 -16.73
N ILE C 138 -33.13 23.63 -15.82
CA ILE C 138 -32.22 22.75 -15.08
C ILE C 138 -32.60 22.75 -13.58
N MET C 139 -32.37 21.61 -12.93
CA MET C 139 -32.87 21.36 -11.61
C MET C 139 -32.06 20.23 -10.93
N ALA C 140 -31.77 20.41 -9.64
CA ALA C 140 -31.21 19.35 -8.80
C ALA C 140 -32.29 18.32 -8.45
N LYS C 141 -32.03 17.03 -8.56
CA LYS C 141 -32.99 16.04 -8.07
C LYS C 141 -32.99 15.98 -6.54
N ASN C 142 -34.20 15.85 -5.97
CA ASN C 142 -34.37 15.43 -4.59
C ASN C 142 -34.53 13.90 -4.54
N GLU C 143 -33.47 13.23 -4.10
CA GLU C 143 -33.44 11.78 -4.08
C GLU C 143 -32.89 11.31 -2.77
N VAL C 144 -33.62 10.42 -2.10
CA VAL C 144 -33.18 9.86 -0.85
C VAL C 144 -32.22 8.69 -1.05
N PHE C 145 -31.29 8.57 -0.12
CA PHE C 145 -30.36 7.45 -0.05
C PHE C 145 -30.05 7.20 1.41
N CYS C 146 -29.07 6.33 1.62
CA CYS C 146 -28.48 6.16 2.91
C CYS C 146 -26.99 6.37 2.82
N VAL C 147 -26.42 6.94 3.89
CA VAL C 147 -24.98 7.14 4.04
C VAL C 147 -24.20 5.83 3.86
N GLN C 148 -23.05 5.93 3.15
CA GLN C 148 -22.14 4.79 2.87
C GLN C 148 -22.83 3.67 2.08
N ARG C 154 -21.17 10.19 0.51
CA ARG C 154 -22.40 10.96 0.30
C ARG C 154 -22.56 11.43 -1.14
N LYS C 155 -23.74 11.22 -1.72
CA LYS C 155 -23.99 11.56 -3.14
C LYS C 155 -24.42 13.03 -3.31
N PRO C 156 -23.89 13.70 -4.34
CA PRO C 156 -24.40 15.00 -4.66
C PRO C 156 -25.54 14.83 -5.61
N ALA C 157 -26.57 15.63 -5.42
CA ALA C 157 -27.73 15.61 -6.28
C ALA C 157 -27.35 15.47 -7.74
N ARG C 158 -28.05 14.59 -8.46
CA ARG C 158 -27.94 14.52 -9.93
C ARG C 158 -28.72 15.69 -10.56
N LEU C 159 -28.51 15.88 -11.86
CA LEU C 159 -28.98 17.07 -12.59
C LEU C 159 -30.05 16.73 -13.61
N ILE C 160 -31.31 17.12 -13.38
CA ILE C 160 -32.35 16.85 -14.37
C ILE C 160 -32.36 18.06 -15.30
N VAL C 161 -32.57 17.81 -16.59
CA VAL C 161 -32.68 18.87 -17.62
C VAL C 161 -33.82 18.50 -18.60
N PHE C 162 -34.80 19.40 -18.73
CA PHE C 162 -36.00 19.11 -19.48
C PHE C 162 -36.56 20.35 -20.13
N PRO C 163 -37.18 20.19 -21.30
CA PRO C 163 -37.84 21.30 -22.00
C PRO C 163 -39.27 21.49 -21.51
N ASP C 164 -39.89 22.56 -22.00
CA ASP C 164 -41.27 22.92 -21.69
C ASP C 164 -42.33 21.89 -22.16
N LEU C 165 -43.42 21.78 -21.43
CA LEU C 165 -44.42 20.77 -21.73
C LEU C 165 -44.81 20.65 -23.23
N GLY C 166 -45.14 21.77 -23.85
CA GLY C 166 -45.54 21.79 -25.26
C GLY C 166 -44.56 21.03 -26.13
N VAL C 167 -43.26 21.23 -25.88
CA VAL C 167 -42.26 20.46 -26.60
C VAL C 167 -42.40 18.99 -26.23
N ARG C 168 -42.40 18.70 -24.95
CA ARG C 168 -42.56 17.32 -24.49
C ARG C 168 -43.69 16.62 -25.22
N VAL C 169 -44.85 17.27 -25.38
CA VAL C 169 -45.93 16.64 -26.14
C VAL C 169 -45.53 16.46 -27.59
N CYS C 170 -44.94 17.49 -28.18
CA CYS C 170 -44.35 17.35 -29.53
C CYS C 170 -43.33 16.19 -29.66
N GLU C 171 -42.41 16.06 -28.71
CA GLU C 171 -41.50 14.90 -28.68
C GLU C 171 -42.25 13.60 -28.88
N LYS C 172 -43.31 13.45 -28.10
CA LYS C 172 -44.12 12.25 -28.15
C LYS C 172 -44.62 12.06 -29.56
N MET C 173 -45.20 13.09 -30.16
CA MET C 173 -45.81 12.91 -31.48
C MET C 173 -44.76 12.36 -32.44
N ALA C 174 -43.56 12.89 -32.35
CA ALA C 174 -42.53 12.64 -33.30
C ALA C 174 -41.88 11.25 -33.11
N LEU C 175 -41.63 10.87 -31.86
CA LEU C 175 -40.68 9.80 -31.55
C LEU C 175 -41.15 8.70 -30.56
N TYR C 176 -42.30 8.85 -29.94
CA TYR C 176 -42.79 7.80 -29.04
C TYR C 176 -42.87 6.44 -29.73
N ASP C 177 -43.39 6.36 -30.93
CA ASP C 177 -43.44 5.08 -31.64
C ASP C 177 -42.03 4.53 -31.92
N VAL C 178 -41.09 5.41 -32.26
CA VAL C 178 -39.71 5.01 -32.44
C VAL C 178 -39.09 4.48 -31.13
N VAL C 179 -39.08 5.26 -30.05
CA VAL C 179 -38.40 4.79 -28.81
C VAL C 179 -39.08 3.58 -28.12
N SER C 180 -40.27 3.23 -28.61
CA SER C 180 -41.09 2.13 -28.12
C SER C 180 -40.96 0.83 -28.96
N THR C 181 -40.45 0.95 -30.18
CA THR C 181 -40.43 -0.17 -31.12
C THR C 181 -39.04 -0.51 -31.70
N LEU C 182 -38.18 0.51 -31.84
CA LEU C 182 -36.91 0.38 -32.51
C LEU C 182 -35.87 -0.37 -31.69
N PRO C 183 -35.64 0.06 -30.44
CA PRO C 183 -34.53 -0.58 -29.73
C PRO C 183 -34.63 -2.13 -29.69
N GLN C 184 -35.83 -2.69 -29.42
CA GLN C 184 -36.02 -4.14 -29.42
C GLN C 184 -35.62 -4.75 -30.74
N VAL C 185 -35.98 -4.11 -31.84
CA VAL C 185 -35.61 -4.64 -33.14
C VAL C 185 -34.10 -4.53 -33.36
N VAL C 186 -33.55 -3.36 -33.10
CA VAL C 186 -32.11 -3.15 -33.26
C VAL C 186 -31.27 -4.01 -32.32
N MET C 187 -31.70 -4.20 -31.08
CA MET C 187 -30.79 -4.78 -30.09
C MET C 187 -31.17 -6.16 -29.66
N GLY C 188 -32.28 -6.67 -30.19
CA GLY C 188 -32.73 -8.02 -29.90
C GLY C 188 -32.70 -8.35 -28.43
N SER C 189 -32.03 -9.45 -28.10
CA SER C 189 -31.97 -9.94 -26.72
C SER C 189 -31.18 -9.00 -25.82
N SER C 190 -30.28 -8.19 -26.39
CA SER C 190 -29.52 -7.21 -25.64
C SER C 190 -30.32 -6.05 -25.01
N TYR C 191 -31.50 -5.78 -25.56
CA TYR C 191 -32.30 -4.67 -25.08
C TYR C 191 -32.95 -5.08 -23.78
N GLY C 192 -32.56 -4.42 -22.68
CA GLY C 192 -32.93 -4.87 -21.32
C GLY C 192 -34.33 -4.58 -20.80
N PHE C 193 -34.99 -3.55 -21.35
CA PHE C 193 -36.30 -3.11 -20.89
C PHE C 193 -37.49 -3.94 -21.44
N GLN C 194 -37.22 -4.90 -22.30
CA GLN C 194 -38.21 -5.86 -22.72
C GLN C 194 -38.45 -6.98 -21.68
N TYR C 195 -37.76 -6.95 -20.54
CA TYR C 195 -37.76 -8.11 -19.61
C TYR C 195 -38.45 -7.75 -18.32
N SER C 196 -39.43 -8.54 -17.90
CA SER C 196 -39.86 -8.45 -16.51
C SER C 196 -38.72 -9.03 -15.65
N PRO C 197 -38.76 -8.80 -14.32
CA PRO C 197 -37.73 -9.27 -13.41
C PRO C 197 -37.45 -10.76 -13.56
N GLY C 198 -38.49 -11.59 -13.56
CA GLY C 198 -38.30 -13.02 -13.77
C GLY C 198 -37.74 -13.33 -15.14
N GLN C 199 -38.31 -12.69 -16.16
CA GLN C 199 -37.76 -12.80 -17.52
C GLN C 199 -36.27 -12.44 -17.58
N ARG C 200 -35.89 -11.36 -16.89
CA ARG C 200 -34.50 -10.94 -16.83
C ARG C 200 -33.59 -11.98 -16.18
N VAL C 201 -34.03 -12.59 -15.09
CA VAL C 201 -33.22 -13.61 -14.42
C VAL C 201 -33.07 -14.82 -15.30
N GLU C 202 -34.18 -15.24 -15.91
CA GLU C 202 -34.12 -16.33 -16.86
C GLU C 202 -33.07 -16.07 -17.96
N PHE C 203 -33.17 -14.94 -18.66
CA PHE C 203 -32.18 -14.62 -19.69
C PHE C 203 -30.76 -14.71 -19.14
N LEU C 204 -30.47 -14.03 -18.02
CA LEU C 204 -29.13 -14.01 -17.47
C LEU C 204 -28.71 -15.40 -17.06
N VAL C 205 -29.60 -16.11 -16.37
CA VAL C 205 -29.20 -17.43 -15.87
C VAL C 205 -28.88 -18.37 -17.03
N ASN C 206 -29.75 -18.37 -18.05
CA ASN C 206 -29.52 -19.29 -19.13
C ASN C 206 -28.32 -18.94 -19.98
N THR C 207 -28.02 -17.65 -20.19
CA THR C 207 -26.85 -17.33 -21.04
C THR C 207 -25.56 -17.66 -20.30
N TRP C 208 -25.59 -17.50 -18.98
CA TRP C 208 -24.53 -18.00 -18.12
C TRP C 208 -24.27 -19.50 -18.29
N LYS C 209 -25.33 -20.28 -18.20
CA LYS C 209 -25.19 -21.73 -18.34
C LYS C 209 -24.86 -22.16 -19.78
N SER C 210 -25.17 -21.32 -20.76
CA SER C 210 -24.87 -21.63 -22.15
C SER C 210 -23.38 -21.62 -22.51
N LYS C 211 -22.55 -20.91 -21.73
CA LYS C 211 -21.08 -20.93 -21.93
C LYS C 211 -20.40 -22.22 -21.40
N LYS C 212 -19.34 -22.68 -22.06
CA LYS C 212 -18.53 -23.81 -21.56
C LYS C 212 -17.90 -23.43 -20.23
N ASN C 213 -17.34 -22.23 -20.21
CA ASN C 213 -16.50 -21.75 -19.15
C ASN C 213 -16.73 -20.22 -18.99
N PRO C 214 -17.82 -19.84 -18.29
CA PRO C 214 -18.32 -18.45 -18.27
C PRO C 214 -17.56 -17.42 -17.44
N MET C 215 -17.44 -16.20 -18.00
CA MET C 215 -17.02 -14.98 -17.29
C MET C 215 -18.00 -13.86 -17.62
N GLY C 216 -18.25 -12.97 -16.65
CA GLY C 216 -19.12 -11.82 -16.85
C GLY C 216 -18.62 -10.57 -16.16
N PHE C 217 -19.01 -9.42 -16.67
CA PHE C 217 -18.64 -8.17 -16.03
C PHE C 217 -19.64 -7.06 -16.30
N SER C 218 -20.02 -6.38 -15.24
CA SER C 218 -20.69 -5.12 -15.36
C SER C 218 -19.67 -4.03 -15.71
N TYR C 219 -20.15 -2.97 -16.38
CA TYR C 219 -19.33 -1.80 -16.73
C TYR C 219 -20.07 -0.53 -16.37
N ASP C 220 -19.52 0.17 -15.40
CA ASP C 220 -20.10 1.41 -14.91
C ASP C 220 -19.40 2.58 -15.60
N THR C 221 -20.13 3.25 -16.48
CA THR C 221 -19.62 4.44 -17.12
C THR C 221 -19.73 5.65 -16.20
N ARG C 222 -18.64 6.39 -16.12
CA ARG C 222 -18.53 7.56 -15.29
C ARG C 222 -19.38 8.64 -15.95
N CYS C 223 -20.50 8.97 -15.30
CA CYS C 223 -21.45 9.99 -15.75
C CYS C 223 -21.82 9.85 -17.20
N PHE C 224 -22.57 8.80 -17.52
CA PHE C 224 -22.77 8.44 -18.91
C PHE C 224 -23.27 9.63 -19.67
N ASP C 225 -24.28 10.28 -19.12
CA ASP C 225 -24.89 11.39 -19.81
C ASP C 225 -23.84 12.42 -20.26
N SER C 226 -22.87 12.74 -19.41
CA SER C 226 -21.84 13.73 -19.80
C SER C 226 -20.93 13.27 -20.92
N THR C 227 -20.71 11.97 -20.98
CA THR C 227 -19.77 11.37 -21.93
C THR C 227 -20.37 11.28 -23.30
N VAL C 228 -21.70 11.43 -23.40
CA VAL C 228 -22.40 11.37 -24.67
C VAL C 228 -22.16 12.69 -25.42
N THR C 229 -21.59 12.57 -26.62
CA THR C 229 -21.26 13.71 -27.47
C THR C 229 -22.34 13.96 -28.50
N GLU C 230 -22.46 15.20 -28.89
CA GLU C 230 -23.24 15.63 -30.05
C GLU C 230 -23.15 14.68 -31.22
N ASN C 231 -21.95 14.20 -31.49
CA ASN C 231 -21.77 13.16 -32.49
C ASN C 231 -22.66 11.97 -32.21
N ASP C 232 -22.55 11.45 -30.99
CA ASP C 232 -23.36 10.33 -30.56
C ASP C 232 -24.84 10.58 -30.79
N ILE C 233 -25.30 11.79 -30.53
CA ILE C 233 -26.72 12.12 -30.65
C ILE C 233 -27.19 12.25 -32.12
N ARG C 234 -26.26 12.52 -33.05
CA ARG C 234 -26.55 12.49 -34.49
C ARG C 234 -26.46 11.10 -35.08
N VAL C 235 -25.52 10.28 -34.59
CA VAL C 235 -25.56 8.87 -34.97
C VAL C 235 -26.93 8.33 -34.57
N GLU C 236 -27.27 8.49 -33.31
CA GLU C 236 -28.58 8.10 -32.78
C GLU C 236 -29.72 8.56 -33.73
N GLU C 237 -29.70 9.83 -34.13
CA GLU C 237 -30.71 10.28 -35.08
C GLU C 237 -30.60 9.54 -36.40
N SER C 238 -29.39 9.46 -36.91
CA SER C 238 -29.22 8.85 -38.20
C SER C 238 -29.75 7.44 -38.11
N ILE C 239 -29.76 6.86 -36.91
CA ILE C 239 -30.41 5.55 -36.72
C ILE C 239 -31.95 5.63 -36.78
N TYR C 240 -32.57 6.63 -36.12
CA TYR C 240 -34.04 6.80 -36.18
C TYR C 240 -34.49 7.05 -37.62
N GLN C 241 -33.75 7.87 -38.37
CA GLN C 241 -34.03 8.11 -39.81
C GLN C 241 -33.95 6.90 -40.76
N CYS C 242 -33.42 5.76 -40.30
CA CYS C 242 -33.46 4.56 -41.14
C CYS C 242 -34.89 3.95 -41.21
N CYS C 243 -35.74 4.24 -40.22
CA CYS C 243 -37.13 3.75 -40.25
C CYS C 243 -37.93 4.45 -41.35
N ASP C 244 -38.95 3.75 -41.83
CA ASP C 244 -39.89 4.25 -42.82
C ASP C 244 -40.79 5.20 -42.07
N LEU C 245 -40.45 6.50 -42.12
CA LEU C 245 -41.16 7.52 -41.32
C LEU C 245 -41.91 8.51 -42.23
N ALA C 246 -42.97 9.12 -41.69
CA ALA C 246 -43.64 10.22 -42.39
C ALA C 246 -42.63 11.32 -42.70
N PRO C 247 -42.80 12.02 -43.85
CA PRO C 247 -41.81 13.08 -44.10
C PRO C 247 -41.88 14.22 -43.05
N GLU C 248 -43.04 14.39 -42.41
CA GLU C 248 -43.18 15.39 -41.36
C GLU C 248 -42.43 14.98 -40.05
N ALA C 249 -42.47 13.68 -39.75
CA ALA C 249 -41.77 13.10 -38.60
C ALA C 249 -40.27 13.17 -38.81
N ARG C 250 -39.83 12.88 -40.02
CA ARG C 250 -38.43 13.02 -40.41
C ARG C 250 -37.87 14.41 -40.07
N GLN C 251 -38.66 15.43 -40.41
CA GLN C 251 -38.30 16.83 -40.23
C GLN C 251 -38.31 17.20 -38.75
N ALA C 252 -39.44 16.96 -38.09
CA ALA C 252 -39.55 17.17 -36.67
C ALA C 252 -38.49 16.39 -35.93
N ILE C 253 -38.19 15.17 -36.35
CA ILE C 253 -37.09 14.42 -35.73
C ILE C 253 -35.73 15.09 -35.92
N LYS C 254 -35.41 15.59 -37.13
CA LYS C 254 -34.14 16.33 -37.41
C LYS C 254 -34.11 17.57 -36.54
N SER C 255 -35.25 18.24 -36.46
CA SER C 255 -35.38 19.46 -35.69
C SER C 255 -35.14 19.23 -34.18
N LEU C 256 -35.80 18.22 -33.63
CA LEU C 256 -35.65 17.95 -32.21
C LEU C 256 -34.20 17.68 -31.84
N THR C 257 -33.48 16.96 -32.69
CA THR C 257 -32.11 16.64 -32.32
C THR C 257 -31.19 17.84 -32.51
N GLU C 258 -31.33 18.59 -33.59
CA GLU C 258 -30.45 19.77 -33.71
C GLU C 258 -30.72 20.89 -32.67
N ARG C 259 -31.98 21.09 -32.31
CA ARG C 259 -32.38 22.16 -31.41
C ARG C 259 -32.43 21.80 -29.92
N LEU C 260 -32.65 20.52 -29.61
CA LEU C 260 -32.81 20.04 -28.21
C LEU C 260 -31.81 18.94 -27.77
N TYR C 261 -31.77 17.82 -28.50
CA TYR C 261 -31.07 16.63 -28.01
C TYR C 261 -29.58 16.85 -27.97
N ILE C 262 -29.07 17.56 -28.96
CA ILE C 262 -27.63 17.81 -29.12
C ILE C 262 -27.05 18.81 -28.11
N GLY C 263 -27.86 19.79 -27.69
CA GLY C 263 -27.46 20.78 -26.70
C GLY C 263 -28.45 21.94 -26.65
N GLY C 264 -28.07 23.03 -25.98
CA GLY C 264 -29.03 24.13 -25.70
C GLY C 264 -28.73 24.94 -24.44
N PRO C 265 -29.41 26.09 -24.27
CA PRO C 265 -29.17 26.82 -23.05
C PRO C 265 -29.84 26.12 -21.85
N LEU C 266 -29.28 26.37 -20.68
CA LEU C 266 -29.80 25.89 -19.40
C LEU C 266 -30.34 27.07 -18.59
N THR C 267 -31.63 27.05 -18.27
CA THR C 267 -32.27 28.10 -17.47
C THR C 267 -32.70 27.54 -16.11
N ASN C 268 -32.26 28.16 -15.01
CA ASN C 268 -32.71 27.73 -13.68
C ASN C 268 -34.16 28.14 -13.37
N SER C 269 -34.66 27.70 -12.22
CA SER C 269 -36.06 27.92 -11.83
C SER C 269 -36.51 29.41 -11.84
N LYS C 270 -35.59 30.30 -11.50
CA LYS C 270 -35.88 31.73 -11.51
C LYS C 270 -35.85 32.43 -12.90
N GLY C 271 -35.56 31.71 -13.99
CA GLY C 271 -35.46 32.30 -15.32
C GLY C 271 -34.08 32.87 -15.71
N GLN C 272 -33.04 32.60 -14.92
CA GLN C 272 -31.69 33.04 -15.24
C GLN C 272 -30.97 32.01 -16.10
N ASN C 273 -29.88 32.42 -16.75
CA ASN C 273 -29.14 31.54 -17.66
C ASN C 273 -27.95 30.94 -16.93
N CYS C 274 -27.94 29.64 -16.73
CA CYS C 274 -26.85 28.96 -16.02
C CYS C 274 -25.71 28.61 -16.93
N GLY C 275 -26.02 28.46 -18.21
CA GLY C 275 -24.99 28.06 -19.12
C GLY C 275 -25.49 27.27 -20.31
N TYR C 276 -24.73 26.23 -20.65
CA TYR C 276 -24.97 25.58 -21.93
C TYR C 276 -24.64 24.09 -21.87
N ARG C 277 -25.47 23.28 -22.53
CA ARG C 277 -25.33 21.82 -22.48
C ARG C 277 -24.99 21.29 -23.83
N ARG C 278 -23.98 20.41 -23.88
CA ARG C 278 -23.55 19.73 -25.12
C ARG C 278 -23.43 18.19 -24.94
N CYS C 279 -24.28 17.64 -24.08
CA CYS C 279 -24.37 16.19 -23.90
C CYS C 279 -25.85 15.76 -23.79
N ARG C 280 -26.11 14.67 -23.09
CA ARG C 280 -27.47 14.15 -22.94
C ARG C 280 -28.26 14.89 -21.88
N ALA C 281 -29.42 15.39 -22.24
CA ALA C 281 -30.41 15.82 -21.27
C ALA C 281 -31.02 14.56 -20.64
N SER C 282 -31.05 14.51 -19.32
CA SER C 282 -31.64 13.36 -18.63
C SER C 282 -33.14 13.32 -18.91
N GLY C 283 -33.78 14.47 -19.08
CA GLY C 283 -35.26 14.57 -19.08
C GLY C 283 -35.90 14.87 -20.43
N VAL C 284 -35.43 14.19 -21.46
CA VAL C 284 -36.11 14.21 -22.74
C VAL C 284 -36.60 12.78 -23.02
N LEU C 285 -37.43 12.65 -24.02
CA LEU C 285 -38.09 11.41 -24.36
C LEU C 285 -37.17 10.38 -24.95
N THR C 286 -36.09 10.82 -25.57
CA THR C 286 -35.18 9.92 -26.27
C THR C 286 -34.03 9.45 -25.38
N THR C 287 -34.01 9.88 -24.12
CA THR C 287 -32.86 9.71 -23.27
C THR C 287 -32.57 8.25 -22.94
N SER C 288 -33.61 7.52 -22.56
CA SER C 288 -33.54 6.07 -22.40
C SER C 288 -33.23 5.32 -23.69
N CYS C 289 -33.80 5.75 -24.82
CA CYS C 289 -33.55 5.05 -26.07
C CYS C 289 -32.16 5.34 -26.57
N GLY C 290 -31.78 6.59 -26.44
CA GLY C 290 -30.45 7.01 -26.89
C GLY C 290 -29.31 6.38 -26.11
N ASN C 291 -29.42 6.42 -24.79
CA ASN C 291 -28.37 5.87 -23.96
C ASN C 291 -28.22 4.34 -24.17
N THR C 292 -29.30 3.69 -24.56
CA THR C 292 -29.29 2.25 -24.68
C THR C 292 -28.61 1.95 -26.00
N LEU C 293 -29.10 2.55 -27.08
CA LEU C 293 -28.50 2.39 -28.39
C LEU C 293 -27.03 2.76 -28.31
N THR C 294 -26.75 3.85 -27.61
CA THR C 294 -25.38 4.40 -27.55
C THR C 294 -24.44 3.51 -26.73
N CYS C 295 -24.92 3.08 -25.58
CA CYS C 295 -24.16 2.17 -24.77
C CYS C 295 -24.00 0.83 -25.50
N TYR C 296 -25.08 0.31 -26.08
CA TYR C 296 -24.99 -0.98 -26.78
C TYR C 296 -23.96 -0.95 -27.91
N LEU C 297 -23.95 0.15 -28.67
CA LEU C 297 -23.05 0.33 -29.82
C LEU C 297 -21.58 0.42 -29.43
N LYS C 298 -21.23 1.27 -28.47
CA LYS C 298 -19.82 1.37 -28.05
C LYS C 298 -19.38 0.06 -27.45
N ALA C 299 -20.21 -0.46 -26.55
CA ALA C 299 -19.98 -1.75 -25.90
C ALA C 299 -19.73 -2.91 -26.87
N SER C 300 -20.57 -3.05 -27.88
CA SER C 300 -20.39 -4.12 -28.89
C SER C 300 -19.07 -3.97 -29.67
N ALA C 301 -18.73 -2.72 -29.99
CA ALA C 301 -17.48 -2.37 -30.63
C ALA C 301 -16.34 -2.75 -29.70
N ALA C 302 -16.47 -2.34 -28.45
CA ALA C 302 -15.43 -2.60 -27.48
C ALA C 302 -15.16 -4.09 -27.41
N CYS C 303 -16.21 -4.91 -27.42
CA CYS C 303 -16.06 -6.37 -27.35
C CYS C 303 -15.18 -6.91 -28.48
N ARG C 304 -15.41 -6.39 -29.67
CA ARG C 304 -14.66 -6.81 -30.85
C ARG C 304 -13.18 -6.46 -30.71
N ALA C 305 -12.92 -5.21 -30.27
CA ALA C 305 -11.56 -4.71 -30.02
C ALA C 305 -10.77 -5.49 -28.99
N ALA C 306 -11.47 -6.05 -28.00
CA ALA C 306 -10.84 -6.81 -26.89
C ALA C 306 -10.79 -8.30 -27.19
N LYS C 307 -11.28 -8.68 -28.37
CA LYS C 307 -11.33 -10.08 -28.83
C LYS C 307 -12.03 -11.02 -27.83
N LEU C 308 -13.10 -10.53 -27.21
CA LEU C 308 -13.93 -11.30 -26.28
C LEU C 308 -14.71 -12.38 -27.05
N GLN C 309 -14.59 -13.64 -26.61
CA GLN C 309 -15.18 -14.80 -27.32
C GLN C 309 -16.65 -15.02 -26.95
N ASP C 310 -17.53 -14.89 -27.94
CA ASP C 310 -18.97 -15.23 -27.83
C ASP C 310 -19.67 -14.37 -26.78
N CYS C 311 -19.74 -13.07 -27.01
CA CYS C 311 -20.36 -12.12 -26.06
C CYS C 311 -21.87 -12.07 -26.12
N THR C 312 -22.51 -12.01 -24.95
CA THR C 312 -23.93 -11.70 -24.81
C THR C 312 -24.02 -10.48 -23.91
N MET C 313 -24.72 -9.45 -24.38
CA MET C 313 -24.85 -8.22 -23.63
C MET C 313 -26.28 -8.03 -23.17
N LEU C 314 -26.42 -7.24 -22.12
CA LEU C 314 -27.68 -6.85 -21.58
C LEU C 314 -27.45 -5.43 -21.16
N VAL C 315 -28.17 -4.51 -21.80
CA VAL C 315 -28.00 -3.09 -21.61
C VAL C 315 -29.30 -2.45 -21.09
N ASN C 316 -29.19 -1.52 -20.13
CA ASN C 316 -30.34 -0.72 -19.69
C ASN C 316 -29.92 0.75 -19.56
N GLY C 317 -30.08 1.50 -20.64
CA GLY C 317 -29.57 2.87 -20.67
C GLY C 317 -28.05 2.81 -20.55
N ASP C 318 -27.50 3.54 -19.59
CA ASP C 318 -26.04 3.49 -19.33
C ASP C 318 -25.56 2.21 -18.65
N ASP C 319 -26.46 1.27 -18.37
CA ASP C 319 -26.12 0.13 -17.50
C ASP C 319 -25.80 -1.08 -18.34
N LEU C 320 -24.61 -1.64 -18.16
CA LEU C 320 -24.10 -2.69 -19.02
C LEU C 320 -23.66 -3.96 -18.28
N VAL C 321 -24.10 -5.13 -18.74
CA VAL C 321 -23.51 -6.39 -18.30
C VAL C 321 -23.13 -7.14 -19.53
N VAL C 322 -22.02 -7.87 -19.44
CA VAL C 322 -21.61 -8.74 -20.53
C VAL C 322 -21.25 -10.09 -19.97
N ILE C 323 -21.62 -11.13 -20.71
CA ILE C 323 -21.36 -12.51 -20.32
C ILE C 323 -20.80 -13.25 -21.53
N CYS C 324 -19.68 -13.94 -21.34
CA CYS C 324 -18.91 -14.51 -22.48
C CYS C 324 -18.08 -15.71 -22.09
N GLU C 325 -17.33 -16.26 -23.04
CA GLU C 325 -16.42 -17.40 -22.74
C GLU C 325 -15.08 -16.93 -22.16
N SER C 326 -14.67 -17.46 -21.00
CA SER C 326 -13.40 -17.10 -20.42
C SER C 326 -12.27 -17.56 -21.29
N ALA C 327 -11.17 -16.81 -21.30
CA ALA C 327 -9.98 -17.23 -22.02
C ALA C 327 -8.92 -17.71 -21.06
N GLY C 328 -9.26 -17.72 -19.78
CA GLY C 328 -8.30 -17.95 -18.69
C GLY C 328 -8.21 -16.63 -17.95
N THR C 329 -7.80 -16.69 -16.68
CA THR C 329 -7.85 -15.53 -15.77
C THR C 329 -6.95 -14.32 -16.21
N GLN C 330 -5.66 -14.52 -16.45
CA GLN C 330 -4.84 -13.42 -16.96
C GLN C 330 -5.43 -12.88 -18.26
N GLU C 331 -5.76 -13.80 -19.16
CA GLU C 331 -6.29 -13.46 -20.47
C GLU C 331 -7.56 -12.60 -20.31
N ASP C 332 -8.43 -13.00 -19.36
CA ASP C 332 -9.70 -12.32 -19.08
C ASP C 332 -9.38 -10.94 -18.59
N ALA C 333 -8.53 -10.89 -17.57
CA ALA C 333 -8.13 -9.63 -16.94
C ALA C 333 -7.49 -8.66 -17.93
N ALA C 334 -6.67 -9.19 -18.82
CA ALA C 334 -6.07 -8.42 -19.90
C ALA C 334 -7.14 -7.90 -20.85
N SER C 335 -8.06 -8.76 -21.30
CA SER C 335 -8.99 -8.34 -22.33
C SER C 335 -10.05 -7.35 -21.81
N LEU C 336 -10.32 -7.33 -20.50
CA LEU C 336 -11.12 -6.24 -19.93
C LEU C 336 -10.42 -4.89 -20.09
N ARG C 337 -9.14 -4.85 -19.78
CA ARG C 337 -8.36 -3.63 -19.93
C ARG C 337 -8.50 -3.10 -21.36
N VAL C 338 -8.22 -3.94 -22.35
CA VAL C 338 -8.41 -3.51 -23.72
C VAL C 338 -9.84 -3.00 -23.90
N PHE C 339 -10.84 -3.78 -23.49
CA PHE C 339 -12.26 -3.33 -23.54
C PHE C 339 -12.45 -1.90 -23.00
N THR C 340 -11.85 -1.61 -21.84
CA THR C 340 -11.92 -0.31 -21.18
C THR C 340 -11.20 0.79 -21.95
N GLU C 341 -10.03 0.46 -22.50
CA GLU C 341 -9.30 1.41 -23.35
C GLU C 341 -10.18 1.87 -24.52
N ALA C 342 -10.94 0.93 -25.08
CA ALA C 342 -11.75 1.16 -26.26
C ALA C 342 -13.01 1.98 -25.94
N MET C 343 -13.63 1.71 -24.78
CA MET C 343 -14.78 2.50 -24.38
C MET C 343 -14.32 3.95 -24.13
N THR C 344 -13.20 4.10 -23.41
CA THR C 344 -12.54 5.38 -23.17
C THR C 344 -12.20 6.07 -24.48
N ARG C 345 -11.91 5.30 -25.52
CA ARG C 345 -11.66 5.91 -26.82
C ARG C 345 -12.93 6.39 -27.46
N TYR C 346 -14.02 5.62 -27.29
CA TYR C 346 -15.38 6.01 -27.78
C TYR C 346 -16.12 7.04 -26.92
N SER C 347 -15.44 7.53 -25.87
CA SER C 347 -15.95 8.52 -24.94
C SER C 347 -17.05 7.94 -24.09
N ALA C 348 -16.62 6.93 -23.32
CA ALA C 348 -17.45 6.23 -22.35
C ALA C 348 -16.52 5.65 -21.30
N PRO C 349 -15.77 6.51 -20.62
CA PRO C 349 -14.73 6.00 -19.74
C PRO C 349 -15.32 5.51 -18.43
N PRO C 350 -14.58 4.66 -17.71
CA PRO C 350 -15.08 3.93 -16.54
C PRO C 350 -15.06 4.68 -15.20
N GLY C 351 -16.09 4.50 -14.38
CA GLY C 351 -16.08 4.96 -12.99
C GLY C 351 -15.17 4.07 -12.16
N ASP C 352 -15.76 3.05 -11.53
CA ASP C 352 -14.98 1.95 -10.92
C ASP C 352 -14.46 1.06 -12.07
N PRO C 353 -13.22 0.59 -11.98
CA PRO C 353 -12.77 -0.20 -13.12
C PRO C 353 -13.49 -1.57 -13.15
N PRO C 354 -13.78 -2.06 -14.36
CA PRO C 354 -14.48 -3.31 -14.51
C PRO C 354 -13.65 -4.49 -14.04
N GLN C 355 -14.30 -5.48 -13.45
CA GLN C 355 -13.61 -6.65 -12.96
C GLN C 355 -14.33 -7.95 -13.34
N PRO C 356 -13.56 -8.96 -13.79
CA PRO C 356 -14.14 -10.22 -14.19
C PRO C 356 -14.76 -10.98 -13.02
N GLU C 357 -15.92 -11.59 -13.25
CA GLU C 357 -16.60 -12.38 -12.27
C GLU C 357 -16.86 -13.79 -12.80
N TYR C 358 -16.64 -14.80 -11.98
CA TYR C 358 -16.85 -16.20 -12.36
C TYR C 358 -18.03 -16.79 -11.59
N ASP C 359 -18.86 -15.91 -11.01
CA ASP C 359 -20.08 -16.31 -10.27
C ASP C 359 -21.21 -15.32 -10.62
N LEU C 360 -22.32 -15.81 -11.17
CA LEU C 360 -23.38 -14.90 -11.63
C LEU C 360 -23.94 -14.15 -10.44
N GLU C 361 -24.01 -14.80 -9.28
CA GLU C 361 -24.52 -14.15 -8.08
C GLU C 361 -23.76 -12.86 -7.69
N LEU C 362 -22.46 -12.81 -7.95
CA LEU C 362 -21.58 -11.65 -7.62
C LEU C 362 -21.67 -10.43 -8.59
N ILE C 363 -22.38 -10.57 -9.70
CA ILE C 363 -22.47 -9.53 -10.71
C ILE C 363 -23.72 -8.69 -10.46
N THR C 364 -23.54 -7.38 -10.35
CA THR C 364 -24.61 -6.45 -10.18
C THR C 364 -24.91 -5.75 -11.52
N SER C 365 -26.15 -5.86 -11.98
CA SER C 365 -26.64 -5.06 -13.10
C SER C 365 -28.11 -4.60 -12.94
N CYS C 366 -28.39 -3.37 -13.43
CA CYS C 366 -29.52 -2.57 -12.94
C CYS C 366 -29.61 -2.75 -11.44
N SER C 367 -28.51 -2.51 -10.73
CA SER C 367 -28.58 -2.41 -9.29
C SER C 367 -29.14 -3.69 -8.68
N SER C 368 -28.95 -4.80 -9.39
CA SER C 368 -29.56 -6.08 -9.05
C SER C 368 -28.59 -7.22 -9.31
N ASN C 369 -28.85 -8.33 -8.63
CA ASN C 369 -28.11 -9.54 -8.82
C ASN C 369 -29.05 -10.71 -8.66
N VAL C 370 -28.77 -11.75 -9.44
CA VAL C 370 -29.37 -13.03 -9.26
C VAL C 370 -28.91 -13.67 -7.96
N SER C 371 -29.88 -14.24 -7.25
CA SER C 371 -29.64 -15.13 -6.12
C SER C 371 -30.64 -16.32 -6.22
N VAL C 372 -30.43 -17.32 -5.37
CA VAL C 372 -31.10 -18.60 -5.51
C VAL C 372 -31.84 -18.93 -4.21
N ALA C 373 -33.05 -19.46 -4.36
CA ALA C 373 -33.82 -20.01 -3.23
C ALA C 373 -34.63 -21.22 -3.73
N HIS C 374 -35.44 -21.82 -2.87
CA HIS C 374 -36.22 -23.01 -3.26
C HIS C 374 -37.71 -22.76 -3.02
N ASP C 375 -38.56 -23.30 -3.87
CA ASP C 375 -40.01 -23.19 -3.66
C ASP C 375 -40.57 -24.36 -2.80
N ALA C 376 -41.90 -24.46 -2.71
CA ALA C 376 -42.64 -25.47 -1.89
C ALA C 376 -42.15 -26.87 -2.14
N SER C 377 -42.21 -27.29 -3.40
CA SER C 377 -41.74 -28.61 -3.78
C SER C 377 -40.22 -28.85 -3.56
N GLY C 378 -39.45 -27.80 -3.26
CA GLY C 378 -37.99 -27.90 -3.06
C GLY C 378 -37.16 -27.60 -4.31
N LYS C 379 -37.85 -27.36 -5.44
CA LYS C 379 -37.26 -27.01 -6.74
C LYS C 379 -36.47 -25.72 -6.59
N ARG C 380 -35.32 -25.60 -7.26
CA ARG C 380 -34.46 -24.43 -7.03
C ARG C 380 -34.75 -23.26 -8.00
N VAL C 381 -34.98 -22.08 -7.42
CA VAL C 381 -35.55 -20.96 -8.14
C VAL C 381 -34.63 -19.74 -8.07
N TYR C 382 -34.32 -19.18 -9.25
CA TYR C 382 -33.54 -17.94 -9.33
C TYR C 382 -34.48 -16.74 -9.33
N TYR C 383 -33.98 -15.63 -8.79
CA TYR C 383 -34.71 -14.37 -8.76
C TYR C 383 -33.72 -13.23 -8.58
N LEU C 384 -34.14 -12.02 -8.95
CA LEU C 384 -33.33 -10.81 -8.79
C LEU C 384 -33.52 -10.16 -7.45
N THR C 385 -32.41 -9.79 -6.81
CA THR C 385 -32.47 -9.01 -5.56
C THR C 385 -31.37 -7.95 -5.55
N ARG C 386 -31.16 -7.31 -4.40
CA ARG C 386 -30.15 -6.26 -4.27
C ARG C 386 -29.98 -5.96 -2.80
N ASP C 387 -28.94 -5.21 -2.47
CA ASP C 387 -28.77 -4.67 -1.14
C ASP C 387 -30.04 -3.83 -0.98
N PRO C 388 -30.69 -3.90 0.21
CA PRO C 388 -31.96 -3.23 0.51
C PRO C 388 -31.85 -1.91 1.19
N THR C 389 -30.65 -1.39 1.34
CA THR C 389 -30.44 -0.15 2.07
C THR C 389 -31.22 0.98 1.47
N THR C 390 -31.04 1.20 0.18
CA THR C 390 -31.76 2.31 -0.43
C THR C 390 -33.27 2.12 -0.42
N PRO C 391 -33.78 0.94 -0.77
CA PRO C 391 -35.24 0.87 -0.72
C PRO C 391 -35.82 1.07 0.68
N LEU C 392 -35.16 0.56 1.71
CA LEU C 392 -35.64 0.74 3.09
C LEU C 392 -35.52 2.21 3.45
N ALA C 393 -34.34 2.75 3.19
CA ALA C 393 -34.11 4.18 3.28
C ALA C 393 -35.28 5.01 2.74
N ARG C 394 -35.60 4.82 1.46
CA ARG C 394 -36.69 5.58 0.83
C ARG C 394 -38.04 5.26 1.43
N ALA C 395 -38.21 4.02 1.86
CA ALA C 395 -39.48 3.56 2.43
C ALA C 395 -39.69 4.24 3.78
N ALA C 396 -38.62 4.41 4.53
CA ALA C 396 -38.68 5.13 5.79
C ALA C 396 -39.05 6.60 5.57
N TRP C 397 -38.52 7.18 4.49
CA TRP C 397 -38.85 8.56 4.12
C TRP C 397 -40.28 8.72 3.69
N GLU C 398 -40.74 7.80 2.84
CA GLU C 398 -42.05 7.90 2.22
C GLU C 398 -43.15 7.74 3.25
N THR C 399 -42.88 6.93 4.26
CA THR C 399 -43.82 6.76 5.35
C THR C 399 -43.86 8.00 6.28
N ALA C 400 -42.82 8.86 6.24
CA ALA C 400 -42.68 10.00 7.18
C ALA C 400 -43.26 11.33 6.67
N ARG C 401 -42.64 11.91 5.64
CA ARG C 401 -43.23 13.05 4.92
C ARG C 401 -44.08 12.44 3.78
N HIS C 402 -45.12 13.15 3.34
CA HIS C 402 -45.98 12.67 2.25
C HIS C 402 -45.33 12.95 0.89
N THR C 403 -45.50 12.02 -0.04
CA THR C 403 -44.75 12.04 -1.29
C THR C 403 -45.58 11.52 -2.47
N PRO C 404 -45.54 12.23 -3.62
CA PRO C 404 -46.21 11.83 -4.87
C PRO C 404 -45.89 10.40 -5.33
N VAL C 405 -44.60 10.06 -5.38
CA VAL C 405 -44.17 8.74 -5.84
C VAL C 405 -44.02 7.78 -4.65
N ASN C 406 -44.31 6.51 -4.92
CA ASN C 406 -44.32 5.45 -3.91
C ASN C 406 -43.34 4.32 -4.30
N SER C 407 -42.04 4.56 -4.04
CA SER C 407 -40.99 3.62 -4.35
C SER C 407 -41.20 2.23 -3.74
N TRP C 408 -41.72 2.21 -2.52
CA TRP C 408 -41.98 0.97 -1.81
C TRP C 408 -42.83 -0.01 -2.63
N LEU C 409 -43.87 0.50 -3.27
CA LEU C 409 -44.78 -0.32 -4.09
C LEU C 409 -44.07 -0.84 -5.34
N GLY C 410 -43.22 0.00 -5.93
CA GLY C 410 -42.42 -0.41 -7.06
C GLY C 410 -41.46 -1.50 -6.64
N ASN C 411 -40.73 -1.25 -5.56
CA ASN C 411 -39.85 -2.26 -4.98
C ASN C 411 -40.57 -3.54 -4.58
N ILE C 412 -41.83 -3.46 -4.17
CA ILE C 412 -42.58 -4.70 -3.91
C ILE C 412 -42.79 -5.48 -5.20
N ILE C 413 -43.25 -4.81 -6.25
CA ILE C 413 -43.52 -5.43 -7.58
C ILE C 413 -42.23 -5.98 -8.18
N MET C 414 -41.22 -5.13 -8.28
CA MET C 414 -39.92 -5.56 -8.79
C MET C 414 -39.26 -6.66 -7.94
N TYR C 415 -39.32 -6.57 -6.62
CA TYR C 415 -38.55 -7.48 -5.76
C TYR C 415 -39.39 -8.32 -4.82
N ALA C 416 -40.58 -8.69 -5.28
CA ALA C 416 -41.51 -9.52 -4.56
C ALA C 416 -40.96 -10.86 -4.12
N PRO C 417 -40.02 -11.45 -4.85
CA PRO C 417 -39.56 -12.74 -4.36
C PRO C 417 -38.56 -12.62 -3.22
N THR C 418 -38.01 -11.43 -3.01
CA THR C 418 -36.89 -11.30 -2.11
C THR C 418 -37.36 -11.40 -0.68
N LEU C 419 -36.48 -11.96 0.13
CA LEU C 419 -36.62 -12.01 1.56
C LEU C 419 -37.06 -10.67 2.11
N TRP C 420 -36.35 -9.62 1.70
CA TRP C 420 -36.52 -8.32 2.34
C TRP C 420 -37.82 -7.57 1.97
N ALA C 421 -38.26 -7.69 0.72
CA ALA C 421 -39.51 -7.03 0.29
C ALA C 421 -40.71 -7.72 0.93
N ARG C 422 -40.68 -9.04 0.99
CA ARG C 422 -41.77 -9.81 1.57
C ARG C 422 -41.90 -9.54 3.07
N MET C 423 -40.80 -9.66 3.82
CA MET C 423 -40.85 -9.67 5.29
C MET C 423 -40.93 -8.26 5.83
N ILE C 424 -40.36 -7.31 5.10
CA ILE C 424 -40.30 -5.94 5.60
C ILE C 424 -41.29 -5.02 4.92
N LEU C 425 -41.19 -4.86 3.61
CA LEU C 425 -42.04 -3.89 2.89
C LEU C 425 -43.53 -4.27 2.96
N MET C 426 -43.88 -5.42 2.40
CA MET C 426 -45.29 -5.83 2.35
C MET C 426 -45.96 -5.63 3.73
N THR C 427 -45.35 -6.24 4.74
CA THR C 427 -45.79 -6.17 6.13
C THR C 427 -45.98 -4.73 6.62
N HIS C 428 -44.91 -3.95 6.56
CA HIS C 428 -44.93 -2.55 7.00
C HIS C 428 -45.99 -1.68 6.31
N PHE C 429 -46.16 -1.80 4.99
CA PHE C 429 -47.13 -0.96 4.27
C PHE C 429 -48.58 -1.47 4.26
N PHE C 430 -48.79 -2.78 4.33
CA PHE C 430 -50.13 -3.28 4.52
C PHE C 430 -50.61 -2.91 5.92
N SER C 431 -49.69 -2.90 6.88
CA SER C 431 -49.95 -2.41 8.23
C SER C 431 -50.54 -0.98 8.17
N ILE C 432 -49.92 -0.13 7.35
CA ILE C 432 -50.29 1.26 7.28
C ILE C 432 -51.60 1.39 6.53
N LEU C 433 -51.70 0.71 5.41
CA LEU C 433 -52.91 0.78 4.63
C LEU C 433 -54.12 0.37 5.49
N LEU C 434 -54.01 -0.81 6.09
CA LEU C 434 -54.96 -1.34 7.07
C LEU C 434 -55.40 -0.31 8.14
N ALA C 435 -54.42 0.43 8.69
CA ALA C 435 -54.62 1.43 9.78
C ALA C 435 -55.26 2.74 9.34
N GLN C 436 -54.96 3.15 8.11
CA GLN C 436 -55.57 4.32 7.50
C GLN C 436 -56.86 3.95 6.75
N GLU C 437 -57.29 2.69 6.85
CA GLU C 437 -58.41 2.20 6.05
C GLU C 437 -58.22 2.54 4.57
N GLN C 438 -56.99 2.36 4.06
CA GLN C 438 -56.59 2.90 2.75
C GLN C 438 -56.06 1.86 1.77
N LEU C 439 -56.54 0.63 1.89
CA LEU C 439 -56.21 -0.43 0.94
C LEU C 439 -56.73 -0.24 -0.49
N GLU C 440 -57.84 0.46 -0.65
CA GLU C 440 -58.54 0.58 -1.97
C GLU C 440 -57.90 1.63 -2.87
N LYS C 441 -57.17 2.57 -2.27
CA LYS C 441 -56.61 3.70 -3.01
C LYS C 441 -55.47 3.31 -3.93
N ALA C 442 -55.67 3.48 -5.24
CA ALA C 442 -54.57 3.33 -6.20
C ALA C 442 -53.48 4.38 -5.96
N LEU C 443 -52.24 3.98 -6.26
CA LEU C 443 -51.09 4.85 -6.10
C LEU C 443 -50.23 4.78 -7.34
N ASP C 444 -49.49 5.85 -7.58
CA ASP C 444 -48.56 5.91 -8.69
C ASP C 444 -47.26 5.29 -8.23
N CYS C 445 -46.80 4.25 -8.92
CA CYS C 445 -45.42 3.85 -8.78
C CYS C 445 -44.78 3.92 -10.16
N GLN C 446 -43.46 4.05 -10.19
CA GLN C 446 -42.73 4.12 -11.45
C GLN C 446 -42.28 2.72 -11.86
N ILE C 447 -42.45 2.36 -13.14
CA ILE C 447 -41.83 1.16 -13.68
C ILE C 447 -41.13 1.40 -15.02
N TYR C 448 -39.84 1.07 -15.03
CA TYR C 448 -38.93 1.41 -16.10
C TYR C 448 -39.15 2.86 -16.52
N GLY C 449 -39.22 3.75 -15.54
CA GLY C 449 -39.40 5.19 -15.79
C GLY C 449 -40.80 5.69 -16.10
N ALA C 450 -41.73 4.78 -16.37
CA ALA C 450 -43.10 5.15 -16.68
C ALA C 450 -43.92 5.13 -15.40
N CYS C 451 -44.85 6.09 -15.26
CA CYS C 451 -45.74 6.12 -14.11
C CYS C 451 -46.99 5.30 -14.39
N TYR C 452 -47.25 4.34 -13.47
CA TYR C 452 -48.47 3.52 -13.48
C TYR C 452 -49.30 3.82 -12.23
N SER C 453 -50.63 3.79 -12.36
CA SER C 453 -51.57 3.87 -11.23
C SER C 453 -51.96 2.44 -10.90
N ILE C 454 -51.67 2.03 -9.66
CA ILE C 454 -51.79 0.62 -9.26
C ILE C 454 -52.51 0.47 -7.93
N GLU C 455 -53.34 -0.58 -7.86
CA GLU C 455 -54.15 -0.87 -6.69
C GLU C 455 -53.41 -1.85 -5.78
N PRO C 456 -53.01 -1.40 -4.58
CA PRO C 456 -52.30 -2.32 -3.73
C PRO C 456 -52.98 -3.70 -3.67
N LEU C 457 -54.29 -3.73 -3.56
CA LEU C 457 -55.01 -5.00 -3.49
C LEU C 457 -54.81 -5.91 -4.67
N ASP C 458 -54.23 -5.42 -5.78
CA ASP C 458 -54.01 -6.26 -6.95
C ASP C 458 -52.66 -6.96 -6.91
N LEU C 459 -51.88 -6.67 -5.88
CA LEU C 459 -50.52 -7.16 -5.82
C LEU C 459 -50.42 -8.66 -6.06
N PRO C 460 -51.33 -9.48 -5.50
CA PRO C 460 -51.10 -10.90 -5.74
C PRO C 460 -51.11 -11.30 -7.23
N GLN C 461 -52.14 -10.89 -7.96
CA GLN C 461 -52.20 -11.12 -9.41
C GLN C 461 -50.93 -10.62 -10.13
N ILE C 462 -50.54 -9.38 -9.81
CA ILE C 462 -49.38 -8.74 -10.41
C ILE C 462 -48.16 -9.61 -10.20
N ILE C 463 -48.01 -10.11 -8.97
CA ILE C 463 -46.85 -10.90 -8.61
C ILE C 463 -46.87 -12.27 -9.25
N GLU C 464 -48.03 -12.91 -9.34
CA GLU C 464 -48.11 -14.19 -10.03
C GLU C 464 -47.70 -14.09 -11.51
N ARG C 465 -48.08 -12.99 -12.15
CA ARG C 465 -47.80 -12.80 -13.57
C ARG C 465 -46.32 -12.48 -13.83
N LEU C 466 -45.70 -11.66 -12.97
CA LEU C 466 -44.32 -11.18 -13.20
C LEU C 466 -43.24 -12.10 -12.67
N HIS C 467 -43.64 -13.10 -11.88
CA HIS C 467 -42.73 -13.86 -11.03
C HIS C 467 -43.10 -15.34 -10.90
N GLY C 468 -44.39 -15.64 -10.94
CA GLY C 468 -44.85 -17.01 -10.78
C GLY C 468 -45.35 -17.24 -9.39
N LEU C 469 -46.22 -18.26 -9.25
CA LEU C 469 -46.68 -18.73 -7.95
C LEU C 469 -45.58 -18.99 -6.93
N SER C 470 -44.35 -19.29 -7.39
CA SER C 470 -43.24 -19.58 -6.49
C SER C 470 -42.90 -18.44 -5.52
N ALA C 471 -43.27 -17.21 -5.88
CA ALA C 471 -42.88 -16.04 -5.12
C ALA C 471 -43.64 -15.92 -3.80
N PHE C 472 -44.71 -16.69 -3.65
CA PHE C 472 -45.45 -16.67 -2.41
C PHE C 472 -44.99 -17.75 -1.44
N SER C 473 -43.92 -18.45 -1.83
CA SER C 473 -43.47 -19.62 -1.09
C SER C 473 -41.99 -19.98 -1.27
N LEU C 474 -41.10 -19.02 -1.50
CA LEU C 474 -39.65 -19.32 -1.53
C LEU C 474 -39.13 -19.41 -0.10
N HIS C 475 -38.07 -20.17 0.17
CA HIS C 475 -37.74 -20.41 1.58
C HIS C 475 -36.28 -20.73 2.01
N SER C 476 -35.53 -21.48 1.22
CA SER C 476 -34.18 -21.82 1.67
C SER C 476 -33.24 -20.86 0.98
N TYR C 477 -33.34 -19.61 1.38
CA TYR C 477 -32.57 -18.55 0.78
C TYR C 477 -31.08 -18.79 1.02
N SER C 478 -30.23 -18.18 0.20
CA SER C 478 -28.79 -18.45 0.29
C SER C 478 -28.16 -17.74 1.52
N PRO C 479 -27.08 -18.35 2.09
CA PRO C 479 -26.56 -17.79 3.35
C PRO C 479 -26.14 -16.35 3.16
N GLY C 480 -25.45 -16.08 2.04
CA GLY C 480 -24.98 -14.74 1.64
C GLY C 480 -26.04 -13.65 1.51
N GLU C 481 -27.17 -13.93 0.86
CA GLU C 481 -28.32 -13.00 0.87
C GLU C 481 -28.85 -12.69 2.28
N ILE C 482 -28.92 -13.72 3.11
CA ILE C 482 -29.40 -13.56 4.49
C ILE C 482 -28.47 -12.67 5.32
N ASN C 483 -27.16 -12.65 5.01
CA ASN C 483 -26.23 -11.86 5.84
C ASN C 483 -26.43 -10.41 5.53
N ARG C 484 -26.49 -10.15 4.24
CA ARG C 484 -26.71 -8.80 3.71
C ARG C 484 -28.00 -8.18 4.26
N VAL C 485 -29.09 -8.95 4.32
CA VAL C 485 -30.31 -8.41 4.91
C VAL C 485 -30.09 -8.14 6.39
N ALA C 486 -29.47 -9.08 7.09
CA ALA C 486 -29.28 -8.97 8.54
C ALA C 486 -28.41 -7.77 8.89
N SER C 487 -27.27 -7.61 8.20
CA SER C 487 -26.37 -6.45 8.41
C SER C 487 -27.11 -5.15 8.14
N CYS C 488 -27.60 -5.02 6.91
CA CYS C 488 -28.36 -3.84 6.54
C CYS C 488 -29.33 -3.39 7.65
N LEU C 489 -30.06 -4.33 8.24
CA LEU C 489 -31.00 -4.03 9.33
C LEU C 489 -30.35 -3.52 10.64
N ARG C 490 -29.18 -4.06 11.00
CA ARG C 490 -28.43 -3.55 12.17
C ARG C 490 -27.84 -2.21 11.80
N LYS C 491 -27.35 -2.11 10.58
CA LYS C 491 -26.76 -0.89 10.08
C LYS C 491 -27.78 0.23 10.22
N LEU C 492 -28.98 0.00 9.70
CA LEU C 492 -30.01 1.03 9.57
C LEU C 492 -30.88 1.15 10.81
N GLY C 493 -30.73 0.20 11.73
CA GLY C 493 -31.55 0.15 12.95
C GLY C 493 -33.01 -0.21 12.70
N VAL C 494 -33.26 -1.25 11.91
CA VAL C 494 -34.63 -1.70 11.69
C VAL C 494 -34.74 -2.97 12.51
N PRO C 495 -35.94 -3.30 13.02
CA PRO C 495 -36.15 -4.57 13.72
C PRO C 495 -35.59 -5.82 12.97
N PRO C 496 -35.05 -6.81 13.70
CA PRO C 496 -34.59 -7.98 12.96
C PRO C 496 -35.79 -8.75 12.47
N LEU C 497 -35.55 -9.75 11.63
CA LEU C 497 -36.60 -10.38 10.85
C LEU C 497 -37.61 -11.14 11.70
N ARG C 498 -37.18 -11.61 12.88
CA ARG C 498 -38.04 -12.38 13.76
C ARG C 498 -39.23 -11.54 14.15
N VAL C 499 -39.00 -10.23 14.33
CA VAL C 499 -40.04 -9.28 14.74
C VAL C 499 -41.02 -8.99 13.62
N TRP C 500 -40.54 -9.02 12.36
CA TRP C 500 -41.40 -8.79 11.17
C TRP C 500 -42.40 -9.91 10.95
N ARG C 501 -41.91 -11.12 11.05
CA ARG C 501 -42.71 -12.33 11.05
C ARG C 501 -43.89 -12.25 12.05
N HIS C 502 -43.66 -11.68 13.23
CA HIS C 502 -44.70 -11.67 14.24
C HIS C 502 -45.71 -10.60 13.86
N ARG C 503 -45.23 -9.44 13.38
CA ARG C 503 -46.11 -8.36 12.89
C ARG C 503 -46.91 -8.79 11.66
N ALA C 504 -46.27 -9.56 10.78
CA ALA C 504 -46.93 -10.05 9.57
C ALA C 504 -48.09 -10.99 9.94
N ARG C 505 -47.86 -11.89 10.89
CA ARG C 505 -48.92 -12.77 11.41
C ARG C 505 -50.18 -11.98 11.80
N SER C 506 -49.99 -10.85 12.46
CA SER C 506 -51.12 -9.99 12.83
C SER C 506 -51.80 -9.34 11.59
N VAL C 507 -50.98 -8.72 10.74
CA VAL C 507 -51.40 -8.13 9.48
C VAL C 507 -52.14 -9.17 8.64
N ARG C 508 -51.57 -10.36 8.47
CA ARG C 508 -52.22 -11.46 7.74
C ARG C 508 -53.64 -11.67 8.24
N ALA C 509 -53.75 -11.84 9.56
CA ALA C 509 -55.00 -12.12 10.23
C ALA C 509 -56.09 -11.06 9.97
N ARG C 510 -55.73 -9.77 10.03
CA ARG C 510 -56.70 -8.67 9.83
C ARG C 510 -57.19 -8.64 8.40
N LEU C 511 -56.25 -8.92 7.49
CA LEU C 511 -56.51 -8.94 6.06
C LEU C 511 -57.49 -10.04 5.71
N LEU C 512 -57.26 -11.22 6.26
CA LEU C 512 -58.17 -12.36 6.07
C LEU C 512 -59.58 -12.04 6.55
N SER C 513 -59.72 -11.32 7.67
CA SER C 513 -61.06 -10.95 8.20
C SER C 513 -61.87 -9.95 7.33
N GLN C 514 -61.21 -9.27 6.40
CA GLN C 514 -61.90 -8.38 5.51
C GLN C 514 -62.43 -9.11 4.29
N GLY C 515 -61.99 -10.33 4.05
CA GLY C 515 -62.45 -11.05 2.88
C GLY C 515 -62.20 -10.37 1.53
N GLY C 516 -62.75 -10.96 0.47
CA GLY C 516 -62.58 -10.47 -0.86
C GLY C 516 -61.11 -10.40 -1.20
N ARG C 517 -60.66 -9.19 -1.59
CA ARG C 517 -59.31 -8.97 -2.09
C ARG C 517 -58.26 -8.83 -0.98
N ALA C 518 -58.66 -8.41 0.21
CA ALA C 518 -57.71 -8.24 1.29
C ALA C 518 -57.37 -9.60 1.85
N ALA C 519 -58.32 -10.52 1.80
CA ALA C 519 -58.04 -11.90 2.20
C ALA C 519 -57.03 -12.53 1.26
N THR C 520 -57.27 -12.43 -0.03
CA THR C 520 -56.32 -13.00 -0.97
C THR C 520 -54.92 -12.41 -0.76
N CYS C 521 -54.83 -11.11 -0.45
CA CYS C 521 -53.54 -10.49 -0.10
C CYS C 521 -52.91 -11.16 1.12
N GLY C 522 -53.68 -11.25 2.20
CA GLY C 522 -53.27 -11.97 3.38
C GLY C 522 -52.90 -13.43 3.12
N LYS C 523 -53.69 -14.13 2.34
CA LYS C 523 -53.41 -15.54 2.12
C LYS C 523 -52.10 -15.64 1.38
N TYR C 524 -51.99 -14.94 0.26
CA TYR C 524 -50.85 -15.08 -0.68
C TYR C 524 -49.55 -14.40 -0.25
N LEU C 525 -49.63 -13.12 0.10
CA LEU C 525 -48.46 -12.31 0.34
C LEU C 525 -47.73 -12.71 1.62
N PHE C 526 -48.45 -13.31 2.57
CA PHE C 526 -47.95 -13.61 3.94
C PHE C 526 -48.03 -15.09 4.38
N ASN C 527 -48.27 -15.99 3.44
CA ASN C 527 -48.11 -17.43 3.72
C ASN C 527 -46.74 -17.83 4.22
N TRP C 528 -45.69 -17.05 3.93
CA TRP C 528 -44.36 -17.27 4.56
C TRP C 528 -44.32 -17.16 6.09
N ALA C 529 -45.31 -16.51 6.68
CA ALA C 529 -45.29 -16.15 8.08
C ALA C 529 -45.94 -17.17 9.01
N VAL C 530 -46.74 -18.06 8.45
CA VAL C 530 -47.75 -18.77 9.23
C VAL C 530 -47.21 -19.85 10.18
N LYS C 531 -46.32 -20.71 9.69
CA LYS C 531 -45.76 -21.84 10.45
C LYS C 531 -46.28 -23.14 9.90
N THR C 532 -47.60 -23.22 9.72
CA THR C 532 -48.20 -24.31 8.94
C THR C 532 -48.86 -23.64 7.74
N LYS C 533 -48.26 -23.86 6.55
CA LYS C 533 -48.60 -23.09 5.35
C LYS C 533 -49.84 -23.68 4.69
N LEU C 534 -50.75 -22.80 4.26
CA LEU C 534 -51.83 -23.17 3.36
C LEU C 534 -51.26 -23.48 1.95
N LYS C 535 -52.01 -24.22 1.15
CA LYS C 535 -51.56 -24.61 -0.17
C LYS C 535 -52.15 -23.61 -1.13
N LEU C 536 -51.29 -22.99 -1.93
CA LEU C 536 -51.69 -21.85 -2.75
C LEU C 536 -51.88 -22.27 -4.19
N THR C 537 -52.95 -21.78 -4.81
CA THR C 537 -53.34 -22.27 -6.12
C THR C 537 -53.64 -21.10 -7.06
N PRO C 538 -53.35 -21.29 -8.36
CA PRO C 538 -53.34 -20.19 -9.32
C PRO C 538 -54.53 -19.23 -9.22
N ILE C 539 -54.24 -17.94 -9.05
CA ILE C 539 -55.27 -16.92 -8.96
C ILE C 539 -55.75 -16.64 -10.39
N SER C 548 -51.15 -6.67 -20.26
CA SER C 548 -50.21 -5.60 -19.97
C SER C 548 -49.59 -5.00 -21.24
N GLY C 549 -48.27 -4.84 -21.21
CA GLY C 549 -47.54 -3.73 -21.87
C GLY C 549 -46.66 -2.99 -20.86
N TRP C 550 -46.09 -3.72 -19.90
CA TRP C 550 -45.42 -3.15 -18.72
C TRP C 550 -43.88 -3.09 -18.84
N PHE C 551 -43.31 -4.20 -19.27
CA PHE C 551 -41.88 -4.33 -19.40
C PHE C 551 -41.61 -4.56 -20.86
N VAL C 552 -41.85 -3.48 -21.61
CA VAL C 552 -41.71 -3.42 -23.07
C VAL C 552 -40.57 -2.46 -23.47
N ALA C 553 -40.51 -1.30 -22.80
CA ALA C 553 -39.49 -0.28 -23.09
C ALA C 553 -39.33 0.76 -21.98
N GLY C 554 -38.16 1.38 -21.97
CA GLY C 554 -37.79 2.35 -20.96
C GLY C 554 -38.06 3.79 -21.37
N TYR C 555 -38.52 4.57 -20.42
CA TYR C 555 -38.87 5.95 -20.65
C TYR C 555 -38.45 6.79 -19.45
N SER C 556 -37.31 6.53 -18.83
CA SER C 556 -37.02 7.33 -17.67
C SER C 556 -36.55 8.70 -18.15
N GLY C 557 -36.96 9.70 -17.38
CA GLY C 557 -36.97 11.09 -17.82
C GLY C 557 -37.92 11.38 -18.98
N GLY C 558 -38.72 10.40 -19.40
CA GLY C 558 -39.48 10.48 -20.64
C GLY C 558 -40.84 11.14 -20.54
N ASP C 559 -41.26 11.54 -19.32
CA ASP C 559 -42.58 12.17 -19.11
C ASP C 559 -43.76 11.25 -19.60
N ILE C 560 -43.79 10.00 -19.13
CA ILE C 560 -44.75 8.99 -19.59
C ILE C 560 -45.69 8.45 -18.50
N TYR C 561 -46.95 8.25 -18.89
CA TYR C 561 -48.02 7.74 -18.03
C TYR C 561 -48.81 6.71 -18.83
N HIS C 562 -48.77 5.44 -18.42
CA HIS C 562 -49.52 4.36 -19.10
C HIS C 562 -50.89 4.19 -18.48
N SER D 1 46.05 56.91 -25.75
CA SER D 1 45.35 58.12 -25.20
C SER D 1 44.77 57.85 -23.82
N MET D 2 44.46 58.93 -23.09
CA MET D 2 44.02 58.81 -21.70
C MET D 2 42.58 58.35 -21.60
N SER D 3 42.37 57.23 -20.94
CA SER D 3 41.02 56.67 -20.75
C SER D 3 40.06 57.74 -20.24
N TYR D 4 40.52 58.55 -19.29
CA TYR D 4 39.80 59.70 -18.76
C TYR D 4 40.71 60.92 -18.59
N THR D 5 40.17 62.11 -18.80
CA THR D 5 40.79 63.37 -18.36
C THR D 5 39.83 63.97 -17.38
N TRP D 6 40.31 64.63 -16.31
CA TRP D 6 39.43 65.12 -15.23
C TRP D 6 39.55 66.60 -14.96
N THR D 7 38.42 67.31 -14.94
CA THR D 7 38.38 68.77 -14.62
C THR D 7 38.58 69.16 -13.12
N GLY D 8 38.10 68.31 -12.22
CA GLY D 8 38.08 68.60 -10.79
C GLY D 8 36.67 68.52 -10.23
N ALA D 9 35.66 68.81 -11.04
CA ALA D 9 34.27 68.74 -10.55
C ALA D 9 33.97 67.33 -10.04
N LEU D 10 33.58 67.21 -8.78
CA LEU D 10 33.39 65.93 -8.16
C LEU D 10 32.28 65.14 -8.85
N ILE D 11 32.33 63.82 -8.68
CA ILE D 11 31.26 62.92 -9.09
C ILE D 11 30.25 62.90 -7.95
N THR D 12 29.02 63.31 -8.26
CA THR D 12 28.09 63.76 -7.24
C THR D 12 26.89 62.85 -7.02
N PRO D 13 26.47 62.72 -5.75
CA PRO D 13 25.32 61.91 -5.44
C PRO D 13 24.03 62.49 -6.02
N CYS D 14 23.09 61.60 -6.28
CA CYS D 14 21.81 61.92 -6.92
C CYS D 14 20.73 62.01 -5.85
N ALA D 15 20.81 61.11 -4.87
CA ALA D 15 20.10 61.21 -3.58
C ALA D 15 21.12 60.90 -2.46
N ALA D 16 20.66 60.51 -1.28
CA ALA D 16 21.60 60.19 -0.20
C ALA D 16 21.81 58.68 -0.11
N GLU D 17 23.06 58.30 -0.35
CA GLU D 17 23.50 56.92 -0.37
C GLU D 17 23.69 56.43 1.06
N GLU D 18 23.07 55.31 1.42
CA GLU D 18 23.41 54.66 2.67
C GLU D 18 24.68 53.85 2.44
N SER D 19 25.53 53.74 3.46
CA SER D 19 26.80 53.02 3.36
C SER D 19 26.85 51.80 4.31
N LYS D 20 25.83 51.60 5.14
CA LYS D 20 25.84 50.57 6.18
C LYS D 20 24.45 49.95 6.37
N LEU D 21 24.43 48.77 7.01
CA LEU D 21 23.21 48.14 7.53
C LEU D 21 22.56 48.99 8.62
N PRO D 22 21.27 49.29 8.50
CA PRO D 22 20.54 49.64 9.74
C PRO D 22 20.65 48.51 10.78
N ASN D 28 18.76 40.24 10.71
CA ASN D 28 19.72 39.95 11.77
C ASN D 28 19.56 38.51 12.24
N SER D 29 18.44 37.89 11.86
CA SER D 29 18.27 36.43 11.95
C SER D 29 19.03 35.76 10.79
N LEU D 30 19.33 36.57 9.76
CA LEU D 30 20.26 36.18 8.72
C LEU D 30 21.72 36.25 9.16
N LEU D 31 22.21 37.44 9.53
CA LEU D 31 23.61 37.55 9.99
C LEU D 31 23.86 38.56 11.10
N ARG D 32 24.85 38.26 11.94
CA ARG D 32 25.09 39.04 13.15
C ARG D 32 26.17 40.09 12.92
N HIS D 33 27.23 39.74 12.17
CA HIS D 33 28.36 40.66 11.96
C HIS D 33 28.04 41.79 10.98
N HIS D 34 27.04 42.61 11.31
CA HIS D 34 26.62 43.78 10.53
C HIS D 34 27.72 44.77 10.09
N ASN D 35 28.76 44.96 10.91
CA ASN D 35 29.89 45.83 10.53
C ASN D 35 30.69 45.37 9.31
N MET D 36 30.57 44.10 8.94
CA MET D 36 31.31 43.57 7.77
C MET D 36 30.65 43.88 6.43
N VAL D 37 29.40 44.38 6.47
CA VAL D 37 28.63 44.63 5.27
C VAL D 37 28.56 46.12 5.03
N TYR D 38 29.18 46.54 3.93
CA TYR D 38 29.18 47.93 3.53
C TYR D 38 28.64 48.03 2.13
N ALA D 39 28.19 49.22 1.77
CA ALA D 39 27.92 49.55 0.37
C ALA D 39 28.91 50.62 -0.10
N THR D 40 29.26 50.53 -1.37
CA THR D 40 30.03 51.53 -2.05
C THR D 40 29.15 52.77 -2.20
N THR D 41 29.77 53.93 -2.06
CA THR D 41 29.09 55.21 -2.26
C THR D 41 30.02 56.13 -3.03
N SER D 42 29.52 57.30 -3.39
CA SER D 42 30.30 58.24 -4.19
C SER D 42 31.42 58.92 -3.38
N ARG D 43 31.57 58.59 -2.10
CA ARG D 43 32.72 59.06 -1.31
C ARG D 43 34.03 58.43 -1.78
N SER D 44 33.97 57.24 -2.38
CA SER D 44 35.15 56.55 -2.92
C SER D 44 35.42 56.88 -4.39
N ALA D 45 34.60 57.76 -4.97
CA ALA D 45 34.65 58.05 -6.40
C ALA D 45 36.06 58.35 -6.85
N GLY D 46 36.70 59.28 -6.17
CA GLY D 46 38.09 59.64 -6.41
C GLY D 46 39.05 58.49 -6.34
N LEU D 47 38.83 57.54 -5.43
CA LEU D 47 39.72 56.36 -5.36
C LEU D 47 39.64 55.55 -6.64
N ARG D 48 38.44 55.44 -7.20
CA ARG D 48 38.21 54.74 -8.48
C ARG D 48 38.78 55.53 -9.64
N GLN D 49 38.58 56.85 -9.61
CA GLN D 49 39.20 57.74 -10.56
C GLN D 49 40.71 57.43 -10.70
N LYS D 50 41.45 57.25 -9.61
CA LYS D 50 42.88 56.91 -9.77
C LYS D 50 43.07 55.60 -10.52
N LYS D 51 42.31 54.55 -10.17
CA LYS D 51 42.56 53.19 -10.72
C LYS D 51 42.22 53.01 -12.20
N VAL D 52 41.23 53.74 -12.69
CA VAL D 52 40.78 53.61 -14.09
C VAL D 52 41.31 54.64 -15.09
N THR D 53 42.21 55.53 -14.67
CA THR D 53 42.71 56.55 -15.61
C THR D 53 44.20 56.41 -15.84
N PHE D 54 44.58 56.23 -17.10
CA PHE D 54 45.96 55.99 -17.49
C PHE D 54 46.02 55.96 -19.02
N ASP D 55 47.23 55.94 -19.58
CA ASP D 55 47.41 55.94 -21.03
C ASP D 55 47.31 54.51 -21.55
N ARG D 56 46.96 54.33 -22.82
CA ARG D 56 46.95 53.01 -23.46
C ARG D 56 47.90 53.03 -24.62
N LEU D 57 48.82 52.09 -24.64
CA LEU D 57 49.73 51.91 -25.76
C LEU D 57 49.30 50.60 -26.36
N GLN D 58 48.40 50.65 -27.34
CA GLN D 58 47.95 49.47 -28.03
C GLN D 58 48.83 49.22 -29.26
N VAL D 59 49.42 48.02 -29.33
CA VAL D 59 50.16 47.59 -30.52
C VAL D 59 49.55 46.27 -30.96
N LEU D 60 49.37 46.06 -32.26
CA LEU D 60 48.68 44.88 -32.74
C LEU D 60 49.64 44.09 -33.63
N ASP D 61 49.19 42.93 -34.13
CA ASP D 61 50.05 42.02 -34.88
C ASP D 61 49.27 40.99 -35.75
N ASP D 62 49.96 40.01 -36.34
CA ASP D 62 49.31 39.15 -37.35
C ASP D 62 48.22 38.22 -36.84
N HIS D 63 48.45 37.70 -35.65
CA HIS D 63 47.46 36.89 -34.98
C HIS D 63 46.17 37.71 -34.72
N TYR D 64 46.31 38.93 -34.20
CA TYR D 64 45.16 39.87 -34.07
C TYR D 64 44.43 40.04 -35.40
N ARG D 65 45.17 40.34 -36.45
CA ARG D 65 44.52 40.51 -37.75
C ARG D 65 43.91 39.22 -38.29
N ASP D 66 44.52 38.06 -38.09
CA ASP D 66 43.90 36.81 -38.61
C ASP D 66 42.55 36.55 -37.98
N VAL D 67 42.51 36.77 -36.67
CA VAL D 67 41.30 36.59 -35.87
C VAL D 67 40.22 37.62 -36.24
N LEU D 68 40.61 38.89 -36.50
CA LEU D 68 39.63 39.90 -36.93
C LEU D 68 38.99 39.50 -38.23
N LYS D 69 39.82 39.02 -39.15
CA LYS D 69 39.38 38.57 -40.47
C LYS D 69 38.43 37.41 -40.36
N GLU D 70 38.75 36.44 -39.50
CA GLU D 70 37.87 35.28 -39.29
C GLU D 70 36.55 35.77 -38.70
N MET D 71 36.66 36.61 -37.67
CA MET D 71 35.49 37.23 -37.05
C MET D 71 34.61 37.95 -38.05
N LYS D 72 35.19 38.81 -38.88
CA LYS D 72 34.36 39.56 -39.84
C LYS D 72 33.69 38.66 -40.86
N ALA D 73 34.31 37.52 -41.18
CA ALA D 73 33.78 36.63 -42.19
C ALA D 73 32.50 35.98 -41.68
N LYS D 74 32.45 35.61 -40.40
CA LYS D 74 31.22 35.06 -39.79
C LYS D 74 30.12 36.11 -39.64
N ALA D 75 30.52 37.30 -39.20
CA ALA D 75 29.59 38.40 -39.12
C ALA D 75 28.99 38.75 -40.49
N SER D 76 29.74 38.56 -41.58
CA SER D 76 29.19 38.78 -42.93
C SER D 76 28.00 37.86 -43.29
N THR D 77 27.84 36.74 -42.57
CA THR D 77 26.73 35.82 -42.84
C THR D 77 25.48 36.18 -42.07
N VAL D 78 25.56 37.17 -41.19
CA VAL D 78 24.44 37.57 -40.33
C VAL D 78 23.61 38.72 -40.90
N LYS D 79 22.31 38.68 -40.65
CA LYS D 79 21.40 39.72 -41.09
C LYS D 79 20.60 40.23 -39.89
N ALA D 80 20.50 41.55 -39.75
CA ALA D 80 19.84 42.18 -38.58
C ALA D 80 18.94 43.33 -38.99
N LYS D 81 17.84 43.42 -38.25
CA LYS D 81 16.75 44.31 -38.56
C LYS D 81 16.74 45.45 -37.61
N LEU D 82 16.14 46.54 -38.09
CA LEU D 82 15.78 47.69 -37.26
C LEU D 82 14.63 47.29 -36.32
N LEU D 83 14.56 47.94 -35.18
CA LEU D 83 13.42 47.81 -34.32
C LEU D 83 12.63 49.09 -34.47
N SER D 84 11.31 48.96 -34.46
CA SER D 84 10.43 50.10 -34.47
C SER D 84 10.60 50.86 -33.17
N VAL D 85 10.11 52.08 -33.16
CA VAL D 85 10.04 52.86 -31.95
C VAL D 85 9.26 52.04 -30.93
N GLU D 86 8.06 51.61 -31.35
CA GLU D 86 7.11 50.88 -30.49
C GLU D 86 7.74 49.63 -29.81
N GLU D 87 8.55 48.90 -30.59
CA GLU D 87 9.26 47.72 -30.08
C GLU D 87 10.36 48.21 -29.13
N ALA D 88 11.16 49.15 -29.59
CA ALA D 88 12.24 49.66 -28.77
C ALA D 88 11.72 50.18 -27.44
N CYS D 89 10.64 50.97 -27.51
CA CYS D 89 9.96 51.52 -26.33
C CYS D 89 9.51 50.47 -25.34
N LYS D 90 9.11 49.32 -25.88
CA LYS D 90 8.64 48.18 -25.08
C LYS D 90 9.76 47.63 -24.20
N LEU D 91 11.00 47.77 -24.63
CA LEU D 91 12.16 47.21 -23.94
C LEU D 91 12.68 48.06 -22.81
N THR D 92 12.11 49.26 -22.65
CA THR D 92 12.60 50.20 -21.65
C THR D 92 12.03 49.80 -20.27
N PRO D 93 12.88 49.52 -19.27
CA PRO D 93 12.31 49.19 -17.97
C PRO D 93 11.50 50.32 -17.34
N PRO D 94 10.41 49.97 -16.60
CA PRO D 94 9.50 50.97 -16.04
C PRO D 94 10.16 52.10 -15.30
N HIS D 95 11.27 51.82 -14.62
CA HIS D 95 11.91 52.85 -13.77
C HIS D 95 13.29 53.27 -14.25
N SER D 96 13.47 53.19 -15.58
CA SER D 96 14.65 53.69 -16.29
C SER D 96 14.75 55.16 -15.94
N ALA D 97 15.95 55.73 -15.89
CA ALA D 97 16.13 57.17 -15.71
C ALA D 97 15.39 57.93 -16.78
N LYS D 98 14.75 59.02 -16.37
CA LYS D 98 13.92 59.84 -17.24
C LYS D 98 14.80 60.64 -18.18
N SER D 99 14.19 61.14 -19.25
CA SER D 99 14.86 62.06 -20.15
C SER D 99 15.09 63.38 -19.44
N LYS D 100 16.08 64.16 -19.91
CA LYS D 100 16.18 65.56 -19.51
C LYS D 100 15.41 66.44 -20.49
N PHE D 101 14.72 65.85 -21.46
CA PHE D 101 13.91 66.63 -22.42
C PHE D 101 12.40 66.51 -22.18
N GLY D 102 11.97 66.38 -20.94
CA GLY D 102 10.54 66.54 -20.58
C GLY D 102 9.61 65.31 -20.71
N TYR D 103 10.13 64.14 -20.40
CA TYR D 103 9.37 62.90 -20.38
C TYR D 103 10.21 61.83 -19.71
N GLY D 104 9.55 60.77 -19.22
CA GLY D 104 10.24 59.60 -18.65
C GLY D 104 9.95 58.28 -19.34
N ALA D 105 10.45 57.22 -18.74
CA ALA D 105 10.28 55.86 -19.21
C ALA D 105 8.80 55.46 -19.31
N LYS D 106 7.98 56.02 -18.45
CA LYS D 106 6.57 55.69 -18.38
C LYS D 106 5.91 56.28 -19.64
N ASP D 107 6.34 57.50 -19.96
CA ASP D 107 5.97 58.15 -21.21
C ASP D 107 6.50 57.36 -22.41
N VAL D 108 7.73 56.84 -22.31
CA VAL D 108 8.26 56.01 -23.38
C VAL D 108 7.42 54.75 -23.55
N ARG D 109 7.25 54.01 -22.46
CA ARG D 109 6.43 52.79 -22.48
C ARG D 109 4.97 53.01 -22.94
N ASN D 110 4.37 54.16 -22.61
CA ASN D 110 3.03 54.44 -23.11
C ASN D 110 3.02 54.95 -24.54
N LEU D 111 4.14 54.85 -25.23
CA LEU D 111 4.22 55.44 -26.56
C LEU D 111 3.61 56.82 -26.61
N SER D 112 3.85 57.64 -25.58
CA SER D 112 3.36 59.01 -25.64
C SER D 112 3.96 59.68 -26.89
N SER D 113 3.15 60.47 -27.58
CA SER D 113 3.59 61.13 -28.79
C SER D 113 4.72 62.11 -28.56
N LYS D 114 4.71 62.87 -27.47
CA LYS D 114 5.89 63.68 -27.06
C LYS D 114 7.18 62.87 -26.87
N ALA D 115 7.08 61.68 -26.28
CA ALA D 115 8.24 60.84 -26.11
C ALA D 115 8.74 60.40 -27.47
N VAL D 116 7.85 59.83 -28.26
CA VAL D 116 8.14 59.30 -29.60
C VAL D 116 8.65 60.36 -30.56
N ASN D 117 8.10 61.58 -30.47
CA ASN D 117 8.57 62.71 -31.30
C ASN D 117 9.97 63.19 -30.90
N HIS D 118 10.28 63.17 -29.60
CA HIS D 118 11.65 63.41 -29.22
C HIS D 118 12.53 62.23 -29.70
N ILE D 119 12.02 61.02 -29.70
CA ILE D 119 12.80 59.88 -30.22
C ILE D 119 13.07 59.96 -31.74
N HIS D 120 12.10 60.34 -32.58
CA HIS D 120 12.37 60.54 -34.02
C HIS D 120 13.45 61.63 -34.21
N SER D 121 13.44 62.69 -33.39
CA SER D 121 14.31 63.83 -33.64
C SER D 121 15.77 63.58 -33.21
N VAL D 122 15.98 62.73 -32.20
CA VAL D 122 17.32 62.25 -31.83
C VAL D 122 17.86 61.27 -32.90
N TRP D 123 16.97 60.44 -33.45
CA TRP D 123 17.27 59.59 -34.62
C TRP D 123 17.70 60.43 -35.82
N LYS D 124 16.86 61.40 -36.17
CA LYS D 124 17.07 62.29 -37.33
C LYS D 124 18.43 62.90 -37.21
N ASP D 125 18.81 63.28 -36.00
CA ASP D 125 20.09 63.95 -35.78
C ASP D 125 21.26 62.99 -35.89
N LEU D 126 21.06 61.70 -35.56
CA LEU D 126 22.14 60.74 -35.68
C LEU D 126 22.51 60.54 -37.15
N LEU D 127 21.51 60.51 -38.03
CA LEU D 127 21.71 60.31 -39.48
C LEU D 127 22.48 61.44 -40.14
N GLU D 128 22.24 62.69 -39.72
CA GLU D 128 22.91 63.86 -40.32
C GLU D 128 24.26 64.25 -39.69
N ASP D 129 24.52 63.82 -38.45
CA ASP D 129 25.71 64.25 -37.69
C ASP D 129 26.42 63.04 -37.10
N THR D 130 27.66 62.84 -37.56
CA THR D 130 28.49 61.67 -37.21
C THR D 130 29.65 61.98 -36.24
N VAL D 131 29.73 63.20 -35.70
CA VAL D 131 30.93 63.67 -34.99
C VAL D 131 30.67 64.31 -33.62
N THR D 132 29.56 65.01 -33.46
CA THR D 132 29.38 65.78 -32.25
C THR D 132 29.21 64.81 -31.11
N PRO D 133 30.11 64.86 -30.12
CA PRO D 133 30.03 63.94 -28.99
C PRO D 133 28.73 64.10 -28.21
N ILE D 134 28.14 62.99 -27.84
CA ILE D 134 26.84 63.03 -27.21
C ILE D 134 26.99 62.96 -25.71
N ASP D 135 26.24 63.81 -25.02
CA ASP D 135 26.39 63.91 -23.58
C ASP D 135 26.14 62.58 -22.91
N THR D 136 26.87 62.35 -21.83
CA THR D 136 26.63 61.28 -20.90
C THR D 136 26.66 61.81 -19.47
N THR D 137 25.98 61.09 -18.59
CA THR D 137 25.94 61.39 -17.18
C THR D 137 26.85 60.42 -16.47
N ILE D 138 27.57 60.87 -15.44
CA ILE D 138 28.49 59.95 -14.75
C ILE D 138 28.07 59.77 -13.29
N MET D 139 28.06 58.51 -12.85
CA MET D 139 27.54 58.17 -11.52
C MET D 139 28.38 57.10 -10.88
N ALA D 140 28.39 57.08 -9.56
CA ALA D 140 29.12 56.08 -8.80
C ALA D 140 28.11 55.06 -8.31
N LYS D 141 28.37 53.78 -8.58
CA LYS D 141 27.43 52.73 -8.20
C LYS D 141 27.42 52.48 -6.70
N ASN D 142 26.22 52.33 -6.15
CA ASN D 142 26.01 51.82 -4.79
C ASN D 142 25.82 50.30 -4.84
N GLU D 143 26.87 49.55 -4.53
CA GLU D 143 26.86 48.09 -4.56
C GLU D 143 27.33 47.62 -3.21
N VAL D 144 26.71 46.54 -2.70
CA VAL D 144 26.99 45.99 -1.37
C VAL D 144 28.04 44.87 -1.42
N PHE D 145 28.90 44.83 -0.40
CA PHE D 145 29.97 43.80 -0.28
C PHE D 145 30.20 43.43 1.19
N CYS D 146 31.04 42.43 1.40
CA CYS D 146 31.63 42.12 2.67
C CYS D 146 33.11 42.53 2.59
N VAL D 147 33.76 42.57 3.75
CA VAL D 147 35.11 43.13 3.90
C VAL D 147 36.21 42.06 3.68
N GLN D 148 37.35 42.49 3.16
CA GLN D 148 38.51 41.61 2.89
C GLN D 148 38.14 40.48 1.91
N ARG D 154 38.84 47.02 1.36
CA ARG D 154 37.72 47.80 0.85
C ARG D 154 37.68 47.74 -0.67
N LYS D 155 36.68 48.38 -1.30
CA LYS D 155 36.53 48.45 -2.79
C LYS D 155 35.85 49.75 -3.20
N PRO D 156 36.56 50.61 -3.94
CA PRO D 156 35.92 51.82 -4.49
C PRO D 156 34.76 51.51 -5.43
N ALA D 157 33.68 52.27 -5.30
CA ALA D 157 32.56 52.22 -6.22
C ALA D 157 33.03 52.15 -7.65
N ARG D 158 32.33 51.41 -8.51
CA ARG D 158 32.60 51.48 -9.95
C ARG D 158 31.96 52.77 -10.48
N LEU D 159 32.37 53.19 -11.67
CA LEU D 159 31.86 54.41 -12.29
C LEU D 159 30.92 53.99 -13.40
N ILE D 160 29.62 54.21 -13.25
CA ILE D 160 28.70 53.88 -14.32
C ILE D 160 28.62 55.15 -15.13
N VAL D 161 28.55 55.01 -16.46
CA VAL D 161 28.48 56.12 -17.39
C VAL D 161 27.39 55.78 -18.43
N PHE D 162 26.43 56.69 -18.66
CA PHE D 162 25.31 56.39 -19.55
C PHE D 162 24.71 57.65 -20.23
N PRO D 163 24.06 57.48 -21.40
CA PRO D 163 23.48 58.63 -22.09
C PRO D 163 22.03 58.89 -21.65
N ASP D 164 21.40 59.88 -22.25
CA ASP D 164 20.00 60.20 -22.01
C ASP D 164 19.04 59.18 -22.62
N LEU D 165 17.85 59.11 -22.05
CA LEU D 165 16.84 58.11 -22.43
C LEU D 165 16.52 58.06 -23.93
N GLY D 166 16.47 59.22 -24.58
CA GLY D 166 16.12 59.30 -26.00
C GLY D 166 17.13 58.53 -26.83
N VAL D 167 18.40 58.73 -26.48
CA VAL D 167 19.51 58.07 -27.16
C VAL D 167 19.44 56.58 -26.92
N ARG D 168 19.22 56.19 -25.68
CA ARG D 168 19.01 54.79 -25.33
C ARG D 168 17.92 54.18 -26.21
N VAL D 169 16.81 54.85 -26.41
CA VAL D 169 15.76 54.20 -27.18
C VAL D 169 16.24 54.05 -28.60
N CYS D 170 17.04 55.02 -29.05
CA CYS D 170 17.55 54.96 -30.41
C CYS D 170 18.57 53.84 -30.54
N GLU D 171 19.34 53.60 -29.48
CA GLU D 171 20.37 52.57 -29.53
C GLU D 171 19.72 51.23 -29.80
N LYS D 172 18.61 50.99 -29.11
CA LYS D 172 17.81 49.78 -29.27
C LYS D 172 17.37 49.63 -30.72
N MET D 173 16.86 50.72 -31.30
CA MET D 173 16.36 50.66 -32.70
C MET D 173 17.48 50.17 -33.64
N ALA D 174 18.65 50.77 -33.51
CA ALA D 174 19.80 50.46 -34.33
C ALA D 174 20.37 49.09 -34.05
N LEU D 175 20.59 48.79 -32.77
CA LEU D 175 21.52 47.73 -32.38
C LEU D 175 20.97 46.64 -31.47
N TYR D 176 19.72 46.71 -31.01
CA TYR D 176 19.16 45.61 -30.23
C TYR D 176 19.30 44.27 -30.97
N ASP D 177 18.77 44.17 -32.18
CA ASP D 177 18.83 42.93 -32.92
C ASP D 177 20.24 42.47 -33.27
N VAL D 178 21.17 43.42 -33.38
CA VAL D 178 22.59 43.12 -33.63
C VAL D 178 23.28 42.53 -32.41
N VAL D 179 23.08 43.15 -31.25
CA VAL D 179 23.72 42.63 -30.03
C VAL D 179 23.09 41.33 -29.59
N SER D 180 21.84 41.10 -29.96
CA SER D 180 21.13 39.88 -29.54
C SER D 180 21.48 38.62 -30.38
N THR D 181 22.16 38.79 -31.50
CA THR D 181 22.26 37.78 -32.54
C THR D 181 23.66 37.57 -33.11
N LEU D 182 24.44 38.64 -33.20
CA LEU D 182 25.78 38.61 -33.81
C LEU D 182 26.80 37.84 -32.98
N PRO D 183 26.90 38.12 -31.68
CA PRO D 183 27.93 37.45 -30.85
C PRO D 183 28.01 35.93 -30.97
N GLN D 184 26.86 35.23 -30.83
CA GLN D 184 26.72 33.76 -31.07
C GLN D 184 27.35 33.34 -32.36
N VAL D 185 26.91 33.96 -33.46
CA VAL D 185 27.39 33.54 -34.75
C VAL D 185 28.88 33.74 -34.89
N VAL D 186 29.37 34.87 -34.42
CA VAL D 186 30.79 35.18 -34.55
C VAL D 186 31.62 34.25 -33.69
N MET D 187 31.20 34.05 -32.44
CA MET D 187 32.01 33.34 -31.47
C MET D 187 31.62 31.90 -31.25
N GLY D 188 30.51 31.43 -31.82
CA GLY D 188 30.11 30.03 -31.67
C GLY D 188 30.06 29.59 -30.22
N SER D 189 30.72 28.48 -29.89
CA SER D 189 30.54 27.86 -28.58
C SER D 189 31.10 28.76 -27.46
N SER D 190 31.98 29.69 -27.84
CA SER D 190 32.65 30.56 -26.88
C SER D 190 31.80 31.67 -26.29
N TYR D 191 30.63 31.94 -26.85
CA TYR D 191 29.84 33.08 -26.38
C TYR D 191 29.12 32.68 -25.12
N GLY D 192 29.57 33.22 -23.99
CA GLY D 192 29.10 32.78 -22.65
C GLY D 192 27.63 32.90 -22.33
N PHE D 193 26.99 33.94 -22.88
CA PHE D 193 25.64 34.33 -22.48
C PHE D 193 24.54 33.55 -23.16
N GLN D 194 24.89 32.68 -24.11
CA GLN D 194 23.95 31.67 -24.65
C GLN D 194 23.68 30.51 -23.69
N TYR D 195 24.45 30.38 -22.59
CA TYR D 195 24.32 29.25 -21.66
C TYR D 195 23.51 29.58 -20.40
N SER D 196 22.44 28.83 -20.18
CA SER D 196 21.87 28.69 -18.84
C SER D 196 22.97 28.25 -17.87
N PRO D 197 22.67 28.24 -16.57
CA PRO D 197 23.78 27.80 -15.70
C PRO D 197 24.05 26.30 -15.82
N GLY D 198 23.01 25.53 -16.15
CA GLY D 198 23.18 24.10 -16.39
C GLY D 198 23.87 23.80 -17.70
N GLN D 199 23.61 24.62 -18.71
CA GLN D 199 24.26 24.44 -20.00
C GLN D 199 25.76 24.78 -19.91
N ARG D 200 26.09 25.70 -19.01
CA ARG D 200 27.46 26.17 -18.84
C ARG D 200 28.29 25.18 -18.04
N VAL D 201 27.72 24.58 -17.01
CA VAL D 201 28.42 23.53 -16.31
C VAL D 201 28.72 22.38 -17.27
N GLU D 202 27.70 21.99 -18.05
CA GLU D 202 27.91 20.97 -19.06
C GLU D 202 29.04 21.37 -19.99
N PHE D 203 29.00 22.57 -20.56
CA PHE D 203 30.01 22.92 -21.55
C PHE D 203 31.41 22.84 -20.93
N LEU D 204 31.63 23.46 -19.77
CA LEU D 204 32.95 23.44 -19.17
C LEU D 204 33.40 22.06 -18.84
N VAL D 205 32.46 21.20 -18.46
CA VAL D 205 32.80 19.86 -17.98
C VAL D 205 33.15 18.95 -19.16
N ASN D 206 32.28 18.91 -20.17
CA ASN D 206 32.63 18.21 -21.38
C ASN D 206 33.90 18.77 -22.03
N THR D 207 34.10 20.09 -22.11
CA THR D 207 35.31 20.53 -22.82
C THR D 207 36.55 20.12 -22.01
N TRP D 208 36.40 20.04 -20.70
CA TRP D 208 37.52 19.63 -19.86
C TRP D 208 37.83 18.14 -20.01
N LYS D 209 36.80 17.30 -19.99
CA LYS D 209 37.00 15.87 -20.23
C LYS D 209 37.42 15.54 -21.67
N SER D 210 37.42 16.51 -22.57
CA SER D 210 37.69 16.20 -23.96
C SER D 210 39.14 16.31 -24.30
N LYS D 211 39.88 16.97 -23.42
CA LYS D 211 41.32 17.01 -23.53
C LYS D 211 41.98 15.71 -23.00
N LYS D 212 43.04 15.25 -23.66
CA LYS D 212 43.81 14.06 -23.20
C LYS D 212 44.39 14.36 -21.85
N ASN D 213 44.92 15.58 -21.73
CA ASN D 213 45.56 16.04 -20.52
C ASN D 213 45.35 17.55 -20.24
N PRO D 214 44.27 17.89 -19.53
CA PRO D 214 43.77 19.26 -19.49
C PRO D 214 44.47 20.28 -18.57
N MET D 215 44.49 21.55 -19.00
CA MET D 215 44.89 22.71 -18.18
C MET D 215 44.03 23.92 -18.49
N GLY D 216 43.54 24.59 -17.45
CA GLY D 216 42.68 25.76 -17.63
C GLY D 216 43.24 26.94 -16.86
N PHE D 217 42.81 28.13 -17.26
CA PHE D 217 43.08 29.34 -16.49
C PHE D 217 42.03 30.40 -16.78
N SER D 218 41.70 31.21 -15.77
CA SER D 218 40.94 32.43 -15.96
C SER D 218 41.92 33.54 -16.12
N TYR D 219 41.43 34.67 -16.59
CA TYR D 219 42.25 35.83 -16.87
C TYR D 219 41.49 37.14 -16.51
N ASP D 220 41.89 37.71 -15.38
CA ASP D 220 41.38 38.98 -14.86
C ASP D 220 42.08 40.12 -15.62
N THR D 221 41.31 41.03 -16.22
CA THR D 221 41.87 42.21 -16.87
C THR D 221 41.72 43.38 -15.89
N ARG D 222 42.77 44.17 -15.77
CA ARG D 222 42.77 45.32 -14.90
C ARG D 222 41.79 46.33 -15.53
N CYS D 223 40.68 46.58 -14.85
CA CYS D 223 39.62 47.50 -15.26
C CYS D 223 39.43 47.51 -16.76
N PHE D 224 38.79 46.45 -17.27
CA PHE D 224 38.66 46.18 -18.73
C PHE D 224 38.06 47.31 -19.55
N ASP D 225 37.01 47.93 -19.01
CA ASP D 225 36.40 49.12 -19.62
C ASP D 225 37.40 50.25 -19.91
N SER D 226 38.33 50.49 -19.00
CA SER D 226 39.37 51.50 -19.21
C SER D 226 40.44 51.17 -20.24
N THR D 227 40.62 49.88 -20.55
CA THR D 227 41.66 49.43 -21.46
C THR D 227 41.13 49.32 -22.90
N VAL D 228 39.80 49.32 -23.05
CA VAL D 228 39.22 49.28 -24.37
C VAL D 228 39.53 50.63 -25.04
N THR D 229 40.32 50.59 -26.11
CA THR D 229 40.72 51.79 -26.77
C THR D 229 39.64 52.17 -27.74
N GLU D 230 39.65 53.43 -28.14
CA GLU D 230 38.77 53.89 -29.19
C GLU D 230 38.92 53.02 -30.44
N ASN D 231 40.15 52.74 -30.85
CA ASN D 231 40.35 51.82 -31.94
C ASN D 231 39.44 50.59 -31.74
N ASP D 232 39.57 49.91 -30.59
CA ASP D 232 38.80 48.69 -30.32
C ASP D 232 37.34 48.88 -30.69
N ILE D 233 36.81 50.01 -30.22
CA ILE D 233 35.39 50.31 -30.35
C ILE D 233 35.06 50.59 -31.78
N ARG D 234 35.96 51.25 -32.51
CA ARG D 234 35.78 51.38 -33.98
C ARG D 234 35.88 50.05 -34.74
N VAL D 235 36.78 49.17 -34.32
CA VAL D 235 36.91 47.85 -34.97
C VAL D 235 35.63 47.07 -34.79
N GLU D 236 35.24 46.91 -33.53
CA GLU D 236 33.91 46.45 -33.14
C GLU D 236 32.83 46.96 -34.09
N GLU D 237 32.84 48.25 -34.41
CA GLU D 237 31.84 48.85 -35.33
C GLU D 237 31.94 48.31 -36.75
N SER D 238 33.16 48.11 -37.22
CA SER D 238 33.40 47.59 -38.56
C SER D 238 32.95 46.13 -38.70
N ILE D 239 32.96 45.41 -37.57
CA ILE D 239 32.36 44.08 -37.48
C ILE D 239 30.86 44.23 -37.66
N TYR D 240 30.19 45.00 -36.81
CA TYR D 240 28.74 45.24 -37.01
C TYR D 240 28.37 45.54 -38.50
N GLN D 241 29.10 46.46 -39.11
CA GLN D 241 28.85 46.86 -40.50
C GLN D 241 28.96 45.73 -41.52
N CYS D 242 29.72 44.67 -41.22
CA CYS D 242 29.69 43.47 -42.06
C CYS D 242 28.31 42.85 -42.14
N CYS D 243 27.53 42.92 -41.07
CA CYS D 243 26.16 42.39 -41.13
C CYS D 243 25.40 43.02 -42.28
N ASP D 244 24.37 42.35 -42.76
CA ASP D 244 23.39 42.98 -43.65
C ASP D 244 22.35 43.74 -42.82
N LEU D 245 22.33 45.05 -43.05
CA LEU D 245 21.65 46.01 -42.21
C LEU D 245 20.90 47.04 -43.05
N ALA D 246 19.77 47.51 -42.56
CA ALA D 246 19.02 48.57 -43.24
C ALA D 246 19.88 49.81 -43.39
N PRO D 247 19.66 50.60 -44.46
CA PRO D 247 20.53 51.78 -44.66
C PRO D 247 20.66 52.76 -43.45
N GLU D 248 19.56 53.02 -42.74
CA GLU D 248 19.59 53.90 -41.55
C GLU D 248 20.21 53.22 -40.29
N ALA D 249 20.06 51.91 -40.16
CA ALA D 249 20.71 51.19 -39.07
C ALA D 249 22.21 51.43 -39.15
N ARG D 250 22.75 51.07 -40.31
CA ARG D 250 24.11 51.35 -40.75
C ARG D 250 24.57 52.75 -40.39
N GLN D 251 23.72 53.71 -40.69
CA GLN D 251 24.11 55.10 -40.51
C GLN D 251 24.04 55.52 -39.04
N ALA D 252 23.02 55.05 -38.34
CA ALA D 252 22.93 55.32 -36.91
C ALA D 252 24.05 54.60 -36.14
N ILE D 253 24.44 53.40 -36.59
CA ILE D 253 25.49 52.69 -35.90
C ILE D 253 26.82 53.42 -35.96
N LYS D 254 27.17 54.04 -37.09
CA LYS D 254 28.44 54.80 -37.15
C LYS D 254 28.36 56.07 -36.30
N SER D 255 27.27 56.82 -36.45
CA SER D 255 27.11 58.03 -35.62
C SER D 255 27.26 57.67 -34.16
N LEU D 256 26.58 56.62 -33.75
CA LEU D 256 26.54 56.24 -32.34
C LEU D 256 27.90 55.85 -31.89
N THR D 257 28.67 55.15 -32.71
CA THR D 257 29.96 54.75 -32.17
C THR D 257 30.88 55.96 -32.13
N GLU D 258 30.97 56.73 -33.20
CA GLU D 258 31.79 57.97 -33.17
C GLU D 258 31.37 58.98 -32.09
N ARG D 259 30.09 59.10 -31.77
CA ARG D 259 29.62 60.18 -30.87
C ARG D 259 29.43 59.76 -29.38
N LEU D 260 29.42 58.46 -29.14
CA LEU D 260 29.02 57.94 -27.87
C LEU D 260 29.92 56.77 -27.47
N TYR D 261 29.97 55.73 -28.28
CA TYR D 261 30.69 54.53 -27.85
C TYR D 261 32.18 54.82 -27.66
N ILE D 262 32.70 55.70 -28.52
CA ILE D 262 34.12 56.01 -28.62
C ILE D 262 34.55 56.89 -27.47
N GLY D 263 33.62 57.68 -26.97
CA GLY D 263 33.93 58.62 -25.91
C GLY D 263 33.01 59.83 -25.95
N GLY D 264 33.35 60.82 -25.12
CA GLY D 264 32.56 62.04 -25.01
C GLY D 264 32.40 62.53 -23.60
N PRO D 265 31.83 63.70 -23.46
CA PRO D 265 31.97 64.41 -22.23
C PRO D 265 31.12 63.78 -21.11
N LEU D 266 31.65 63.89 -19.89
CA LEU D 266 31.01 63.32 -18.70
C LEU D 266 30.41 64.43 -17.85
N THR D 267 29.10 64.36 -17.58
CA THR D 267 28.40 65.38 -16.79
C THR D 267 27.95 64.71 -15.51
N ASN D 268 28.09 65.38 -14.36
CA ASN D 268 27.67 64.77 -13.08
C ASN D 268 26.17 65.01 -12.85
N SER D 269 25.63 64.57 -11.70
CA SER D 269 24.19 64.71 -11.39
C SER D 269 23.71 66.16 -11.39
N LYS D 270 24.60 67.08 -10.99
CA LYS D 270 24.25 68.48 -10.84
C LYS D 270 24.43 69.31 -12.11
N GLY D 271 24.52 68.67 -13.27
CA GLY D 271 24.75 69.41 -14.51
C GLY D 271 26.18 69.93 -14.77
N GLN D 272 27.17 69.62 -13.91
CA GLN D 272 28.55 70.09 -14.11
C GLN D 272 29.44 69.13 -14.94
N ASN D 273 30.44 69.67 -15.62
CA ASN D 273 31.35 68.85 -16.43
C ASN D 273 32.53 68.26 -15.62
N CYS D 274 32.61 66.93 -15.58
CA CYS D 274 33.67 66.22 -14.85
C CYS D 274 34.93 66.00 -15.66
N GLY D 275 34.80 65.73 -16.95
CA GLY D 275 35.96 65.47 -17.80
C GLY D 275 35.57 64.77 -19.09
N TYR D 276 36.46 63.92 -19.59
CA TYR D 276 36.27 63.29 -20.91
C TYR D 276 36.73 61.84 -20.87
N ARG D 277 36.02 61.02 -21.64
CA ARG D 277 36.21 59.58 -21.62
C ARG D 277 36.67 59.17 -23.00
N ARG D 278 37.71 58.32 -23.07
CA ARG D 278 38.14 57.75 -24.34
C ARG D 278 38.29 56.23 -24.18
N CYS D 279 37.21 55.60 -23.75
CA CYS D 279 37.15 54.14 -23.48
C CYS D 279 35.67 53.72 -23.28
N ARG D 280 35.47 52.48 -22.85
CA ARG D 280 34.12 51.91 -22.73
C ARG D 280 33.23 52.61 -21.73
N ALA D 281 32.01 52.86 -22.14
CA ALA D 281 30.99 53.34 -21.25
C ALA D 281 30.23 52.14 -20.81
N SER D 282 30.08 51.99 -19.50
CA SER D 282 29.43 50.83 -18.91
C SER D 282 27.95 50.77 -19.32
N GLY D 283 27.31 51.93 -19.42
CA GLY D 283 25.83 52.04 -19.56
C GLY D 283 25.29 52.35 -20.93
N VAL D 284 25.83 51.66 -21.93
CA VAL D 284 25.29 51.76 -23.29
C VAL D 284 24.92 50.37 -23.73
N LEU D 285 24.19 50.29 -24.81
CA LEU D 285 23.67 49.02 -25.28
C LEU D 285 24.75 48.07 -25.72
N THR D 286 25.75 48.58 -26.42
CA THR D 286 26.76 47.72 -27.03
C THR D 286 27.89 47.25 -26.09
N THR D 287 27.83 47.60 -24.80
CA THR D 287 28.87 47.22 -23.84
C THR D 287 29.05 45.72 -23.56
N SER D 288 27.99 44.96 -23.37
CA SER D 288 28.16 43.52 -23.24
C SER D 288 28.67 42.90 -24.55
N CYS D 289 28.15 43.32 -25.69
CA CYS D 289 28.56 42.74 -26.95
C CYS D 289 29.94 43.19 -27.33
N GLY D 290 30.20 44.48 -27.16
CA GLY D 290 31.51 45.04 -27.43
C GLY D 290 32.59 44.31 -26.67
N ASN D 291 32.40 44.20 -25.36
CA ASN D 291 33.45 43.65 -24.51
C ASN D 291 33.75 42.20 -24.80
N THR D 292 32.69 41.44 -25.09
CA THR D 292 32.78 40.01 -25.40
C THR D 292 33.51 39.78 -26.73
N LEU D 293 33.17 40.55 -27.76
CA LEU D 293 33.91 40.51 -29.04
C LEU D 293 35.39 40.85 -28.81
N THR D 294 35.60 42.05 -28.26
CA THR D 294 36.93 42.58 -27.99
C THR D 294 37.78 41.60 -27.18
N CYS D 295 37.25 41.08 -26.09
CA CYS D 295 37.97 40.16 -25.21
C CYS D 295 38.18 38.78 -25.88
N TYR D 296 37.16 38.29 -26.58
CA TYR D 296 37.32 37.13 -27.42
C TYR D 296 38.43 37.33 -28.45
N LEU D 297 38.47 38.51 -29.06
CA LEU D 297 39.43 38.78 -30.12
C LEU D 297 40.85 38.85 -29.55
N LYS D 298 41.06 39.61 -28.49
CA LYS D 298 42.41 39.79 -27.96
C LYS D 298 42.91 38.47 -27.42
N ALA D 299 42.04 37.73 -26.74
CA ALA D 299 42.42 36.42 -26.18
C ALA D 299 42.65 35.35 -27.24
N SER D 300 41.86 35.35 -28.31
CA SER D 300 42.02 34.30 -29.33
C SER D 300 43.41 34.45 -29.96
N ALA D 301 43.87 35.68 -30.09
CA ALA D 301 45.19 35.97 -30.63
C ALA D 301 46.35 35.69 -29.65
N ALA D 302 46.12 35.89 -28.36
CA ALA D 302 47.13 35.58 -27.35
C ALA D 302 47.33 34.08 -27.23
N CYS D 303 46.27 33.29 -27.41
CA CYS D 303 46.41 31.82 -27.46
C CYS D 303 47.39 31.41 -28.53
N ARG D 304 47.24 32.03 -29.68
CA ARG D 304 48.15 31.79 -30.80
C ARG D 304 49.60 32.29 -30.57
N ALA D 305 49.75 33.50 -30.04
CA ALA D 305 51.07 33.96 -29.65
C ALA D 305 51.76 33.05 -28.61
N ALA D 306 50.97 32.42 -27.75
CA ALA D 306 51.48 31.59 -26.63
C ALA D 306 51.59 30.13 -27.03
N LYS D 307 51.00 29.80 -28.19
CA LYS D 307 51.12 28.49 -28.84
C LYS D 307 50.37 27.39 -28.08
N LEU D 308 49.32 27.79 -27.35
CA LEU D 308 48.45 26.88 -26.62
C LEU D 308 47.82 25.89 -27.58
N GLN D 309 47.84 24.60 -27.25
CA GLN D 309 47.31 23.54 -28.11
C GLN D 309 45.83 23.30 -27.84
N ASP D 310 45.00 23.29 -28.89
CA ASP D 310 43.53 23.06 -28.80
C ASP D 310 42.79 23.92 -27.75
N CYS D 311 42.78 25.23 -27.93
CA CYS D 311 42.07 26.17 -27.03
C CYS D 311 40.55 26.18 -27.20
N THR D 312 39.84 25.91 -26.11
CA THR D 312 38.40 26.15 -26.00
C THR D 312 38.21 27.32 -25.05
N MET D 313 37.60 28.41 -25.51
CA MET D 313 37.46 29.59 -24.68
C MET D 313 36.02 29.81 -24.29
N LEU D 314 35.84 30.53 -23.20
CA LEU D 314 34.49 30.92 -22.77
C LEU D 314 34.64 32.33 -22.33
N VAL D 315 33.85 33.23 -22.92
CA VAL D 315 33.94 34.66 -22.67
C VAL D 315 32.58 35.22 -22.25
N ASN D 316 32.58 36.07 -21.21
CA ASN D 316 31.39 36.83 -20.79
C ASN D 316 31.77 38.30 -20.55
N GLY D 317 31.86 39.08 -21.60
CA GLY D 317 32.39 40.43 -21.47
C GLY D 317 33.86 40.44 -21.05
N ASP D 318 34.19 41.15 -19.97
CA ASP D 318 35.57 41.15 -19.51
C ASP D 318 36.04 39.80 -18.94
N ASP D 319 35.13 38.86 -18.68
CA ASP D 319 35.47 37.58 -18.04
C ASP D 319 35.84 36.48 -19.07
N LEU D 320 36.96 35.81 -18.82
CA LEU D 320 37.55 34.89 -19.78
C LEU D 320 38.09 33.64 -19.10
N VAL D 321 37.76 32.47 -19.63
CA VAL D 321 38.41 31.22 -19.26
C VAL D 321 38.87 30.50 -20.49
N VAL D 322 40.03 29.86 -20.39
CA VAL D 322 40.60 29.04 -21.48
C VAL D 322 40.82 27.65 -20.91
N ILE D 323 40.54 26.63 -21.70
CA ILE D 323 40.79 25.23 -21.34
C ILE D 323 41.51 24.62 -22.51
N CYS D 324 42.77 24.23 -22.28
CA CYS D 324 43.61 23.70 -23.36
C CYS D 324 44.25 22.34 -23.04
N GLU D 325 45.10 21.89 -23.97
CA GLU D 325 45.92 20.71 -23.74
C GLU D 325 47.17 21.13 -23.00
N SER D 326 47.45 20.51 -21.86
CA SER D 326 48.69 20.83 -21.12
C SER D 326 49.90 20.38 -21.92
N ALA D 327 50.98 21.15 -21.86
CA ALA D 327 52.22 20.80 -22.55
C ALA D 327 53.31 20.31 -21.57
N GLY D 328 52.95 20.28 -20.27
CA GLY D 328 53.88 20.11 -19.13
C GLY D 328 53.74 21.34 -18.21
N THR D 329 53.98 21.16 -16.90
CA THR D 329 53.72 22.23 -15.89
C THR D 329 54.59 23.45 -16.04
N GLN D 330 55.89 23.25 -16.21
CA GLN D 330 56.80 24.35 -16.49
C GLN D 330 56.44 24.98 -17.82
N GLU D 331 56.15 24.16 -18.81
CA GLU D 331 55.84 24.67 -20.15
C GLU D 331 54.52 25.46 -20.13
N ASP D 332 53.54 25.03 -19.33
CA ASP D 332 52.27 25.76 -19.19
C ASP D 332 52.51 27.13 -18.56
N ALA D 333 53.34 27.19 -17.52
CA ALA D 333 53.53 28.43 -16.79
C ALA D 333 54.13 29.51 -17.68
N ALA D 334 55.02 29.09 -18.57
CA ALA D 334 55.68 30.00 -19.49
C ALA D 334 54.71 30.48 -20.58
N SER D 335 53.90 29.56 -21.11
CA SER D 335 52.97 29.92 -22.18
C SER D 335 51.91 30.92 -21.71
N LEU D 336 51.44 30.82 -20.47
CA LEU D 336 50.62 31.88 -19.89
C LEU D 336 51.34 33.20 -19.78
N ARG D 337 52.60 33.19 -19.36
CA ARG D 337 53.40 34.42 -19.32
C ARG D 337 53.43 35.04 -20.73
N VAL D 338 53.61 34.19 -21.73
CA VAL D 338 53.58 34.67 -23.11
C VAL D 338 52.17 35.16 -23.51
N PHE D 339 51.14 34.39 -23.15
CA PHE D 339 49.75 34.77 -23.31
C PHE D 339 49.52 36.14 -22.69
N THR D 340 50.01 36.32 -21.48
CA THR D 340 49.85 37.57 -20.79
C THR D 340 50.49 38.68 -21.57
N GLU D 341 51.72 38.46 -22.03
CA GLU D 341 52.48 39.50 -22.75
C GLU D 341 51.73 40.02 -23.95
N ALA D 342 51.03 39.13 -24.65
CA ALA D 342 50.24 39.54 -25.79
C ALA D 342 49.06 40.43 -25.38
N MET D 343 48.27 39.98 -24.42
CA MET D 343 47.10 40.76 -24.02
C MET D 343 47.56 42.18 -23.59
N THR D 344 48.69 42.27 -22.90
CA THR D 344 49.27 43.56 -22.52
C THR D 344 49.56 44.36 -23.79
N ARG D 345 50.29 43.79 -24.74
CA ARG D 345 50.51 44.47 -26.01
C ARG D 345 49.20 45.02 -26.58
N TYR D 346 48.13 44.22 -26.47
CA TYR D 346 46.80 44.54 -27.03
C TYR D 346 45.93 45.42 -26.14
N SER D 347 46.54 46.04 -25.14
CA SER D 347 45.82 46.78 -24.09
C SER D 347 44.74 45.99 -23.37
N ALA D 348 45.15 44.88 -22.80
CA ALA D 348 44.31 44.14 -21.89
C ALA D 348 45.27 43.48 -20.91
N PRO D 349 45.98 44.32 -20.14
CA PRO D 349 46.93 43.86 -19.16
C PRO D 349 46.22 43.38 -17.90
N PRO D 350 46.88 42.51 -17.14
CA PRO D 350 46.21 41.89 -16.00
C PRO D 350 46.21 42.73 -14.74
N GLY D 351 45.25 42.43 -13.87
CA GLY D 351 45.33 42.78 -12.44
C GLY D 351 46.02 41.63 -11.74
N ASP D 352 45.26 40.63 -11.35
CA ASP D 352 45.83 39.37 -10.82
C ASP D 352 46.49 38.59 -11.98
N PRO D 353 47.74 38.13 -11.81
CA PRO D 353 48.26 37.33 -12.95
C PRO D 353 47.55 35.98 -13.09
N PRO D 354 47.42 35.46 -14.32
CA PRO D 354 46.78 34.15 -14.49
C PRO D 354 47.66 33.01 -13.98
N GLN D 355 47.06 32.05 -13.29
CA GLN D 355 47.76 30.87 -12.83
C GLN D 355 47.15 29.57 -13.44
N PRO D 356 48.01 28.68 -13.96
CA PRO D 356 47.50 27.43 -14.52
C PRO D 356 46.79 26.56 -13.46
N GLU D 357 45.79 25.80 -13.85
CA GLU D 357 45.07 24.95 -12.94
C GLU D 357 44.89 23.61 -13.59
N TYR D 358 44.82 22.57 -12.78
CA TYR D 358 44.60 21.24 -13.30
C TYR D 358 43.39 20.60 -12.65
N ASP D 359 42.67 21.39 -11.85
CA ASP D 359 41.44 20.98 -11.22
C ASP D 359 40.32 21.92 -11.71
N LEU D 360 39.36 21.37 -12.44
CA LEU D 360 38.28 22.16 -13.00
C LEU D 360 37.56 22.92 -11.90
N GLU D 361 37.45 22.29 -10.73
CA GLU D 361 36.69 22.89 -9.63
C GLU D 361 37.39 24.11 -8.99
N LEU D 362 38.70 24.25 -9.14
CA LEU D 362 39.43 25.41 -8.53
C LEU D 362 39.38 26.73 -9.35
N ILE D 363 38.93 26.63 -10.60
CA ILE D 363 38.82 27.73 -11.53
C ILE D 363 37.53 28.53 -11.31
N THR D 364 37.64 29.85 -11.18
CA THR D 364 36.51 30.73 -11.03
C THR D 364 36.32 31.53 -12.33
N SER D 365 35.12 31.48 -12.90
CA SER D 365 34.84 32.25 -14.10
C SER D 365 33.38 32.66 -14.17
N CYS D 366 33.16 33.95 -14.41
CA CYS D 366 31.92 34.63 -14.06
C CYS D 366 31.65 34.47 -12.56
N SER D 367 32.58 34.88 -11.72
CA SER D 367 32.36 34.82 -10.27
C SER D 367 32.02 33.41 -9.70
N SER D 368 31.87 32.39 -10.57
CA SER D 368 31.37 31.03 -10.21
C SER D 368 32.36 29.91 -10.48
N ASN D 369 32.03 28.71 -10.01
CA ASN D 369 32.84 27.50 -10.27
C ASN D 369 32.01 26.21 -10.30
N VAL D 370 32.55 25.21 -10.99
CA VAL D 370 31.93 23.93 -11.10
C VAL D 370 32.19 23.14 -9.84
N SER D 371 31.15 22.46 -9.35
CA SER D 371 31.29 21.50 -8.24
C SER D 371 30.36 20.29 -8.45
N VAL D 372 30.65 19.23 -7.71
CA VAL D 372 30.00 17.94 -7.89
C VAL D 372 29.17 17.58 -6.67
N ALA D 373 27.94 17.11 -6.91
CA ALA D 373 27.07 16.55 -5.88
C ALA D 373 26.57 15.18 -6.33
N HIS D 374 25.59 14.63 -5.63
CA HIS D 374 24.97 13.35 -6.02
C HIS D 374 23.44 13.46 -5.93
N ASP D 375 22.71 12.87 -6.88
CA ASP D 375 21.24 12.99 -6.93
C ASP D 375 20.46 11.91 -6.15
N ALA D 376 19.15 11.85 -6.38
CA ALA D 376 18.25 10.76 -5.93
C ALA D 376 18.85 9.32 -5.98
N SER D 377 19.55 9.03 -7.06
CA SER D 377 20.14 7.72 -7.28
C SER D 377 21.52 7.53 -6.60
N GLY D 378 22.15 8.62 -6.17
CA GLY D 378 23.59 8.59 -5.84
C GLY D 378 24.51 8.85 -7.05
N LYS D 379 23.90 9.09 -8.23
CA LYS D 379 24.62 9.43 -9.45
C LYS D 379 25.22 10.82 -9.31
N ARG D 380 26.41 11.03 -9.86
CA ARG D 380 27.10 12.30 -9.63
C ARG D 380 26.69 13.39 -10.65
N VAL D 381 26.39 14.55 -10.10
CA VAL D 381 25.82 15.66 -10.83
C VAL D 381 26.75 16.85 -10.65
N TYR D 382 27.02 17.54 -11.75
CA TYR D 382 27.79 18.78 -11.75
C TYR D 382 26.84 19.98 -11.73
N TYR D 383 27.20 21.02 -10.98
CA TYR D 383 26.38 22.26 -10.91
C TYR D 383 27.32 23.43 -10.68
N LEU D 384 26.77 24.62 -10.80
CA LEU D 384 27.59 25.80 -10.69
C LEU D 384 27.38 26.47 -9.34
N THR D 385 28.46 26.92 -8.72
CA THR D 385 28.36 27.61 -7.44
C THR D 385 29.43 28.69 -7.29
N ARG D 386 29.38 29.42 -6.19
CA ARG D 386 30.39 30.43 -5.89
C ARG D 386 30.54 30.49 -4.41
N ASP D 387 31.47 31.33 -3.98
CA ASP D 387 31.54 31.75 -2.60
C ASP D 387 30.26 32.55 -2.35
N PRO D 388 29.49 32.21 -1.28
CA PRO D 388 28.22 32.92 -1.04
C PRO D 388 28.33 34.21 -0.23
N THR D 389 29.54 34.56 0.23
CA THR D 389 29.77 35.76 1.05
C THR D 389 29.03 36.94 0.50
N THR D 390 29.25 37.23 -0.78
CA THR D 390 28.61 38.36 -1.37
C THR D 390 27.10 38.16 -1.51
N PRO D 391 26.64 37.00 -2.02
CA PRO D 391 25.17 36.94 -2.06
C PRO D 391 24.53 37.03 -0.68
N LEU D 392 25.08 36.35 0.30
CA LEU D 392 24.59 36.47 1.66
C LEU D 392 24.62 37.92 2.18
N ALA D 393 25.66 38.67 1.84
CA ALA D 393 25.71 40.08 2.25
C ALA D 393 24.58 40.84 1.58
N ARG D 394 24.47 40.79 0.25
CA ARG D 394 23.41 41.54 -0.44
C ARG D 394 22.07 41.13 0.11
N ALA D 395 21.88 39.83 0.40
CA ALA D 395 20.64 39.32 0.99
C ALA D 395 20.34 40.10 2.27
N ALA D 396 21.31 40.13 3.19
CA ALA D 396 21.16 40.88 4.44
C ALA D 396 20.74 42.32 4.17
N TRP D 397 21.34 42.94 3.18
CA TRP D 397 21.00 44.32 2.83
C TRP D 397 19.56 44.44 2.35
N GLU D 398 19.17 43.60 1.41
CA GLU D 398 17.83 43.70 0.82
C GLU D 398 16.68 43.45 1.78
N THR D 399 16.94 42.74 2.89
CA THR D 399 15.93 42.46 3.95
C THR D 399 15.72 43.66 4.90
N ALA D 400 16.81 44.34 5.27
CA ALA D 400 16.77 45.45 6.22
C ALA D 400 16.37 46.80 5.60
N ARG D 401 17.02 47.20 4.52
CA ARG D 401 16.69 48.43 3.82
C ARG D 401 15.80 48.00 2.65
N HIS D 402 14.99 48.92 2.11
CA HIS D 402 14.16 48.58 0.94
C HIS D 402 14.79 49.03 -0.35
N THR D 403 14.90 48.07 -1.26
CA THR D 403 15.40 48.30 -2.61
C THR D 403 14.39 47.65 -3.55
N PRO D 404 14.10 48.30 -4.69
CA PRO D 404 13.30 47.60 -5.72
C PRO D 404 14.12 46.65 -6.63
N VAL D 405 15.39 46.40 -6.29
CA VAL D 405 16.17 45.33 -6.93
C VAL D 405 16.41 44.18 -5.93
N ASN D 406 16.19 42.94 -6.38
CA ASN D 406 16.16 41.75 -5.50
C ASN D 406 17.15 40.63 -5.90
N SER D 407 18.43 40.87 -5.60
CA SER D 407 19.50 39.91 -5.86
C SER D 407 19.26 38.48 -5.28
N TRP D 408 18.64 38.38 -4.11
CA TRP D 408 18.32 37.08 -3.50
C TRP D 408 17.66 36.15 -4.51
N LEU D 409 16.68 36.71 -5.26
CA LEU D 409 15.89 35.94 -6.23
C LEU D 409 16.69 35.52 -7.48
N GLY D 410 17.51 36.43 -7.98
CA GLY D 410 18.47 36.07 -9.00
C GLY D 410 19.33 34.93 -8.51
N ASN D 411 19.84 35.06 -7.30
CA ASN D 411 20.77 34.08 -6.79
C ASN D 411 20.12 32.70 -6.63
N ILE D 412 18.87 32.63 -6.23
CA ILE D 412 18.24 31.32 -6.22
C ILE D 412 18.19 30.70 -7.63
N ILE D 413 17.72 31.48 -8.61
CA ILE D 413 17.58 30.94 -9.95
C ILE D 413 18.93 30.50 -10.49
N MET D 414 19.91 31.39 -10.41
CA MET D 414 21.30 31.10 -10.83
C MET D 414 21.88 29.93 -10.09
N TYR D 415 21.68 29.90 -8.78
CA TYR D 415 22.38 28.92 -7.93
C TYR D 415 21.47 28.00 -7.16
N ALA D 416 20.26 27.78 -7.70
CA ALA D 416 19.29 26.87 -7.09
C ALA D 416 19.83 25.50 -6.65
N PRO D 417 20.81 24.94 -7.36
CA PRO D 417 21.38 23.64 -6.96
C PRO D 417 22.27 23.65 -5.74
N THR D 418 22.71 24.84 -5.32
CA THR D 418 23.74 24.94 -4.33
C THR D 418 23.22 24.70 -2.93
N LEU D 419 24.14 24.33 -2.07
CA LEU D 419 23.86 23.99 -0.70
C LEU D 419 23.43 25.22 0.10
N TRP D 420 23.90 26.41 -0.31
CA TRP D 420 23.70 27.64 0.45
C TRP D 420 22.43 28.39 -0.01
N ALA D 421 22.08 28.26 -1.30
CA ALA D 421 20.85 28.85 -1.81
C ALA D 421 19.61 28.08 -1.38
N ARG D 422 19.78 26.78 -1.23
CA ARG D 422 18.65 25.95 -0.87
C ARG D 422 18.35 26.11 0.62
N MET D 423 19.38 26.03 1.44
CA MET D 423 19.20 25.94 2.87
C MET D 423 19.03 27.30 3.52
N ILE D 424 19.71 28.31 2.96
CA ILE D 424 19.71 29.65 3.53
C ILE D 424 18.79 30.63 2.81
N LEU D 425 18.93 30.76 1.49
CA LEU D 425 18.16 31.77 0.77
C LEU D 425 16.68 31.42 0.65
N MET D 426 16.34 30.23 0.18
CA MET D 426 14.94 29.83 0.10
C MET D 426 14.24 29.89 1.47
N THR D 427 14.80 29.17 2.42
CA THR D 427 14.29 29.17 3.78
C THR D 427 13.99 30.57 4.24
N HIS D 428 14.97 31.47 4.06
CA HIS D 428 14.96 32.77 4.71
C HIS D 428 13.93 33.64 4.01
N PHE D 429 13.96 33.66 2.69
CA PHE D 429 13.04 34.54 1.98
C PHE D 429 11.60 34.06 1.96
N PHE D 430 11.40 32.76 1.84
CA PHE D 430 10.05 32.23 1.88
C PHE D 430 9.42 32.45 3.24
N SER D 431 10.27 32.52 4.27
CA SER D 431 9.85 32.84 5.64
C SER D 431 9.34 34.29 5.73
N ILE D 432 10.09 35.23 5.20
CA ILE D 432 9.66 36.63 5.13
C ILE D 432 8.42 36.81 4.24
N LEU D 433 8.41 36.18 3.07
CA LEU D 433 7.24 36.29 2.20
C LEU D 433 6.01 35.69 2.89
N LEU D 434 6.25 34.70 3.74
CA LEU D 434 5.17 34.05 4.49
C LEU D 434 4.63 35.03 5.52
N ALA D 435 5.52 35.63 6.31
CA ALA D 435 5.13 36.61 7.31
C ALA D 435 4.37 37.79 6.69
N GLN D 436 4.84 38.28 5.56
CA GLN D 436 4.35 39.56 5.06
C GLN D 436 3.12 39.41 4.16
N GLU D 437 2.77 38.17 3.82
CA GLU D 437 1.61 37.89 2.97
C GLU D 437 1.81 38.36 1.54
N GLN D 438 3.05 38.21 1.06
CA GLN D 438 3.46 38.65 -0.27
C GLN D 438 3.87 37.50 -1.22
N LEU D 439 3.63 36.24 -0.87
CA LEU D 439 4.00 35.13 -1.75
C LEU D 439 3.57 35.35 -3.20
N GLU D 440 2.37 35.94 -3.36
CA GLU D 440 1.73 36.17 -4.66
C GLU D 440 2.34 37.33 -5.51
N LYS D 441 3.31 38.08 -4.97
CA LYS D 441 3.71 39.36 -5.55
C LYS D 441 5.02 39.33 -6.36
N ALA D 442 4.90 39.70 -7.63
CA ALA D 442 6.01 39.66 -8.59
C ALA D 442 7.18 40.49 -8.12
N LEU D 443 8.40 40.03 -8.42
CA LEU D 443 9.58 40.80 -8.10
C LEU D 443 10.47 40.96 -9.33
N ASP D 444 11.25 42.04 -9.32
CA ASP D 444 12.16 42.40 -10.39
C ASP D 444 13.53 41.86 -10.04
N CYS D 445 14.07 41.01 -10.90
CA CYS D 445 15.48 40.69 -10.75
C CYS D 445 16.22 40.64 -12.09
N GLN D 446 17.54 40.74 -11.99
CA GLN D 446 18.42 40.87 -13.14
C GLN D 446 19.00 39.50 -13.54
N ILE D 447 18.81 39.12 -14.80
CA ILE D 447 19.44 37.92 -15.34
C ILE D 447 20.28 38.31 -16.52
N TYR D 448 21.57 38.00 -16.46
CA TYR D 448 22.48 38.43 -17.49
C TYR D 448 22.16 39.89 -17.85
N GLY D 449 22.20 40.76 -16.84
CA GLY D 449 22.01 42.19 -17.04
C GLY D 449 20.61 42.70 -17.39
N ALA D 450 19.74 41.83 -17.89
CA ALA D 450 18.38 42.21 -18.26
C ALA D 450 17.41 42.12 -17.07
N CYS D 451 16.29 42.83 -17.14
CA CYS D 451 15.36 42.89 -16.03
C CYS D 451 14.14 42.03 -16.26
N TYR D 452 13.85 41.14 -15.30
CA TYR D 452 12.68 40.22 -15.37
C TYR D 452 11.79 40.36 -14.14
N SER D 453 10.48 40.48 -14.38
CA SER D 453 9.46 40.40 -13.31
C SER D 453 9.03 38.95 -13.12
N ILE D 454 9.23 38.44 -11.90
CA ILE D 454 9.16 37.00 -11.62
C ILE D 454 8.30 36.65 -10.39
N GLU D 455 7.41 35.69 -10.56
CA GLU D 455 6.56 35.23 -9.47
C GLU D 455 7.31 34.19 -8.62
N PRO D 456 7.66 34.54 -7.36
CA PRO D 456 8.50 33.62 -6.59
C PRO D 456 7.83 32.28 -6.37
N LEU D 457 6.51 32.25 -6.39
CA LEU D 457 5.77 30.99 -6.40
C LEU D 457 6.04 30.06 -7.61
N ASP D 458 6.70 30.57 -8.65
CA ASP D 458 7.03 29.81 -9.85
C ASP D 458 8.43 29.16 -9.83
N LEU D 459 9.22 29.40 -8.78
CA LEU D 459 10.59 28.93 -8.75
C LEU D 459 10.75 27.41 -8.94
N PRO D 460 9.80 26.60 -8.42
CA PRO D 460 9.95 25.16 -8.63
C PRO D 460 9.95 24.75 -10.11
N GLN D 461 9.14 25.43 -10.92
CA GLN D 461 9.06 25.14 -12.36
C GLN D 461 10.29 25.71 -13.02
N ILE D 462 10.57 26.97 -12.70
CA ILE D 462 11.74 27.66 -13.22
C ILE D 462 12.98 26.81 -13.00
N ILE D 463 13.08 26.18 -11.83
CA ILE D 463 14.21 25.35 -11.46
C ILE D 463 14.22 23.98 -12.13
N GLU D 464 13.07 23.30 -12.19
CA GLU D 464 13.04 22.05 -12.94
C GLU D 464 13.63 22.28 -14.33
N ARG D 465 13.09 23.28 -15.04
CA ARG D 465 13.54 23.64 -16.40
C ARG D 465 15.02 24.02 -16.55
N LEU D 466 15.58 24.80 -15.63
CA LEU D 466 16.93 25.39 -15.80
C LEU D 466 18.07 24.48 -15.32
N HIS D 467 17.71 23.55 -14.42
CA HIS D 467 18.64 22.63 -13.75
C HIS D 467 18.17 21.17 -13.70
N GLY D 468 16.88 20.89 -13.91
CA GLY D 468 16.37 19.52 -13.81
C GLY D 468 15.85 19.20 -12.42
N LEU D 469 15.01 18.15 -12.34
CA LEU D 469 14.47 17.69 -11.06
C LEU D 469 15.55 17.37 -10.04
N SER D 470 16.74 17.00 -10.51
CA SER D 470 17.86 16.73 -9.63
C SER D 470 18.09 17.88 -8.66
N ALA D 471 17.86 19.12 -9.10
CA ALA D 471 18.10 20.30 -8.25
C ALA D 471 17.38 20.28 -6.89
N PHE D 472 16.35 19.46 -6.74
CA PHE D 472 15.56 19.41 -5.51
C PHE D 472 15.97 18.28 -4.57
N SER D 473 16.95 17.47 -4.99
CA SER D 473 17.31 16.28 -4.21
C SER D 473 18.81 15.92 -4.21
N LEU D 474 19.70 16.90 -4.48
CA LEU D 474 21.16 16.72 -4.37
C LEU D 474 21.55 16.63 -2.89
N HIS D 475 22.64 15.90 -2.60
CA HIS D 475 22.88 15.48 -1.20
C HIS D 475 24.31 15.23 -0.70
N SER D 476 25.26 14.84 -1.54
CA SER D 476 26.59 14.57 -0.97
C SER D 476 27.57 15.56 -1.54
N TYR D 477 27.45 16.79 -1.05
CA TYR D 477 28.22 17.90 -1.58
C TYR D 477 29.66 17.70 -1.20
N SER D 478 30.58 18.26 -1.98
CA SER D 478 32.00 18.00 -1.79
C SER D 478 32.53 18.60 -0.47
N PRO D 479 33.61 18.02 0.09
CA PRO D 479 34.24 18.58 1.30
C PRO D 479 34.63 20.06 1.23
N GLY D 480 35.21 20.49 0.11
CA GLY D 480 35.67 21.87 -0.06
C GLY D 480 34.53 22.88 -0.06
N GLU D 481 33.45 22.53 -0.75
CA GLU D 481 32.20 23.33 -0.82
C GLU D 481 31.53 23.46 0.54
N ILE D 482 31.46 22.36 1.26
CA ILE D 482 30.90 22.37 2.62
C ILE D 482 31.78 23.24 3.52
N ASN D 483 33.11 23.12 3.42
CA ASN D 483 34.01 23.97 4.21
C ASN D 483 33.85 25.45 3.87
N ARG D 484 33.66 25.74 2.59
CA ARG D 484 33.53 27.13 2.14
C ARG D 484 32.24 27.78 2.63
N VAL D 485 31.13 27.07 2.48
CA VAL D 485 29.81 27.57 2.93
C VAL D 485 29.87 27.77 4.43
N ALA D 486 30.47 26.80 5.13
CA ALA D 486 30.50 26.79 6.59
C ALA D 486 31.37 27.91 7.17
N SER D 487 32.59 28.06 6.66
CA SER D 487 33.50 29.17 7.03
C SER D 487 32.93 30.57 6.72
N CYS D 488 32.30 30.71 5.56
CA CYS D 488 31.59 31.93 5.27
C CYS D 488 30.54 32.28 6.36
N LEU D 489 29.87 31.26 6.90
CA LEU D 489 28.86 31.51 7.91
C LEU D 489 29.45 31.99 9.25
N ARG D 490 30.57 31.38 9.68
CA ARG D 490 31.20 31.81 10.93
C ARG D 490 31.70 33.24 10.76
N LYS D 491 32.48 33.45 9.71
CA LYS D 491 32.98 34.78 9.33
C LYS D 491 31.89 35.86 9.32
N LEU D 492 30.78 35.57 8.66
CA LEU D 492 29.67 36.53 8.52
C LEU D 492 28.71 36.57 9.71
N GLY D 493 28.79 35.54 10.56
CA GLY D 493 27.90 35.43 11.72
C GLY D 493 26.51 34.98 11.35
N VAL D 494 26.40 34.19 10.30
CA VAL D 494 25.12 33.61 9.92
C VAL D 494 25.02 32.29 10.68
N PRO D 495 23.82 31.95 11.20
CA PRO D 495 23.53 30.69 11.86
C PRO D 495 24.00 29.47 11.08
N PRO D 496 24.47 28.45 11.77
CA PRO D 496 24.96 27.29 10.99
C PRO D 496 23.85 26.49 10.29
N LEU D 497 24.24 25.74 9.27
CA LEU D 497 23.31 24.99 8.45
C LEU D 497 22.29 24.13 9.24
N ARG D 498 22.66 23.58 10.39
CA ARG D 498 21.66 22.82 11.14
C ARG D 498 20.48 23.68 11.61
N VAL D 499 20.71 24.97 11.89
CA VAL D 499 19.62 25.87 12.26
C VAL D 499 18.72 26.13 11.08
N TRP D 500 19.31 26.18 9.90
CA TRP D 500 18.53 26.43 8.71
C TRP D 500 17.63 25.26 8.39
N ARG D 501 18.07 24.07 8.74
CA ARG D 501 17.28 22.85 8.57
C ARG D 501 16.00 22.92 9.37
N HIS D 502 16.09 23.44 10.58
CA HIS D 502 14.94 23.53 11.47
C HIS D 502 14.04 24.68 11.03
N ARG D 503 14.63 25.86 10.80
CA ARG D 503 13.84 26.98 10.31
C ARG D 503 13.12 26.61 9.02
N ALA D 504 13.75 25.79 8.18
CA ALA D 504 13.14 25.36 6.89
C ALA D 504 11.99 24.38 7.06
N ARG D 505 12.08 23.53 8.08
CA ARG D 505 10.99 22.63 8.39
C ARG D 505 9.67 23.35 8.80
N SER D 506 9.76 24.55 9.36
CA SER D 506 8.58 25.33 9.71
C SER D 506 8.06 26.02 8.43
N VAL D 507 8.95 26.73 7.73
CA VAL D 507 8.58 27.34 6.47
C VAL D 507 7.87 26.32 5.56
N ARG D 508 8.44 25.12 5.44
CA ARG D 508 7.86 24.04 4.64
C ARG D 508 6.42 23.74 5.05
N ALA D 509 6.22 23.47 6.34
CA ALA D 509 4.90 23.06 6.82
C ALA D 509 3.88 24.18 6.65
N ARG D 510 4.25 25.43 6.98
CA ARG D 510 3.34 26.57 6.75
C ARG D 510 2.91 26.59 5.29
N LEU D 511 3.86 26.39 4.36
CA LEU D 511 3.55 26.43 2.91
C LEU D 511 2.63 25.30 2.47
N LEU D 512 2.95 24.06 2.85
CA LEU D 512 2.07 22.92 2.52
C LEU D 512 0.62 23.19 2.90
N SER D 513 0.43 23.87 4.03
CA SER D 513 -0.91 24.21 4.53
C SER D 513 -1.76 25.13 3.59
N GLN D 514 -1.10 25.98 2.81
CA GLN D 514 -1.82 26.83 1.84
C GLN D 514 -2.24 26.10 0.57
N GLY D 515 -1.71 24.90 0.32
CA GLY D 515 -2.11 24.16 -0.86
C GLY D 515 -1.77 24.93 -2.13
N GLY D 516 -2.12 24.36 -3.28
CA GLY D 516 -1.86 25.00 -4.56
C GLY D 516 -0.37 25.27 -4.79
N ARG D 517 -0.05 26.50 -5.19
CA ARG D 517 1.34 26.86 -5.56
C ARG D 517 2.31 26.99 -4.38
N ALA D 518 1.83 27.42 -3.21
CA ALA D 518 2.67 27.47 -2.01
C ALA D 518 3.01 26.07 -1.56
N ALA D 519 2.06 25.17 -1.66
CA ALA D 519 2.34 23.79 -1.37
C ALA D 519 3.48 23.30 -2.25
N THR D 520 3.45 23.64 -3.54
CA THR D 520 4.36 23.01 -4.48
C THR D 520 5.77 23.49 -4.21
N CYS D 521 5.91 24.77 -3.90
CA CYS D 521 7.16 25.29 -3.33
C CYS D 521 7.64 24.48 -2.13
N GLY D 522 6.74 24.24 -1.19
CA GLY D 522 7.13 23.53 0.02
C GLY D 522 7.62 22.13 -0.26
N LYS D 523 6.85 21.39 -1.05
CA LYS D 523 7.20 20.02 -1.42
C LYS D 523 8.57 19.96 -2.06
N TYR D 524 8.75 20.77 -3.12
CA TYR D 524 9.93 20.71 -3.96
C TYR D 524 11.14 21.48 -3.42
N LEU D 525 10.96 22.75 -3.08
CA LEU D 525 12.10 23.56 -2.66
C LEU D 525 12.73 23.03 -1.38
N PHE D 526 11.92 22.37 -0.53
CA PHE D 526 12.32 22.00 0.83
C PHE D 526 12.29 20.49 1.18
N ASN D 527 12.14 19.62 0.17
CA ASN D 527 12.29 18.17 0.35
C ASN D 527 13.65 17.78 0.97
N TRP D 528 14.69 18.57 0.78
CA TRP D 528 15.98 18.30 1.46
C TRP D 528 15.86 18.29 3.00
N ALA D 529 14.94 19.08 3.53
CA ALA D 529 14.83 19.29 4.98
C ALA D 529 14.05 18.22 5.74
N VAL D 530 13.13 17.52 5.08
CA VAL D 530 12.03 16.81 5.77
C VAL D 530 12.45 15.61 6.61
N LYS D 531 13.41 14.82 6.12
CA LYS D 531 13.79 13.53 6.73
C LYS D 531 13.11 12.35 6.03
N THR D 532 11.82 12.13 6.26
CA THR D 532 11.09 11.20 5.37
C THR D 532 10.63 11.97 4.11
N LYS D 533 11.25 11.63 2.98
CA LYS D 533 11.15 12.41 1.76
C LYS D 533 9.89 12.06 0.97
N LEU D 534 9.32 13.08 0.32
CA LEU D 534 8.34 12.89 -0.72
C LEU D 534 9.05 12.47 -2.04
N LYS D 535 8.28 11.84 -2.93
CA LYS D 535 8.75 11.41 -4.24
C LYS D 535 8.45 12.55 -5.22
N LEU D 536 9.51 13.17 -5.73
CA LEU D 536 9.35 14.36 -6.57
C LEU D 536 9.28 13.94 -8.02
N THR D 537 8.32 14.49 -8.74
CA THR D 537 8.03 14.05 -10.09
C THR D 537 7.98 15.28 -10.95
N PRO D 538 7.93 15.11 -12.28
CA PRO D 538 7.76 16.27 -13.14
C PRO D 538 6.54 17.14 -12.78
N ILE D 539 6.71 18.44 -12.89
CA ILE D 539 5.69 19.42 -12.56
C ILE D 539 4.97 19.86 -13.83
N SER D 548 10.18 31.43 -21.29
CA SER D 548 11.65 31.34 -21.22
C SER D 548 12.43 31.61 -22.57
N GLY D 549 13.09 32.78 -22.63
CA GLY D 549 14.14 33.13 -23.62
C GLY D 549 15.21 33.89 -22.84
N TRP D 550 15.69 33.27 -21.76
CA TRP D 550 16.37 33.96 -20.67
C TRP D 550 17.90 34.04 -20.76
N PHE D 551 18.50 32.93 -21.20
CA PHE D 551 19.93 32.82 -21.20
C PHE D 551 20.37 32.79 -22.65
N VAL D 552 20.06 33.88 -23.34
CA VAL D 552 20.32 34.00 -24.78
C VAL D 552 21.40 35.02 -25.07
N ALA D 553 21.33 36.18 -24.42
CA ALA D 553 22.30 37.24 -24.63
C ALA D 553 22.57 38.08 -23.42
N GLY D 554 23.70 38.77 -23.44
CA GLY D 554 24.10 39.66 -22.34
C GLY D 554 23.70 41.08 -22.67
N TYR D 555 23.22 41.82 -21.66
CA TYR D 555 22.87 43.22 -21.80
C TYR D 555 23.16 43.97 -20.51
N SER D 556 24.13 43.57 -19.71
CA SER D 556 24.34 44.36 -18.49
C SER D 556 24.75 45.76 -18.94
N GLY D 557 24.14 46.76 -18.34
CA GLY D 557 24.40 48.16 -18.68
C GLY D 557 23.50 48.63 -19.79
N GLY D 558 22.80 47.67 -20.41
CA GLY D 558 22.09 47.92 -21.65
C GLY D 558 20.70 48.53 -21.54
N ASP D 559 20.18 48.76 -20.32
CA ASP D 559 18.83 49.35 -20.12
C ASP D 559 17.75 48.44 -20.74
N ILE D 560 17.71 47.16 -20.35
CA ILE D 560 16.79 46.17 -20.96
C ILE D 560 15.82 45.50 -19.98
N TYR D 561 14.53 45.50 -20.34
CA TYR D 561 13.44 44.91 -19.55
C TYR D 561 12.75 43.88 -20.39
N HIS D 562 12.11 42.88 -19.78
CA HIS D 562 11.25 41.92 -20.53
C HIS D 562 10.01 41.55 -19.76
C01 3AQ E . -0.49 -52.61 1.52
C02 3AQ E . -0.03 -50.07 2.64
C03 3AQ E . 0.96 -50.74 1.95
C04 3AQ E . -1.50 -51.95 2.23
C05 3AQ E . 1.94 -52.60 0.66
C06 3AQ E . 1.60 -53.59 -0.39
O 3AQ E . -2.24 -49.98 3.51
N 3AQ E . 1.26 -54.39 -1.12
C07 3AQ E . -1.27 -50.68 2.80
C 3AQ E . 0.75 -51.99 1.37
C01 3AQ F . 8.66 8.67 26.82
C02 3AQ F . 8.11 9.88 29.27
C03 3AQ F . 8.54 10.66 28.19
C04 3AQ F . 8.23 7.91 27.89
C05 3AQ F . 9.28 10.83 25.76
C06 3AQ F . 9.33 12.33 25.90
O 3AQ F . 7.54 7.77 30.17
N 3AQ F . 9.52 13.51 25.77
C07 3AQ F . 7.97 8.52 29.11
C 3AQ F . 8.82 10.06 26.96
C01 3AQ G . -33.64 -2.74 -11.84
C02 3AQ G . -35.04 -0.35 -11.97
C03 3AQ G . -35.57 -1.52 -12.49
C04 3AQ G . -33.11 -1.58 -11.31
C05 3AQ G . -35.44 -3.99 -13.02
C06 3AQ G . -35.42 -5.15 -12.07
O 3AQ G . -33.20 0.71 -10.85
N 3AQ G . -35.48 -6.10 -11.41
C07 3AQ G . -33.80 -0.39 -11.37
C 3AQ G . -34.89 -2.73 -12.44
C01 3AQ H . 27.14 35.73 -14.10
C02 3AQ H . 26.44 36.25 -11.48
C03 3AQ H . 26.02 35.09 -12.08
C04 3AQ H . 27.56 36.89 -13.50
C05 3AQ H . 25.89 33.53 -14.00
C06 3AQ H . 26.84 32.61 -14.66
O 3AQ H . 27.63 38.33 -11.57
N 3AQ H . 27.45 31.77 -15.23
C07 3AQ H . 27.22 37.16 -12.19
C 3AQ H . 26.38 34.80 -13.39
#